data_2OSN
# 
_entry.id   2OSN 
# 
_audit_conform.dict_name       mmcif_pdbx.dic 
_audit_conform.dict_version    5.398 
_audit_conform.dict_location   http://mmcif.pdb.org/dictionaries/ascii/mmcif_pdbx.dic 
# 
loop_
_database_2.database_id 
_database_2.database_code 
_database_2.pdbx_database_accession 
_database_2.pdbx_DOI 
PDB   2OSN         pdb_00002osn 10.2210/pdb2osn/pdb 
RCSB  RCSB041536   ?            ?                   
WWPDB D_1000041536 ?            ?                   
# 
loop_
_pdbx_audit_revision_history.ordinal 
_pdbx_audit_revision_history.data_content_type 
_pdbx_audit_revision_history.major_revision 
_pdbx_audit_revision_history.minor_revision 
_pdbx_audit_revision_history.revision_date 
1 'Structure model' 1 0 2007-03-06 
2 'Structure model' 1 1 2008-05-01 
3 'Structure model' 1 2 2011-07-13 
4 'Structure model' 1 3 2017-11-22 
5 'Structure model' 1 4 2023-08-30 
6 'Structure model' 1 5 2024-11-06 
# 
_pdbx_audit_revision_details.ordinal             1 
_pdbx_audit_revision_details.revision_ordinal    1 
_pdbx_audit_revision_details.data_content_type   'Structure model' 
_pdbx_audit_revision_details.provider            repository 
_pdbx_audit_revision_details.type                'Initial release' 
_pdbx_audit_revision_details.description         ? 
_pdbx_audit_revision_details.details             ? 
# 
loop_
_pdbx_audit_revision_group.ordinal 
_pdbx_audit_revision_group.revision_ordinal 
_pdbx_audit_revision_group.data_content_type 
_pdbx_audit_revision_group.group 
1 2 'Structure model' 'Version format compliance' 
2 3 'Structure model' 'Version format compliance' 
3 4 'Structure model' 'Database references'       
4 5 'Structure model' 'Data collection'           
5 5 'Structure model' 'Database references'       
6 5 'Structure model' 'Derived calculations'      
7 5 'Structure model' 'Refinement description'    
8 6 'Structure model' 'Structure summary'         
# 
loop_
_pdbx_audit_revision_category.ordinal 
_pdbx_audit_revision_category.revision_ordinal 
_pdbx_audit_revision_category.data_content_type 
_pdbx_audit_revision_category.category 
1 4 'Structure model' pdbx_database_related         
2 5 'Structure model' chem_comp_atom                
3 5 'Structure model' chem_comp_bond                
4 5 'Structure model' database_2                    
5 5 'Structure model' pdbx_initial_refinement_model 
6 5 'Structure model' struct_site                   
7 6 'Structure model' pdbx_entry_details            
8 6 'Structure model' pdbx_modification_feature     
# 
loop_
_pdbx_audit_revision_item.ordinal 
_pdbx_audit_revision_item.revision_ordinal 
_pdbx_audit_revision_item.data_content_type 
_pdbx_audit_revision_item.item 
1 5 'Structure model' '_database_2.pdbx_DOI'                
2 5 'Structure model' '_database_2.pdbx_database_accession' 
3 5 'Structure model' '_struct_site.pdbx_auth_asym_id'      
4 5 'Structure model' '_struct_site.pdbx_auth_comp_id'      
5 5 'Structure model' '_struct_site.pdbx_auth_seq_id'       
# 
_pdbx_database_status.entry_id                        2OSN 
_pdbx_database_status.deposit_site                    RCSB 
_pdbx_database_status.process_site                    RCSB 
_pdbx_database_status.recvd_initial_deposition_date   2007-02-06 
_pdbx_database_status.status_code                     REL 
_pdbx_database_status.status_code_sf                  REL 
_pdbx_database_status.status_code_mr                  ? 
_pdbx_database_status.SG_entry                        ? 
_pdbx_database_status.pdb_format_compatible           Y 
_pdbx_database_status.status_code_cs                  ? 
_pdbx_database_status.methods_development_category    ? 
_pdbx_database_status.status_code_nmr_data            ? 
# 
loop_
_pdbx_database_related.db_name 
_pdbx_database_related.db_id 
_pdbx_database_related.details 
_pdbx_database_related.content_type 
PDB 1G2X 
;The same protein and data set, but interpreted with a different space group symmetry. THIS ENTRY 2OSN REFLECTS AN ALTERNATIVE MODELING OF X-RAY DATA R1G2XSF
;
unspecified 
PDB 1U4J 'Another isoform of the enzyme, but also likely in space group R32 rather than the reported R3.' unspecified 
PDB 1FE5 'A third isoform, originally reported in space group R32, and isomorphous to the crystals of the other isoforms.' 
unspecified 
# 
loop_
_audit_author.name 
_audit_author.pdbx_ordinal 
'Stenkamp, R.E.' 1 
'Le Trong, I.'   2 
# 
loop_
_citation.id 
_citation.title 
_citation.journal_abbrev 
_citation.journal_volume 
_citation.page_first 
_citation.page_last 
_citation.year 
_citation.journal_id_ASTM 
_citation.country 
_citation.journal_id_ISSN 
_citation.journal_id_CSD 
_citation.book_publisher 
_citation.pdbx_database_id_PubMed 
_citation.pdbx_database_id_DOI 
primary 'An alternate description of two crystal structures of phospholipase A(2) from Bungarus caeruleus.' 
'Acta Crystallogr.,Sect.D' 63 548 549 2007 ABCRE6 DK 0907-4449 0766 ? 17372360 10.1107/S0907444907007354 
1       
;Sequence-induced trimerization of phospholipase A2: Structure of a trimeric isoform of PLA2 from common krait (Bungarus caeruleus) at 2.5 Angstrom resolution
;
'Acta Crystallogr.,Sect.F' 61 8   13  2005 ?      DK 1744-3091 ?    ? 16508078 ?                         
# 
loop_
_citation_author.citation_id 
_citation_author.name 
_citation_author.ordinal 
_citation_author.identifier_ORCID 
primary 'Le Trong, I.'   1  ? 
primary 'Stenkamp, R.E.' 2  ? 
1       'Singh, G.'      3  ? 
1       'Gourinath, S.'  4  ? 
1       'Saravanan, K.'  5  ? 
1       'Sharma, S.'     6  ? 
1       'Bhanumathi, S.' 7  ? 
1       'Betzel, C.'     8  ? 
1       'Srinivasan, A.' 9  ? 
1       'Singh, T.P.'    10 ? 
# 
loop_
_entity.id 
_entity.type 
_entity.src_method 
_entity.pdbx_description 
_entity.formula_weight 
_entity.pdbx_number_of_molecules 
_entity.pdbx_ec 
_entity.pdbx_mutation 
_entity.pdbx_fragment 
_entity.details 
1 polymer     nat 'Phospholipase A2 isoform 3' 12984.620 1  3.1.1.4 ? ? ? 
2 non-polymer syn 'CHLORIDE ION'               35.453    3  ?       ? ? ? 
3 water       nat water                        18.015    32 ?       ? ? ? 
# 
_entity_poly.entity_id                      1 
_entity_poly.type                           'polypeptide(L)' 
_entity_poly.nstd_linkage                   no 
_entity_poly.nstd_monomer                   no 
_entity_poly.pdbx_seq_one_letter_code       
;NLQQFKNMIQCAGTRTWTAYINYGCYCGKGGSGTPVDKLDRCCYTHDHCYNQADSIPGCNPNIKTYSYTCTQPNITCTRT
ADACAKFLCDCDRTAAICFASAPYNINNIMISASNSCQ
;
_entity_poly.pdbx_seq_one_letter_code_can   
;NLQQFKNMIQCAGTRTWTAYINYGCYCGKGGSGTPVDKLDRCCYTHDHCYNQADSIPGCNPNIKTYSYTCTQPNITCTRT
ADACAKFLCDCDRTAAICFASAPYNINNIMISASNSCQ
;
_entity_poly.pdbx_strand_id                 A 
_entity_poly.pdbx_target_identifier         ? 
# 
loop_
_pdbx_entity_nonpoly.entity_id 
_pdbx_entity_nonpoly.name 
_pdbx_entity_nonpoly.comp_id 
2 'CHLORIDE ION' CL  
3 water          HOH 
# 
loop_
_entity_poly_seq.entity_id 
_entity_poly_seq.num 
_entity_poly_seq.mon_id 
_entity_poly_seq.hetero 
1 1   ASN n 
1 2   LEU n 
1 3   GLN n 
1 4   GLN n 
1 5   PHE n 
1 6   LYS n 
1 7   ASN n 
1 8   MET n 
1 9   ILE n 
1 10  GLN n 
1 11  CYS n 
1 12  ALA n 
1 13  GLY n 
1 14  THR n 
1 15  ARG n 
1 16  THR n 
1 17  TRP n 
1 18  THR n 
1 19  ALA n 
1 20  TYR n 
1 21  ILE n 
1 22  ASN n 
1 23  TYR n 
1 24  GLY n 
1 25  CYS n 
1 26  TYR n 
1 27  CYS n 
1 28  GLY n 
1 29  LYS n 
1 30  GLY n 
1 31  GLY n 
1 32  SER n 
1 33  GLY n 
1 34  THR n 
1 35  PRO n 
1 36  VAL n 
1 37  ASP n 
1 38  LYS n 
1 39  LEU n 
1 40  ASP n 
1 41  ARG n 
1 42  CYS n 
1 43  CYS n 
1 44  TYR n 
1 45  THR n 
1 46  HIS n 
1 47  ASP n 
1 48  HIS n 
1 49  CYS n 
1 50  TYR n 
1 51  ASN n 
1 52  GLN n 
1 53  ALA n 
1 54  ASP n 
1 55  SER n 
1 56  ILE n 
1 57  PRO n 
1 58  GLY n 
1 59  CYS n 
1 60  ASN n 
1 61  PRO n 
1 62  ASN n 
1 63  ILE n 
1 64  LYS n 
1 65  THR n 
1 66  TYR n 
1 67  SER n 
1 68  TYR n 
1 69  THR n 
1 70  CYS n 
1 71  THR n 
1 72  GLN n 
1 73  PRO n 
1 74  ASN n 
1 75  ILE n 
1 76  THR n 
1 77  CYS n 
1 78  THR n 
1 79  ARG n 
1 80  THR n 
1 81  ALA n 
1 82  ASP n 
1 83  ALA n 
1 84  CYS n 
1 85  ALA n 
1 86  LYS n 
1 87  PHE n 
1 88  LEU n 
1 89  CYS n 
1 90  ASP n 
1 91  CYS n 
1 92  ASP n 
1 93  ARG n 
1 94  THR n 
1 95  ALA n 
1 96  ALA n 
1 97  ILE n 
1 98  CYS n 
1 99  PHE n 
1 100 ALA n 
1 101 SER n 
1 102 ALA n 
1 103 PRO n 
1 104 TYR n 
1 105 ASN n 
1 106 ILE n 
1 107 ASN n 
1 108 ASN n 
1 109 ILE n 
1 110 MET n 
1 111 ILE n 
1 112 SER n 
1 113 ALA n 
1 114 SER n 
1 115 ASN n 
1 116 SER n 
1 117 CYS n 
1 118 GLN n 
# 
_entity_src_nat.entity_id                  1 
_entity_src_nat.pdbx_src_id                1 
_entity_src_nat.pdbx_alt_source_flag       sample 
_entity_src_nat.pdbx_beg_seq_num           ? 
_entity_src_nat.pdbx_end_seq_num           ? 
_entity_src_nat.common_name                ? 
_entity_src_nat.pdbx_organism_scientific   'Bungarus caeruleus' 
_entity_src_nat.pdbx_ncbi_taxonomy_id      132961 
_entity_src_nat.genus                      Bungarus 
_entity_src_nat.species                    ? 
_entity_src_nat.strain                     ? 
_entity_src_nat.tissue                     ? 
_entity_src_nat.tissue_fraction            ? 
_entity_src_nat.pdbx_secretion             venom 
_entity_src_nat.pdbx_fragment              ? 
_entity_src_nat.pdbx_variant               ? 
_entity_src_nat.pdbx_cell_line             ? 
_entity_src_nat.pdbx_atcc                  ? 
_entity_src_nat.pdbx_cellular_location     ? 
_entity_src_nat.pdbx_organ                 ? 
_entity_src_nat.pdbx_organelle             ? 
_entity_src_nat.pdbx_cell                  ? 
_entity_src_nat.pdbx_plasmid_name          ? 
_entity_src_nat.pdbx_plasmid_details       ? 
_entity_src_nat.details                    ? 
# 
loop_
_chem_comp.id 
_chem_comp.type 
_chem_comp.mon_nstd_flag 
_chem_comp.name 
_chem_comp.pdbx_synonyms 
_chem_comp.formula 
_chem_comp.formula_weight 
ALA 'L-peptide linking' y ALANINE         ? 'C3 H7 N O2'     89.093  
ARG 'L-peptide linking' y ARGININE        ? 'C6 H15 N4 O2 1' 175.209 
ASN 'L-peptide linking' y ASPARAGINE      ? 'C4 H8 N2 O3'    132.118 
ASP 'L-peptide linking' y 'ASPARTIC ACID' ? 'C4 H7 N O4'     133.103 
CL  non-polymer         . 'CHLORIDE ION'  ? 'Cl -1'          35.453  
CYS 'L-peptide linking' y CYSTEINE        ? 'C3 H7 N O2 S'   121.158 
GLN 'L-peptide linking' y GLUTAMINE       ? 'C5 H10 N2 O3'   146.144 
GLY 'peptide linking'   y GLYCINE         ? 'C2 H5 N O2'     75.067  
HIS 'L-peptide linking' y HISTIDINE       ? 'C6 H10 N3 O2 1' 156.162 
HOH non-polymer         . WATER           ? 'H2 O'           18.015  
ILE 'L-peptide linking' y ISOLEUCINE      ? 'C6 H13 N O2'    131.173 
LEU 'L-peptide linking' y LEUCINE         ? 'C6 H13 N O2'    131.173 
LYS 'L-peptide linking' y LYSINE          ? 'C6 H15 N2 O2 1' 147.195 
MET 'L-peptide linking' y METHIONINE      ? 'C5 H11 N O2 S'  149.211 
PHE 'L-peptide linking' y PHENYLALANINE   ? 'C9 H11 N O2'    165.189 
PRO 'L-peptide linking' y PROLINE         ? 'C5 H9 N O2'     115.130 
SER 'L-peptide linking' y SERINE          ? 'C3 H7 N O3'     105.093 
THR 'L-peptide linking' y THREONINE       ? 'C4 H9 N O3'     119.119 
TRP 'L-peptide linking' y TRYPTOPHAN      ? 'C11 H12 N2 O2'  204.225 
TYR 'L-peptide linking' y TYROSINE        ? 'C9 H11 N O3'    181.189 
VAL 'L-peptide linking' y VALINE          ? 'C5 H11 N O2'    117.146 
# 
loop_
_pdbx_poly_seq_scheme.asym_id 
_pdbx_poly_seq_scheme.entity_id 
_pdbx_poly_seq_scheme.seq_id 
_pdbx_poly_seq_scheme.mon_id 
_pdbx_poly_seq_scheme.ndb_seq_num 
_pdbx_poly_seq_scheme.pdb_seq_num 
_pdbx_poly_seq_scheme.auth_seq_num 
_pdbx_poly_seq_scheme.pdb_mon_id 
_pdbx_poly_seq_scheme.auth_mon_id 
_pdbx_poly_seq_scheme.pdb_strand_id 
_pdbx_poly_seq_scheme.pdb_ins_code 
_pdbx_poly_seq_scheme.hetero 
A 1 1   ASN 1   3   3   ASN ASN A . n 
A 1 2   LEU 2   4   4   LEU LEU A . n 
A 1 3   GLN 3   5   5   GLN GLN A . n 
A 1 4   GLN 4   6   6   GLN GLN A . n 
A 1 5   PHE 5   7   7   PHE PHE A . n 
A 1 6   LYS 6   8   8   LYS LYS A . n 
A 1 7   ASN 7   9   9   ASN ASN A . n 
A 1 8   MET 8   10  10  MET MET A . n 
A 1 9   ILE 9   11  11  ILE ILE A . n 
A 1 10  GLN 10  12  12  GLN GLN A . n 
A 1 11  CYS 11  13  13  CYS CYS A . n 
A 1 12  ALA 12  14  14  ALA ALA A . n 
A 1 13  GLY 13  15  15  GLY GLY A . n 
A 1 14  THR 14  16  16  THR THR A . n 
A 1 15  ARG 15  17  17  ARG ARG A . n 
A 1 16  THR 16  18  18  THR THR A . n 
A 1 17  TRP 17  19  19  TRP TRP A . n 
A 1 18  THR 18  20  20  THR THR A . n 
A 1 19  ALA 19  21  21  ALA ALA A . n 
A 1 20  TYR 20  22  22  TYR TYR A . n 
A 1 21  ILE 21  23  23  ILE ILE A . n 
A 1 22  ASN 22  24  24  ASN ASN A . n 
A 1 23  TYR 23  25  25  TYR TYR A . n 
A 1 24  GLY 24  26  26  GLY GLY A . n 
A 1 25  CYS 25  27  27  CYS CYS A . n 
A 1 26  TYR 26  28  28  TYR TYR A . n 
A 1 27  CYS 27  29  29  CYS CYS A . n 
A 1 28  GLY 28  30  30  GLY GLY A . n 
A 1 29  LYS 29  31  31  LYS LYS A . n 
A 1 30  GLY 30  32  32  GLY GLY A . n 
A 1 31  GLY 31  33  33  GLY GLY A . n 
A 1 32  SER 32  34  34  SER SER A . n 
A 1 33  GLY 33  35  35  GLY GLY A . n 
A 1 34  THR 34  36  36  THR THR A . n 
A 1 35  PRO 35  37  37  PRO PRO A . n 
A 1 36  VAL 36  38  38  VAL VAL A . n 
A 1 37  ASP 37  39  39  ASP ASP A . n 
A 1 38  LYS 38  40  40  LYS LYS A . n 
A 1 39  LEU 39  41  41  LEU LEU A . n 
A 1 40  ASP 40  42  42  ASP ASP A . n 
A 1 41  ARG 41  43  43  ARG ARG A . n 
A 1 42  CYS 42  44  44  CYS CYS A . n 
A 1 43  CYS 43  45  45  CYS CYS A . n 
A 1 44  TYR 44  46  46  TYR TYR A . n 
A 1 45  THR 45  47  47  THR THR A . n 
A 1 46  HIS 46  48  48  HIS HIS A . n 
A 1 47  ASP 47  49  49  ASP ASP A . n 
A 1 48  HIS 48  50  50  HIS HIS A . n 
A 1 49  CYS 49  51  51  CYS CYS A . n 
A 1 50  TYR 50  52  52  TYR TYR A . n 
A 1 51  ASN 51  53  53  ASN ASN A . n 
A 1 52  GLN 52  54  54  GLN GLN A . n 
A 1 53  ALA 53  55  55  ALA ALA A . n 
A 1 54  ASP 54  56  56  ASP ASP A . n 
A 1 55  SER 55  57  57  SER SER A . n 
A 1 56  ILE 56  58  58  ILE ILE A . n 
A 1 57  PRO 57  59  59  PRO PRO A . n 
A 1 58  GLY 58  60  60  GLY GLY A . n 
A 1 59  CYS 59  61  61  CYS CYS A . n 
A 1 60  ASN 60  62  62  ASN ASN A . n 
A 1 61  PRO 61  63  63  PRO PRO A . n 
A 1 62  ASN 62  64  64  ASN ASN A . n 
A 1 63  ILE 63  65  65  ILE ILE A . n 
A 1 64  LYS 64  66  66  LYS LYS A . n 
A 1 65  THR 65  67  67  THR THR A . n 
A 1 66  TYR 66  68  68  TYR TYR A . n 
A 1 67  SER 67  69  69  SER SER A . n 
A 1 68  TYR 68  70  70  TYR TYR A . n 
A 1 69  THR 69  71  71  THR THR A . n 
A 1 70  CYS 70  72  72  CYS CYS A . n 
A 1 71  THR 71  73  73  THR THR A . n 
A 1 72  GLN 72  74  74  GLN GLN A . n 
A 1 73  PRO 73  75  75  PRO PRO A . n 
A 1 74  ASN 74  76  76  ASN ASN A . n 
A 1 75  ILE 75  77  77  ILE ILE A . n 
A 1 76  THR 76  78  78  THR THR A . n 
A 1 77  CYS 77  79  79  CYS CYS A . n 
A 1 78  THR 78  80  80  THR THR A . n 
A 1 79  ARG 79  81  81  ARG ARG A . n 
A 1 80  THR 80  82  82  THR THR A . n 
A 1 81  ALA 81  83  83  ALA ALA A . n 
A 1 82  ASP 82  84  84  ASP ASP A . n 
A 1 83  ALA 83  85  85  ALA ALA A . n 
A 1 84  CYS 84  86  86  CYS CYS A . n 
A 1 85  ALA 85  87  87  ALA ALA A . n 
A 1 86  LYS 86  88  88  LYS LYS A . n 
A 1 87  PHE 87  89  89  PHE PHE A . n 
A 1 88  LEU 88  90  90  LEU LEU A . n 
A 1 89  CYS 89  91  91  CYS CYS A . n 
A 1 90  ASP 90  92  92  ASP ASP A . n 
A 1 91  CYS 91  93  93  CYS CYS A . n 
A 1 92  ASP 92  94  94  ASP ASP A . n 
A 1 93  ARG 93  95  95  ARG ARG A . n 
A 1 94  THR 94  96  96  THR THR A . n 
A 1 95  ALA 95  97  97  ALA ALA A . n 
A 1 96  ALA 96  98  98  ALA ALA A . n 
A 1 97  ILE 97  99  99  ILE ILE A . n 
A 1 98  CYS 98  100 100 CYS CYS A . n 
A 1 99  PHE 99  101 101 PHE PHE A . n 
A 1 100 ALA 100 102 102 ALA ALA A . n 
A 1 101 SER 101 103 103 SER SER A . n 
A 1 102 ALA 102 104 104 ALA ALA A . n 
A 1 103 PRO 103 105 105 PRO PRO A . n 
A 1 104 TYR 104 106 106 TYR TYR A . n 
A 1 105 ASN 105 107 107 ASN ASN A . n 
A 1 106 ILE 106 108 108 ILE ILE A . n 
A 1 107 ASN 107 109 109 ASN ASN A . n 
A 1 108 ASN 108 110 110 ASN ASN A . n 
A 1 109 ILE 109 111 111 ILE ILE A . n 
A 1 110 MET 110 112 112 MET MET A . n 
A 1 111 ILE 111 113 113 ILE ILE A . n 
A 1 112 SER 112 114 114 SER SER A . n 
A 1 113 ALA 113 115 115 ALA ALA A . n 
A 1 114 SER 114 116 116 SER SER A . n 
A 1 115 ASN 115 117 117 ASN ASN A . n 
A 1 116 SER 116 118 118 SER SER A . n 
A 1 117 CYS 117 119 119 CYS CYS A . n 
A 1 118 GLN 118 120 120 GLN GLN A . n 
# 
loop_
_pdbx_nonpoly_scheme.asym_id 
_pdbx_nonpoly_scheme.entity_id 
_pdbx_nonpoly_scheme.mon_id 
_pdbx_nonpoly_scheme.ndb_seq_num 
_pdbx_nonpoly_scheme.pdb_seq_num 
_pdbx_nonpoly_scheme.auth_seq_num 
_pdbx_nonpoly_scheme.pdb_mon_id 
_pdbx_nonpoly_scheme.auth_mon_id 
_pdbx_nonpoly_scheme.pdb_strand_id 
_pdbx_nonpoly_scheme.pdb_ins_code 
B 2 CL  1  1   1  CL  CL  A . 
C 2 CL  1  2   2  CL  CL  A . 
D 2 CL  1  121 3  CL  CL  A . 
E 3 HOH 1  122 4  HOH HOH A . 
E 3 HOH 2  123 5  HOH HOH A . 
E 3 HOH 3  124 6  HOH HOH A . 
E 3 HOH 4  125 7  HOH HOH A . 
E 3 HOH 5  126 8  HOH HOH A . 
E 3 HOH 6  127 9  HOH HOH A . 
E 3 HOH 7  128 10 HOH HOH A . 
E 3 HOH 8  129 11 HOH HOH A . 
E 3 HOH 9  130 12 HOH HOH A . 
E 3 HOH 10 131 13 HOH HOH A . 
E 3 HOH 11 132 14 HOH HOH A . 
E 3 HOH 12 133 15 HOH HOH A . 
E 3 HOH 13 134 16 HOH HOH A . 
E 3 HOH 14 135 17 HOH HOH A . 
E 3 HOH 15 136 18 HOH HOH A . 
E 3 HOH 16 137 19 HOH HOH A . 
E 3 HOH 17 138 20 HOH HOH A . 
E 3 HOH 18 139 21 HOH HOH A . 
E 3 HOH 19 140 22 HOH HOH A . 
E 3 HOH 20 141 23 HOH HOH A . 
E 3 HOH 21 142 24 HOH HOH A . 
E 3 HOH 22 143 25 HOH HOH A . 
E 3 HOH 23 144 26 HOH HOH A . 
E 3 HOH 24 145 27 HOH HOH A . 
E 3 HOH 25 146 28 HOH HOH A . 
E 3 HOH 26 147 29 HOH HOH A . 
E 3 HOH 27 148 30 HOH HOH A . 
E 3 HOH 28 149 31 HOH HOH A . 
E 3 HOH 29 150 32 HOH HOH A . 
E 3 HOH 30 151 33 HOH HOH A . 
E 3 HOH 31 152 34 HOH HOH A . 
E 3 HOH 32 153 35 HOH HOH A . 
# 
loop_
_software.name 
_software.version 
_software.date 
_software.type 
_software.contact_author 
_software.contact_author_email 
_software.classification 
_software.location 
_software.language 
_software.citation_id 
_software.pdbx_ordinal 
REFMAC      5.2.0019 ?                program 'Murshudov, G.N.' ccp4@dl.ac.uk            refinement        
http://www.ccp4.ac.uk/main.html  Fortran_77 ? 1 
PDB_EXTRACT 2.000    'April. 3, 2006' package PDB               sw-help@rcsb.rutgers.edu 'data extraction' 
http://pdb.rutgers.edu/software/ C++        ? 2 
# 
_cell.length_a           57.104 
_cell.length_b           57.104 
_cell.length_c           57.104 
_cell.angle_alpha        89.750 
_cell.angle_beta         89.750 
_cell.angle_gamma        89.750 
_cell.entry_id           2OSN 
_cell.pdbx_unique_axis   ? 
_cell.Z_PDB              6 
_cell.length_a_esd       ? 
_cell.length_b_esd       ? 
_cell.length_c_esd       ? 
_cell.angle_alpha_esd    ? 
_cell.angle_beta_esd     ? 
_cell.angle_gamma_esd    ? 
# 
_symmetry.space_group_name_H-M             'R 3 2' 
_symmetry.entry_id                         2OSN 
_symmetry.pdbx_full_space_group_name_H-M   ? 
_symmetry.Int_Tables_number                155 
_symmetry.cell_setting                     ? 
_symmetry.space_group_name_Hall            ? 
# 
_exptl.crystals_number   1 
_exptl.entry_id          2OSN 
_exptl.method            'X-RAY DIFFRACTION' 
# 
_exptl_crystal.id                    1 
_exptl_crystal.density_Matthews      2.39 
_exptl_crystal.density_meas          ? 
_exptl_crystal.density_percent_sol   48.52 
_exptl_crystal.description           'AUTHOR USED THE SF DATA FROM ENTRY 1G2X.' 
_exptl_crystal.F_000                 ? 
_exptl_crystal.preparation           ? 
# 
_diffrn.id                     1 
_diffrn.ambient_temp           ? 
_diffrn.ambient_temp_details   ? 
_diffrn.crystal_id             1 
# 
_diffrn_radiation.diffrn_id                        1 
_diffrn_radiation.wavelength_id                    1 
_diffrn_radiation.pdbx_diffrn_protocol             'SINGLE WAVELENGTH' 
_diffrn_radiation.monochromator                    ? 
_diffrn_radiation.pdbx_monochromatic_or_laue_m_l   M 
_diffrn_radiation.pdbx_scattering_type             x-ray 
# 
_diffrn_radiation_wavelength.id           1 
_diffrn_radiation_wavelength.wavelength   . 
_diffrn_radiation_wavelength.wt           1.0 
# 
_refine.entry_id                                 2OSN 
_refine.ls_d_res_high                            2.500 
_refine.ls_d_res_low                             30.000 
_refine.pdbx_ls_sigma_F                          0.00 
_refine.ls_percent_reflns_obs                    99.640 
_refine.ls_number_reflns_obs                     4441 
_refine.pdbx_ls_cross_valid_method               THROUGHOUT 
_refine.pdbx_R_Free_selection_details            RANDOM 
_refine.details                                  
;HYDROGENS HAVE BEEN ADDED IN THE RIDING POSITIONS. This structure is a reinterpretation of the experimental data for entry 1G2X in space group R32. This entry and 1U4J are likely isomorphous with entry 1FE5. This entry focuses on 1G2X because structure factors were available for it.
;
_refine.ls_R_factor_obs                          0.216 
_refine.ls_R_factor_R_work                       0.213 
_refine.ls_R_factor_R_free                       0.288 
_refine.ls_percent_reflns_R_free                 4.600 
_refine.ls_number_reflns_R_free                  203 
_refine.B_iso_mean                               18.950 
_refine.aniso_B[1][1]                            0.000 
_refine.aniso_B[2][2]                            0.000 
_refine.aniso_B[3][3]                            0.000 
_refine.aniso_B[1][2]                            -0.100 
_refine.aniso_B[1][3]                            -0.100 
_refine.aniso_B[2][3]                            -0.100 
_refine.correlation_coeff_Fo_to_Fc               0.904 
_refine.correlation_coeff_Fo_to_Fc_free          0.803 
_refine.pdbx_overall_ESU_R                       0.732 
_refine.pdbx_overall_ESU_R_Free                  0.343 
_refine.overall_SU_ML                            0.217 
_refine.overall_SU_B                             9.488 
_refine.solvent_model_details                    MASK 
_refine.pdbx_solvent_vdw_probe_radii             1.400 
_refine.pdbx_solvent_ion_probe_radii             0.800 
_refine.pdbx_solvent_shrinkage_radii             0.800 
_refine.pdbx_stereochemistry_target_values       'MAXIMUM LIKELIHOOD' 
_refine.pdbx_ls_sigma_I                          ? 
_refine.ls_number_reflns_all                     4549 
_refine.ls_R_factor_all                          0.217 
_refine.ls_redundancy_reflns_obs                 ? 
_refine.pdbx_data_cutoff_high_absF               ? 
_refine.pdbx_data_cutoff_low_absF                ? 
_refine.ls_number_parameters                     ? 
_refine.ls_number_restraints                     ? 
_refine.ls_R_factor_R_free_error                 ? 
_refine.ls_R_factor_R_free_error_details         ? 
_refine.pdbx_method_to_determine_struct          'transformed from 1G2X' 
_refine.pdbx_starting_model                      'The A chain of PDB entry 1G2X.' 
_refine.pdbx_stereochem_target_val_spec_case     ? 
_refine.solvent_model_param_bsol                 ? 
_refine.solvent_model_param_ksol                 ? 
_refine.occupancy_max                            ? 
_refine.occupancy_min                            ? 
_refine.pdbx_isotropic_thermal_model             ? 
_refine.B_iso_min                                ? 
_refine.B_iso_max                                ? 
_refine.overall_SU_R_Cruickshank_DPI             ? 
_refine.overall_SU_R_free                        ? 
_refine.pdbx_data_cutoff_high_rms_absF           ? 
_refine.ls_wR_factor_R_free                      ? 
_refine.ls_wR_factor_R_work                      ? 
_refine.overall_FOM_free_R_set                   ? 
_refine.overall_FOM_work_R_set                   ? 
_refine.pdbx_refine_id                           'X-RAY DIFFRACTION' 
_refine.pdbx_diffrn_id                           1 
_refine.pdbx_TLS_residual_ADP_flag               ? 
_refine.pdbx_overall_phase_error                 ? 
_refine.pdbx_overall_SU_R_free_Cruickshank_DPI   ? 
_refine.pdbx_overall_SU_R_Blow_DPI               ? 
_refine.pdbx_overall_SU_R_free_Blow_DPI          ? 
# 
_refine_hist.pdbx_refine_id                   'X-RAY DIFFRACTION' 
_refine_hist.cycle_id                         LAST 
_refine_hist.pdbx_number_atoms_protein        897 
_refine_hist.pdbx_number_atoms_nucleic_acid   0 
_refine_hist.pdbx_number_atoms_ligand         3 
_refine_hist.number_atoms_solvent             32 
_refine_hist.number_atoms_total               932 
_refine_hist.d_res_high                       2.500 
_refine_hist.d_res_low                        30.000 
# 
loop_
_refine_ls_restr.type 
_refine_ls_restr.number 
_refine_ls_restr.dev_ideal 
_refine_ls_restr.dev_ideal_target 
_refine_ls_restr.weight 
_refine_ls_restr.pdbx_refine_id 
_refine_ls_restr.pdbx_restraint_function 
r_bond_refined_d         923  0.008  0.022  ? 'X-RAY DIFFRACTION' ? 
r_angle_refined_deg      1259 1.123  1.921  ? 'X-RAY DIFFRACTION' ? 
r_dihedral_angle_1_deg   117  5.571  5.000  ? 'X-RAY DIFFRACTION' ? 
r_dihedral_angle_2_deg   42   44.915 24.762 ? 'X-RAY DIFFRACTION' ? 
r_dihedral_angle_3_deg   140  17.374 15.000 ? 'X-RAY DIFFRACTION' ? 
r_dihedral_angle_4_deg   4    19.578 15.000 ? 'X-RAY DIFFRACTION' ? 
r_chiral_restr           136  0.069  0.200  ? 'X-RAY DIFFRACTION' ? 
r_gen_planes_refined     711  0.003  0.020  ? 'X-RAY DIFFRACTION' ? 
r_nbd_refined            392  0.195  0.200  ? 'X-RAY DIFFRACTION' ? 
r_nbtor_refined          630  0.295  0.200  ? 'X-RAY DIFFRACTION' ? 
r_xyhbond_nbd_refined    44   0.191  0.200  ? 'X-RAY DIFFRACTION' ? 
r_symmetry_vdw_refined   38   0.160  0.200  ? 'X-RAY DIFFRACTION' ? 
r_symmetry_hbond_refined 7    0.171  0.200  ? 'X-RAY DIFFRACTION' ? 
r_mcbond_it              608  0.379  1.500  ? 'X-RAY DIFFRACTION' ? 
r_mcangle_it             946  0.707  2.000  ? 'X-RAY DIFFRACTION' ? 
r_scbond_it              371  0.980  3.000  ? 'X-RAY DIFFRACTION' ? 
r_scangle_it             313  1.584  4.500  ? 'X-RAY DIFFRACTION' ? 
# 
_refine_ls_shell.d_res_high                       2.498 
_refine_ls_shell.d_res_low                        2.563 
_refine_ls_shell.pdbx_total_number_of_bins_used   20 
_refine_ls_shell.percent_reflns_obs               98.070 
_refine_ls_shell.number_reflns_R_work             290 
_refine_ls_shell.R_factor_all                     ? 
_refine_ls_shell.R_factor_R_work                  0.204 
_refine_ls_shell.R_factor_R_free                  0.405 
_refine_ls_shell.percent_reflns_R_free            ? 
_refine_ls_shell.number_reflns_R_free             15 
_refine_ls_shell.R_factor_R_free_error            ? 
_refine_ls_shell.number_reflns_all                ? 
_refine_ls_shell.number_reflns_obs                305 
_refine_ls_shell.redundancy_reflns_obs            ? 
_refine_ls_shell.pdbx_refine_id                   'X-RAY DIFFRACTION' 
# 
_struct.entry_id                  2OSN 
_struct.title                     'An alternate description of a crystal structure of phospholipase A2 from Bungarus caeruleus' 
_struct.pdbx_model_details        ? 
_struct.pdbx_CASP_flag            ? 
_struct.pdbx_model_type_details   ? 
# 
_struct_keywords.entry_id        2OSN 
_struct_keywords.pdbx_keywords   TOXIN 
_struct_keywords.text            'phospholipase, krait venom, structure reinterpretation, TOXIN' 
# 
loop_
_struct_asym.id 
_struct_asym.pdbx_blank_PDB_chainid_flag 
_struct_asym.pdbx_modified 
_struct_asym.entity_id 
_struct_asym.details 
A N N 1 ? 
B N N 2 ? 
C N N 2 ? 
D N N 2 ? 
E N N 3 ? 
# 
_struct_ref.id                         1 
_struct_ref.db_name                    UNP 
_struct_ref.db_code                    Q6SLM0_BUNCE 
_struct_ref.pdbx_db_accession          Q6SLM0 
_struct_ref.entity_id                  1 
_struct_ref.pdbx_seq_one_letter_code   
;NLQQFKNMIQCAGTRTWTAYINYGCYCGKGGSGTPVDKLDRCCYTHDHCYNQADSIPGCNPNIKTYSYTCTQPNITCTRT
ADACAKFLCDCDRTAAICFASAPYNINNIMISASNSCQ
;
_struct_ref.pdbx_align_begin           20 
_struct_ref.pdbx_db_isoform            ? 
# 
_struct_ref_seq.align_id                      1 
_struct_ref_seq.ref_id                        1 
_struct_ref_seq.pdbx_PDB_id_code              2OSN 
_struct_ref_seq.pdbx_strand_id                A 
_struct_ref_seq.seq_align_beg                 1 
_struct_ref_seq.pdbx_seq_align_beg_ins_code   ? 
_struct_ref_seq.seq_align_end                 118 
_struct_ref_seq.pdbx_seq_align_end_ins_code   ? 
_struct_ref_seq.pdbx_db_accession             Q6SLM0 
_struct_ref_seq.db_align_beg                  20 
_struct_ref_seq.pdbx_db_align_beg_ins_code    ? 
_struct_ref_seq.db_align_end                  137 
_struct_ref_seq.pdbx_db_align_end_ins_code    ? 
_struct_ref_seq.pdbx_auth_seq_align_beg       3 
_struct_ref_seq.pdbx_auth_seq_align_end       120 
# 
_pdbx_struct_assembly.id                   1 
_pdbx_struct_assembly.details              author_defined_assembly 
_pdbx_struct_assembly.method_details       ? 
_pdbx_struct_assembly.oligomeric_details   monomeric 
_pdbx_struct_assembly.oligomeric_count     1 
# 
_pdbx_struct_assembly_gen.assembly_id       1 
_pdbx_struct_assembly_gen.oper_expression   1 
_pdbx_struct_assembly_gen.asym_id_list      A,B,C,D,E 
# 
_pdbx_struct_oper_list.id                   1 
_pdbx_struct_oper_list.type                 'identity operation' 
_pdbx_struct_oper_list.name                 1_555 
_pdbx_struct_oper_list.symmetry_operation   x,y,z 
_pdbx_struct_oper_list.matrix[1][1]         1.0000000000 
_pdbx_struct_oper_list.matrix[1][2]         0.0000000000 
_pdbx_struct_oper_list.matrix[1][3]         0.0000000000 
_pdbx_struct_oper_list.vector[1]            0.0000000000 
_pdbx_struct_oper_list.matrix[2][1]         0.0000000000 
_pdbx_struct_oper_list.matrix[2][2]         1.0000000000 
_pdbx_struct_oper_list.matrix[2][3]         0.0000000000 
_pdbx_struct_oper_list.vector[2]            0.0000000000 
_pdbx_struct_oper_list.matrix[3][1]         0.0000000000 
_pdbx_struct_oper_list.matrix[3][2]         0.0000000000 
_pdbx_struct_oper_list.matrix[3][3]         1.0000000000 
_pdbx_struct_oper_list.vector[3]            0.0000000000 
# 
loop_
_struct_conf.conf_type_id 
_struct_conf.id 
_struct_conf.pdbx_PDB_helix_id 
_struct_conf.beg_label_comp_id 
_struct_conf.beg_label_asym_id 
_struct_conf.beg_label_seq_id 
_struct_conf.pdbx_beg_PDB_ins_code 
_struct_conf.end_label_comp_id 
_struct_conf.end_label_asym_id 
_struct_conf.end_label_seq_id 
_struct_conf.pdbx_end_PDB_ins_code 
_struct_conf.beg_auth_comp_id 
_struct_conf.beg_auth_asym_id 
_struct_conf.beg_auth_seq_id 
_struct_conf.end_auth_comp_id 
_struct_conf.end_auth_asym_id 
_struct_conf.end_auth_seq_id 
_struct_conf.pdbx_PDB_helix_class 
_struct_conf.details 
_struct_conf.pdbx_PDB_helix_length 
HELX_P HELX_P1 1 ASN A 1   ? GLY A 13  ? ASN A 3   GLY A 15  1 ? 13 
HELX_P HELX_P2 2 THR A 16  ? TYR A 20  ? THR A 18  TYR A 22  5 ? 5  
HELX_P HELX_P3 3 ASP A 37  ? ALA A 53  ? ASP A 39  ALA A 55  1 ? 17 
HELX_P HELX_P4 4 ASP A 54  ? ILE A 56  ? ASP A 56  ILE A 58  5 ? 3  
HELX_P HELX_P5 5 ASP A 82  ? ALA A 102 ? ASP A 84  ALA A 104 1 ? 21 
HELX_P HELX_P6 6 ASN A 105 ? ILE A 109 ? ASN A 107 ILE A 111 5 ? 5  
# 
_struct_conf_type.id          HELX_P 
_struct_conf_type.criteria    ? 
_struct_conf_type.reference   ? 
# 
loop_
_struct_conn.id 
_struct_conn.conn_type_id 
_struct_conn.pdbx_leaving_atom_flag 
_struct_conn.pdbx_PDB_id 
_struct_conn.ptnr1_label_asym_id 
_struct_conn.ptnr1_label_comp_id 
_struct_conn.ptnr1_label_seq_id 
_struct_conn.ptnr1_label_atom_id 
_struct_conn.pdbx_ptnr1_label_alt_id 
_struct_conn.pdbx_ptnr1_PDB_ins_code 
_struct_conn.pdbx_ptnr1_standard_comp_id 
_struct_conn.ptnr1_symmetry 
_struct_conn.ptnr2_label_asym_id 
_struct_conn.ptnr2_label_comp_id 
_struct_conn.ptnr2_label_seq_id 
_struct_conn.ptnr2_label_atom_id 
_struct_conn.pdbx_ptnr2_label_alt_id 
_struct_conn.pdbx_ptnr2_PDB_ins_code 
_struct_conn.ptnr1_auth_asym_id 
_struct_conn.ptnr1_auth_comp_id 
_struct_conn.ptnr1_auth_seq_id 
_struct_conn.ptnr2_auth_asym_id 
_struct_conn.ptnr2_auth_comp_id 
_struct_conn.ptnr2_auth_seq_id 
_struct_conn.ptnr2_symmetry 
_struct_conn.pdbx_ptnr3_label_atom_id 
_struct_conn.pdbx_ptnr3_label_seq_id 
_struct_conn.pdbx_ptnr3_label_comp_id 
_struct_conn.pdbx_ptnr3_label_asym_id 
_struct_conn.pdbx_ptnr3_label_alt_id 
_struct_conn.pdbx_ptnr3_PDB_ins_code 
_struct_conn.details 
_struct_conn.pdbx_dist_value 
_struct_conn.pdbx_value_order 
_struct_conn.pdbx_role 
disulf1 disulf ? ? A CYS 11 SG ? ? ? 1_555 A CYS 70  SG ? ? A CYS 13 A CYS 72  1_555 ? ? ? ? ? ? ? 2.029 ? ? 
disulf2 disulf ? ? A CYS 25 SG ? ? ? 1_555 A CYS 117 SG ? ? A CYS 27 A CYS 119 1_555 ? ? ? ? ? ? ? 2.028 ? ? 
disulf3 disulf ? ? A CYS 27 SG ? ? ? 1_555 A CYS 43  SG ? ? A CYS 29 A CYS 45  1_555 ? ? ? ? ? ? ? 2.035 ? ? 
disulf4 disulf ? ? A CYS 42 SG ? ? ? 1_555 A CYS 98  SG ? ? A CYS 44 A CYS 100 1_555 ? ? ? ? ? ? ? 2.038 ? ? 
disulf5 disulf ? ? A CYS 49 SG ? ? ? 1_555 A CYS 91  SG ? ? A CYS 51 A CYS 93  1_555 ? ? ? ? ? ? ? 2.024 ? ? 
disulf6 disulf ? ? A CYS 59 SG ? ? ? 1_555 A CYS 84  SG ? ? A CYS 61 A CYS 86  1_555 ? ? ? ? ? ? ? 2.022 ? ? 
disulf7 disulf ? ? A CYS 77 SG ? ? ? 1_555 A CYS 89  SG ? ? A CYS 79 A CYS 91  1_555 ? ? ? ? ? ? ? 2.031 ? ? 
# 
_struct_conn_type.id          disulf 
_struct_conn_type.criteria    ? 
_struct_conn_type.reference   ? 
# 
loop_
_pdbx_modification_feature.ordinal 
_pdbx_modification_feature.label_comp_id 
_pdbx_modification_feature.label_asym_id 
_pdbx_modification_feature.label_seq_id 
_pdbx_modification_feature.label_alt_id 
_pdbx_modification_feature.modified_residue_label_comp_id 
_pdbx_modification_feature.modified_residue_label_asym_id 
_pdbx_modification_feature.modified_residue_label_seq_id 
_pdbx_modification_feature.modified_residue_label_alt_id 
_pdbx_modification_feature.auth_comp_id 
_pdbx_modification_feature.auth_asym_id 
_pdbx_modification_feature.auth_seq_id 
_pdbx_modification_feature.PDB_ins_code 
_pdbx_modification_feature.symmetry 
_pdbx_modification_feature.modified_residue_auth_comp_id 
_pdbx_modification_feature.modified_residue_auth_asym_id 
_pdbx_modification_feature.modified_residue_auth_seq_id 
_pdbx_modification_feature.modified_residue_PDB_ins_code 
_pdbx_modification_feature.modified_residue_symmetry 
_pdbx_modification_feature.comp_id_linking_atom 
_pdbx_modification_feature.modified_residue_id_linking_atom 
_pdbx_modification_feature.modified_residue_id 
_pdbx_modification_feature.ref_pcm_id 
_pdbx_modification_feature.ref_comp_id 
_pdbx_modification_feature.type 
_pdbx_modification_feature.category 
1 CYS A 11 ? CYS A 70  ? CYS A 13 ? 1_555 CYS A 72  ? 1_555 SG SG . . . None 'Disulfide bridge' 
2 CYS A 25 ? CYS A 117 ? CYS A 27 ? 1_555 CYS A 119 ? 1_555 SG SG . . . None 'Disulfide bridge' 
3 CYS A 27 ? CYS A 43  ? CYS A 29 ? 1_555 CYS A 45  ? 1_555 SG SG . . . None 'Disulfide bridge' 
4 CYS A 42 ? CYS A 98  ? CYS A 44 ? 1_555 CYS A 100 ? 1_555 SG SG . . . None 'Disulfide bridge' 
5 CYS A 49 ? CYS A 91  ? CYS A 51 ? 1_555 CYS A 93  ? 1_555 SG SG . . . None 'Disulfide bridge' 
6 CYS A 59 ? CYS A 84  ? CYS A 61 ? 1_555 CYS A 86  ? 1_555 SG SG . . . None 'Disulfide bridge' 
7 CYS A 77 ? CYS A 89  ? CYS A 79 ? 1_555 CYS A 91  ? 1_555 SG SG . . . None 'Disulfide bridge' 
# 
_struct_mon_prot_cis.pdbx_id                1 
_struct_mon_prot_cis.label_comp_id          GLN 
_struct_mon_prot_cis.label_seq_id           72 
_struct_mon_prot_cis.label_asym_id          A 
_struct_mon_prot_cis.label_alt_id           . 
_struct_mon_prot_cis.pdbx_PDB_ins_code      ? 
_struct_mon_prot_cis.auth_comp_id           GLN 
_struct_mon_prot_cis.auth_seq_id            74 
_struct_mon_prot_cis.auth_asym_id           A 
_struct_mon_prot_cis.pdbx_label_comp_id_2   PRO 
_struct_mon_prot_cis.pdbx_label_seq_id_2    73 
_struct_mon_prot_cis.pdbx_label_asym_id_2   A 
_struct_mon_prot_cis.pdbx_PDB_ins_code_2    ? 
_struct_mon_prot_cis.pdbx_auth_comp_id_2    PRO 
_struct_mon_prot_cis.pdbx_auth_seq_id_2     75 
_struct_mon_prot_cis.pdbx_auth_asym_id_2    A 
_struct_mon_prot_cis.pdbx_PDB_model_num     1 
_struct_mon_prot_cis.pdbx_omega_angle       3.14 
# 
_struct_sheet.id               A 
_struct_sheet.type             ? 
_struct_sheet.number_strands   2 
_struct_sheet.details          ? 
# 
_struct_sheet_order.sheet_id     A 
_struct_sheet_order.range_id_1   1 
_struct_sheet_order.range_id_2   2 
_struct_sheet_order.offset       ? 
_struct_sheet_order.sense        anti-parallel 
# 
loop_
_struct_sheet_range.sheet_id 
_struct_sheet_range.id 
_struct_sheet_range.beg_label_comp_id 
_struct_sheet_range.beg_label_asym_id 
_struct_sheet_range.beg_label_seq_id 
_struct_sheet_range.pdbx_beg_PDB_ins_code 
_struct_sheet_range.end_label_comp_id 
_struct_sheet_range.end_label_asym_id 
_struct_sheet_range.end_label_seq_id 
_struct_sheet_range.pdbx_end_PDB_ins_code 
_struct_sheet_range.beg_auth_comp_id 
_struct_sheet_range.beg_auth_asym_id 
_struct_sheet_range.beg_auth_seq_id 
_struct_sheet_range.end_auth_comp_id 
_struct_sheet_range.end_auth_asym_id 
_struct_sheet_range.end_auth_seq_id 
A 1 TYR A 68 ? THR A 71 ? TYR A 70 THR A 73 
A 2 ASN A 74 ? CYS A 77 ? ASN A 76 CYS A 79 
# 
_pdbx_struct_sheet_hbond.sheet_id                A 
_pdbx_struct_sheet_hbond.range_id_1              1 
_pdbx_struct_sheet_hbond.range_id_2              2 
_pdbx_struct_sheet_hbond.range_1_label_atom_id   N 
_pdbx_struct_sheet_hbond.range_1_label_comp_id   THR 
_pdbx_struct_sheet_hbond.range_1_label_asym_id   A 
_pdbx_struct_sheet_hbond.range_1_label_seq_id    71 
_pdbx_struct_sheet_hbond.range_1_PDB_ins_code    ? 
_pdbx_struct_sheet_hbond.range_1_auth_atom_id    N 
_pdbx_struct_sheet_hbond.range_1_auth_comp_id    THR 
_pdbx_struct_sheet_hbond.range_1_auth_asym_id    A 
_pdbx_struct_sheet_hbond.range_1_auth_seq_id     73 
_pdbx_struct_sheet_hbond.range_2_label_atom_id   O 
_pdbx_struct_sheet_hbond.range_2_label_comp_id   ASN 
_pdbx_struct_sheet_hbond.range_2_label_asym_id   A 
_pdbx_struct_sheet_hbond.range_2_label_seq_id    74 
_pdbx_struct_sheet_hbond.range_2_PDB_ins_code    ? 
_pdbx_struct_sheet_hbond.range_2_auth_atom_id    O 
_pdbx_struct_sheet_hbond.range_2_auth_comp_id    ASN 
_pdbx_struct_sheet_hbond.range_2_auth_asym_id    A 
_pdbx_struct_sheet_hbond.range_2_auth_seq_id     76 
# 
loop_
_struct_site.id 
_struct_site.pdbx_evidence_code 
_struct_site.pdbx_auth_asym_id 
_struct_site.pdbx_auth_comp_id 
_struct_site.pdbx_auth_seq_id 
_struct_site.pdbx_auth_ins_code 
_struct_site.pdbx_num_residues 
_struct_site.details 
AC1 Software A CL 1   ? 4 'BINDING SITE FOR RESIDUE CL A 1'   
AC2 Software A CL 2   ? 3 'BINDING SITE FOR RESIDUE CL A 2'   
AC3 Software A CL 121 ? 1 'BINDING SITE FOR RESIDUE CL A 121' 
# 
loop_
_struct_site_gen.id 
_struct_site_gen.site_id 
_struct_site_gen.pdbx_num_res 
_struct_site_gen.label_comp_id 
_struct_site_gen.label_asym_id 
_struct_site_gen.label_seq_id 
_struct_site_gen.pdbx_auth_ins_code 
_struct_site_gen.auth_comp_id 
_struct_site_gen.auth_asym_id 
_struct_site_gen.auth_seq_id 
_struct_site_gen.label_atom_id 
_struct_site_gen.label_alt_id 
_struct_site_gen.symmetry 
_struct_site_gen.details 
1 AC1 4 THR A 80  ? THR A 82  . ? 3_555 ? 
2 AC1 4 ALA A 81  ? ALA A 83  . ? 3_555 ? 
3 AC1 4 GLN A 118 ? GLN A 120 . ? 5_766 ? 
4 AC1 4 HOH E .   ? HOH A 149 . ? 3_555 ? 
5 AC2 3 GLY A 58  ? GLY A 60  . ? 1_555 ? 
6 AC2 3 MET A 110 ? MET A 112 . ? 5_766 ? 
7 AC2 3 HOH E .   ? HOH A 134 . ? 5_766 ? 
8 AC3 1 LYS A 29  ? LYS A 31  . ? 1_555 ? 
# 
_pdbx_entry_details.entry_id                   2OSN 
_pdbx_entry_details.compound_details           ? 
_pdbx_entry_details.source_details             ? 
_pdbx_entry_details.nonpolymer_details         ? 
_pdbx_entry_details.sequence_details           ? 
_pdbx_entry_details.has_ligand_of_interest     ? 
_pdbx_entry_details.has_protein_modification   Y 
# 
_pdbx_validate_symm_contact.id                1 
_pdbx_validate_symm_contact.PDB_model_num     1 
_pdbx_validate_symm_contact.auth_atom_id_1    O 
_pdbx_validate_symm_contact.auth_asym_id_1    A 
_pdbx_validate_symm_contact.auth_comp_id_1    HOH 
_pdbx_validate_symm_contact.auth_seq_id_1     134 
_pdbx_validate_symm_contact.PDB_ins_code_1    ? 
_pdbx_validate_symm_contact.label_alt_id_1    ? 
_pdbx_validate_symm_contact.site_symmetry_1   1_555 
_pdbx_validate_symm_contact.auth_atom_id_2    O 
_pdbx_validate_symm_contact.auth_asym_id_2    A 
_pdbx_validate_symm_contact.auth_comp_id_2    HOH 
_pdbx_validate_symm_contact.auth_seq_id_2     142 
_pdbx_validate_symm_contact.PDB_ins_code_2    ? 
_pdbx_validate_symm_contact.label_alt_id_2    ? 
_pdbx_validate_symm_contact.site_symmetry_2   5_766 
_pdbx_validate_symm_contact.dist              2.06 
# 
loop_
_pdbx_validate_torsion.id 
_pdbx_validate_torsion.PDB_model_num 
_pdbx_validate_torsion.auth_comp_id 
_pdbx_validate_torsion.auth_asym_id 
_pdbx_validate_torsion.auth_seq_id 
_pdbx_validate_torsion.PDB_ins_code 
_pdbx_validate_torsion.label_alt_id 
_pdbx_validate_torsion.phi 
_pdbx_validate_torsion.psi 
1 1 THR A 73  ? ? -110.64 77.93  
2 1 GLN A 74  ? ? -35.79  124.11 
3 1 THR A 82  ? ? -123.18 -51.01 
4 1 MET A 112 ? ? 62.22   67.22  
# 
_pdbx_struct_special_symmetry.id              1 
_pdbx_struct_special_symmetry.PDB_model_num   1 
_pdbx_struct_special_symmetry.auth_asym_id    A 
_pdbx_struct_special_symmetry.auth_comp_id    HOH 
_pdbx_struct_special_symmetry.auth_seq_id     128 
_pdbx_struct_special_symmetry.PDB_ins_code    ? 
_pdbx_struct_special_symmetry.label_asym_id   E 
_pdbx_struct_special_symmetry.label_comp_id   HOH 
_pdbx_struct_special_symmetry.label_seq_id    . 
# 
loop_
_pdbx_database_remark.id 
_pdbx_database_remark.text 
950 
;THIS ENTRY 2OSN REFLECTS AN ALTERNATIVE MODELING OF THE
STRUCTURAL DATA IN R1G2XSF. ORIGINAL DATA DETERMINED BY
AUTHOR: G.SINGH,S.GOURINATH,S.SHARMA,S.BHANUMATHI,M.PARAMSIVAM,T.P.SINGH.
;
300 
;BIOMOLECULE: 1
THIS ENTRY CONTAINS THE CRYSTALLOGRAPHIC ASYMMETRIC UNIT
WHICH CONSISTS OF 1 CHAIN(S). THE BIOLOGICAL MOLECULE
OF THE PROTEIN IS UNKNOWN.
;
# 
loop_
_chem_comp_atom.comp_id 
_chem_comp_atom.atom_id 
_chem_comp_atom.type_symbol 
_chem_comp_atom.pdbx_aromatic_flag 
_chem_comp_atom.pdbx_stereo_config 
_chem_comp_atom.pdbx_ordinal 
ALA N    N  N N 1   
ALA CA   C  N S 2   
ALA C    C  N N 3   
ALA O    O  N N 4   
ALA CB   C  N N 5   
ALA OXT  O  N N 6   
ALA H    H  N N 7   
ALA H2   H  N N 8   
ALA HA   H  N N 9   
ALA HB1  H  N N 10  
ALA HB2  H  N N 11  
ALA HB3  H  N N 12  
ALA HXT  H  N N 13  
ARG N    N  N N 14  
ARG CA   C  N S 15  
ARG C    C  N N 16  
ARG O    O  N N 17  
ARG CB   C  N N 18  
ARG CG   C  N N 19  
ARG CD   C  N N 20  
ARG NE   N  N N 21  
ARG CZ   C  N N 22  
ARG NH1  N  N N 23  
ARG NH2  N  N N 24  
ARG OXT  O  N N 25  
ARG H    H  N N 26  
ARG H2   H  N N 27  
ARG HA   H  N N 28  
ARG HB2  H  N N 29  
ARG HB3  H  N N 30  
ARG HG2  H  N N 31  
ARG HG3  H  N N 32  
ARG HD2  H  N N 33  
ARG HD3  H  N N 34  
ARG HE   H  N N 35  
ARG HH11 H  N N 36  
ARG HH12 H  N N 37  
ARG HH21 H  N N 38  
ARG HH22 H  N N 39  
ARG HXT  H  N N 40  
ASN N    N  N N 41  
ASN CA   C  N S 42  
ASN C    C  N N 43  
ASN O    O  N N 44  
ASN CB   C  N N 45  
ASN CG   C  N N 46  
ASN OD1  O  N N 47  
ASN ND2  N  N N 48  
ASN OXT  O  N N 49  
ASN H    H  N N 50  
ASN H2   H  N N 51  
ASN HA   H  N N 52  
ASN HB2  H  N N 53  
ASN HB3  H  N N 54  
ASN HD21 H  N N 55  
ASN HD22 H  N N 56  
ASN HXT  H  N N 57  
ASP N    N  N N 58  
ASP CA   C  N S 59  
ASP C    C  N N 60  
ASP O    O  N N 61  
ASP CB   C  N N 62  
ASP CG   C  N N 63  
ASP OD1  O  N N 64  
ASP OD2  O  N N 65  
ASP OXT  O  N N 66  
ASP H    H  N N 67  
ASP H2   H  N N 68  
ASP HA   H  N N 69  
ASP HB2  H  N N 70  
ASP HB3  H  N N 71  
ASP HD2  H  N N 72  
ASP HXT  H  N N 73  
CL  CL   CL N N 74  
CYS N    N  N N 75  
CYS CA   C  N R 76  
CYS C    C  N N 77  
CYS O    O  N N 78  
CYS CB   C  N N 79  
CYS SG   S  N N 80  
CYS OXT  O  N N 81  
CYS H    H  N N 82  
CYS H2   H  N N 83  
CYS HA   H  N N 84  
CYS HB2  H  N N 85  
CYS HB3  H  N N 86  
CYS HG   H  N N 87  
CYS HXT  H  N N 88  
GLN N    N  N N 89  
GLN CA   C  N S 90  
GLN C    C  N N 91  
GLN O    O  N N 92  
GLN CB   C  N N 93  
GLN CG   C  N N 94  
GLN CD   C  N N 95  
GLN OE1  O  N N 96  
GLN NE2  N  N N 97  
GLN OXT  O  N N 98  
GLN H    H  N N 99  
GLN H2   H  N N 100 
GLN HA   H  N N 101 
GLN HB2  H  N N 102 
GLN HB3  H  N N 103 
GLN HG2  H  N N 104 
GLN HG3  H  N N 105 
GLN HE21 H  N N 106 
GLN HE22 H  N N 107 
GLN HXT  H  N N 108 
GLY N    N  N N 109 
GLY CA   C  N N 110 
GLY C    C  N N 111 
GLY O    O  N N 112 
GLY OXT  O  N N 113 
GLY H    H  N N 114 
GLY H2   H  N N 115 
GLY HA2  H  N N 116 
GLY HA3  H  N N 117 
GLY HXT  H  N N 118 
HIS N    N  N N 119 
HIS CA   C  N S 120 
HIS C    C  N N 121 
HIS O    O  N N 122 
HIS CB   C  N N 123 
HIS CG   C  Y N 124 
HIS ND1  N  Y N 125 
HIS CD2  C  Y N 126 
HIS CE1  C  Y N 127 
HIS NE2  N  Y N 128 
HIS OXT  O  N N 129 
HIS H    H  N N 130 
HIS H2   H  N N 131 
HIS HA   H  N N 132 
HIS HB2  H  N N 133 
HIS HB3  H  N N 134 
HIS HD1  H  N N 135 
HIS HD2  H  N N 136 
HIS HE1  H  N N 137 
HIS HE2  H  N N 138 
HIS HXT  H  N N 139 
HOH O    O  N N 140 
HOH H1   H  N N 141 
HOH H2   H  N N 142 
ILE N    N  N N 143 
ILE CA   C  N S 144 
ILE C    C  N N 145 
ILE O    O  N N 146 
ILE CB   C  N S 147 
ILE CG1  C  N N 148 
ILE CG2  C  N N 149 
ILE CD1  C  N N 150 
ILE OXT  O  N N 151 
ILE H    H  N N 152 
ILE H2   H  N N 153 
ILE HA   H  N N 154 
ILE HB   H  N N 155 
ILE HG12 H  N N 156 
ILE HG13 H  N N 157 
ILE HG21 H  N N 158 
ILE HG22 H  N N 159 
ILE HG23 H  N N 160 
ILE HD11 H  N N 161 
ILE HD12 H  N N 162 
ILE HD13 H  N N 163 
ILE HXT  H  N N 164 
LEU N    N  N N 165 
LEU CA   C  N S 166 
LEU C    C  N N 167 
LEU O    O  N N 168 
LEU CB   C  N N 169 
LEU CG   C  N N 170 
LEU CD1  C  N N 171 
LEU CD2  C  N N 172 
LEU OXT  O  N N 173 
LEU H    H  N N 174 
LEU H2   H  N N 175 
LEU HA   H  N N 176 
LEU HB2  H  N N 177 
LEU HB3  H  N N 178 
LEU HG   H  N N 179 
LEU HD11 H  N N 180 
LEU HD12 H  N N 181 
LEU HD13 H  N N 182 
LEU HD21 H  N N 183 
LEU HD22 H  N N 184 
LEU HD23 H  N N 185 
LEU HXT  H  N N 186 
LYS N    N  N N 187 
LYS CA   C  N S 188 
LYS C    C  N N 189 
LYS O    O  N N 190 
LYS CB   C  N N 191 
LYS CG   C  N N 192 
LYS CD   C  N N 193 
LYS CE   C  N N 194 
LYS NZ   N  N N 195 
LYS OXT  O  N N 196 
LYS H    H  N N 197 
LYS H2   H  N N 198 
LYS HA   H  N N 199 
LYS HB2  H  N N 200 
LYS HB3  H  N N 201 
LYS HG2  H  N N 202 
LYS HG3  H  N N 203 
LYS HD2  H  N N 204 
LYS HD3  H  N N 205 
LYS HE2  H  N N 206 
LYS HE3  H  N N 207 
LYS HZ1  H  N N 208 
LYS HZ2  H  N N 209 
LYS HZ3  H  N N 210 
LYS HXT  H  N N 211 
MET N    N  N N 212 
MET CA   C  N S 213 
MET C    C  N N 214 
MET O    O  N N 215 
MET CB   C  N N 216 
MET CG   C  N N 217 
MET SD   S  N N 218 
MET CE   C  N N 219 
MET OXT  O  N N 220 
MET H    H  N N 221 
MET H2   H  N N 222 
MET HA   H  N N 223 
MET HB2  H  N N 224 
MET HB3  H  N N 225 
MET HG2  H  N N 226 
MET HG3  H  N N 227 
MET HE1  H  N N 228 
MET HE2  H  N N 229 
MET HE3  H  N N 230 
MET HXT  H  N N 231 
PHE N    N  N N 232 
PHE CA   C  N S 233 
PHE C    C  N N 234 
PHE O    O  N N 235 
PHE CB   C  N N 236 
PHE CG   C  Y N 237 
PHE CD1  C  Y N 238 
PHE CD2  C  Y N 239 
PHE CE1  C  Y N 240 
PHE CE2  C  Y N 241 
PHE CZ   C  Y N 242 
PHE OXT  O  N N 243 
PHE H    H  N N 244 
PHE H2   H  N N 245 
PHE HA   H  N N 246 
PHE HB2  H  N N 247 
PHE HB3  H  N N 248 
PHE HD1  H  N N 249 
PHE HD2  H  N N 250 
PHE HE1  H  N N 251 
PHE HE2  H  N N 252 
PHE HZ   H  N N 253 
PHE HXT  H  N N 254 
PRO N    N  N N 255 
PRO CA   C  N S 256 
PRO C    C  N N 257 
PRO O    O  N N 258 
PRO CB   C  N N 259 
PRO CG   C  N N 260 
PRO CD   C  N N 261 
PRO OXT  O  N N 262 
PRO H    H  N N 263 
PRO HA   H  N N 264 
PRO HB2  H  N N 265 
PRO HB3  H  N N 266 
PRO HG2  H  N N 267 
PRO HG3  H  N N 268 
PRO HD2  H  N N 269 
PRO HD3  H  N N 270 
PRO HXT  H  N N 271 
SER N    N  N N 272 
SER CA   C  N S 273 
SER C    C  N N 274 
SER O    O  N N 275 
SER CB   C  N N 276 
SER OG   O  N N 277 
SER OXT  O  N N 278 
SER H    H  N N 279 
SER H2   H  N N 280 
SER HA   H  N N 281 
SER HB2  H  N N 282 
SER HB3  H  N N 283 
SER HG   H  N N 284 
SER HXT  H  N N 285 
THR N    N  N N 286 
THR CA   C  N S 287 
THR C    C  N N 288 
THR O    O  N N 289 
THR CB   C  N R 290 
THR OG1  O  N N 291 
THR CG2  C  N N 292 
THR OXT  O  N N 293 
THR H    H  N N 294 
THR H2   H  N N 295 
THR HA   H  N N 296 
THR HB   H  N N 297 
THR HG1  H  N N 298 
THR HG21 H  N N 299 
THR HG22 H  N N 300 
THR HG23 H  N N 301 
THR HXT  H  N N 302 
TRP N    N  N N 303 
TRP CA   C  N S 304 
TRP C    C  N N 305 
TRP O    O  N N 306 
TRP CB   C  N N 307 
TRP CG   C  Y N 308 
TRP CD1  C  Y N 309 
TRP CD2  C  Y N 310 
TRP NE1  N  Y N 311 
TRP CE2  C  Y N 312 
TRP CE3  C  Y N 313 
TRP CZ2  C  Y N 314 
TRP CZ3  C  Y N 315 
TRP CH2  C  Y N 316 
TRP OXT  O  N N 317 
TRP H    H  N N 318 
TRP H2   H  N N 319 
TRP HA   H  N N 320 
TRP HB2  H  N N 321 
TRP HB3  H  N N 322 
TRP HD1  H  N N 323 
TRP HE1  H  N N 324 
TRP HE3  H  N N 325 
TRP HZ2  H  N N 326 
TRP HZ3  H  N N 327 
TRP HH2  H  N N 328 
TRP HXT  H  N N 329 
TYR N    N  N N 330 
TYR CA   C  N S 331 
TYR C    C  N N 332 
TYR O    O  N N 333 
TYR CB   C  N N 334 
TYR CG   C  Y N 335 
TYR CD1  C  Y N 336 
TYR CD2  C  Y N 337 
TYR CE1  C  Y N 338 
TYR CE2  C  Y N 339 
TYR CZ   C  Y N 340 
TYR OH   O  N N 341 
TYR OXT  O  N N 342 
TYR H    H  N N 343 
TYR H2   H  N N 344 
TYR HA   H  N N 345 
TYR HB2  H  N N 346 
TYR HB3  H  N N 347 
TYR HD1  H  N N 348 
TYR HD2  H  N N 349 
TYR HE1  H  N N 350 
TYR HE2  H  N N 351 
TYR HH   H  N N 352 
TYR HXT  H  N N 353 
VAL N    N  N N 354 
VAL CA   C  N S 355 
VAL C    C  N N 356 
VAL O    O  N N 357 
VAL CB   C  N N 358 
VAL CG1  C  N N 359 
VAL CG2  C  N N 360 
VAL OXT  O  N N 361 
VAL H    H  N N 362 
VAL H2   H  N N 363 
VAL HA   H  N N 364 
VAL HB   H  N N 365 
VAL HG11 H  N N 366 
VAL HG12 H  N N 367 
VAL HG13 H  N N 368 
VAL HG21 H  N N 369 
VAL HG22 H  N N 370 
VAL HG23 H  N N 371 
VAL HXT  H  N N 372 
# 
loop_
_chem_comp_bond.comp_id 
_chem_comp_bond.atom_id_1 
_chem_comp_bond.atom_id_2 
_chem_comp_bond.value_order 
_chem_comp_bond.pdbx_aromatic_flag 
_chem_comp_bond.pdbx_stereo_config 
_chem_comp_bond.pdbx_ordinal 
ALA N   CA   sing N N 1   
ALA N   H    sing N N 2   
ALA N   H2   sing N N 3   
ALA CA  C    sing N N 4   
ALA CA  CB   sing N N 5   
ALA CA  HA   sing N N 6   
ALA C   O    doub N N 7   
ALA C   OXT  sing N N 8   
ALA CB  HB1  sing N N 9   
ALA CB  HB2  sing N N 10  
ALA CB  HB3  sing N N 11  
ALA OXT HXT  sing N N 12  
ARG N   CA   sing N N 13  
ARG N   H    sing N N 14  
ARG N   H2   sing N N 15  
ARG CA  C    sing N N 16  
ARG CA  CB   sing N N 17  
ARG CA  HA   sing N N 18  
ARG C   O    doub N N 19  
ARG C   OXT  sing N N 20  
ARG CB  CG   sing N N 21  
ARG CB  HB2  sing N N 22  
ARG CB  HB3  sing N N 23  
ARG CG  CD   sing N N 24  
ARG CG  HG2  sing N N 25  
ARG CG  HG3  sing N N 26  
ARG CD  NE   sing N N 27  
ARG CD  HD2  sing N N 28  
ARG CD  HD3  sing N N 29  
ARG NE  CZ   sing N N 30  
ARG NE  HE   sing N N 31  
ARG CZ  NH1  sing N N 32  
ARG CZ  NH2  doub N N 33  
ARG NH1 HH11 sing N N 34  
ARG NH1 HH12 sing N N 35  
ARG NH2 HH21 sing N N 36  
ARG NH2 HH22 sing N N 37  
ARG OXT HXT  sing N N 38  
ASN N   CA   sing N N 39  
ASN N   H    sing N N 40  
ASN N   H2   sing N N 41  
ASN CA  C    sing N N 42  
ASN CA  CB   sing N N 43  
ASN CA  HA   sing N N 44  
ASN C   O    doub N N 45  
ASN C   OXT  sing N N 46  
ASN CB  CG   sing N N 47  
ASN CB  HB2  sing N N 48  
ASN CB  HB3  sing N N 49  
ASN CG  OD1  doub N N 50  
ASN CG  ND2  sing N N 51  
ASN ND2 HD21 sing N N 52  
ASN ND2 HD22 sing N N 53  
ASN OXT HXT  sing N N 54  
ASP N   CA   sing N N 55  
ASP N   H    sing N N 56  
ASP N   H2   sing N N 57  
ASP CA  C    sing N N 58  
ASP CA  CB   sing N N 59  
ASP CA  HA   sing N N 60  
ASP C   O    doub N N 61  
ASP C   OXT  sing N N 62  
ASP CB  CG   sing N N 63  
ASP CB  HB2  sing N N 64  
ASP CB  HB3  sing N N 65  
ASP CG  OD1  doub N N 66  
ASP CG  OD2  sing N N 67  
ASP OD2 HD2  sing N N 68  
ASP OXT HXT  sing N N 69  
CYS N   CA   sing N N 70  
CYS N   H    sing N N 71  
CYS N   H2   sing N N 72  
CYS CA  C    sing N N 73  
CYS CA  CB   sing N N 74  
CYS CA  HA   sing N N 75  
CYS C   O    doub N N 76  
CYS C   OXT  sing N N 77  
CYS CB  SG   sing N N 78  
CYS CB  HB2  sing N N 79  
CYS CB  HB3  sing N N 80  
CYS SG  HG   sing N N 81  
CYS OXT HXT  sing N N 82  
GLN N   CA   sing N N 83  
GLN N   H    sing N N 84  
GLN N   H2   sing N N 85  
GLN CA  C    sing N N 86  
GLN CA  CB   sing N N 87  
GLN CA  HA   sing N N 88  
GLN C   O    doub N N 89  
GLN C   OXT  sing N N 90  
GLN CB  CG   sing N N 91  
GLN CB  HB2  sing N N 92  
GLN CB  HB3  sing N N 93  
GLN CG  CD   sing N N 94  
GLN CG  HG2  sing N N 95  
GLN CG  HG3  sing N N 96  
GLN CD  OE1  doub N N 97  
GLN CD  NE2  sing N N 98  
GLN NE2 HE21 sing N N 99  
GLN NE2 HE22 sing N N 100 
GLN OXT HXT  sing N N 101 
GLY N   CA   sing N N 102 
GLY N   H    sing N N 103 
GLY N   H2   sing N N 104 
GLY CA  C    sing N N 105 
GLY CA  HA2  sing N N 106 
GLY CA  HA3  sing N N 107 
GLY C   O    doub N N 108 
GLY C   OXT  sing N N 109 
GLY OXT HXT  sing N N 110 
HIS N   CA   sing N N 111 
HIS N   H    sing N N 112 
HIS N   H2   sing N N 113 
HIS CA  C    sing N N 114 
HIS CA  CB   sing N N 115 
HIS CA  HA   sing N N 116 
HIS C   O    doub N N 117 
HIS C   OXT  sing N N 118 
HIS CB  CG   sing N N 119 
HIS CB  HB2  sing N N 120 
HIS CB  HB3  sing N N 121 
HIS CG  ND1  sing Y N 122 
HIS CG  CD2  doub Y N 123 
HIS ND1 CE1  doub Y N 124 
HIS ND1 HD1  sing N N 125 
HIS CD2 NE2  sing Y N 126 
HIS CD2 HD2  sing N N 127 
HIS CE1 NE2  sing Y N 128 
HIS CE1 HE1  sing N N 129 
HIS NE2 HE2  sing N N 130 
HIS OXT HXT  sing N N 131 
HOH O   H1   sing N N 132 
HOH O   H2   sing N N 133 
ILE N   CA   sing N N 134 
ILE N   H    sing N N 135 
ILE N   H2   sing N N 136 
ILE CA  C    sing N N 137 
ILE CA  CB   sing N N 138 
ILE CA  HA   sing N N 139 
ILE C   O    doub N N 140 
ILE C   OXT  sing N N 141 
ILE CB  CG1  sing N N 142 
ILE CB  CG2  sing N N 143 
ILE CB  HB   sing N N 144 
ILE CG1 CD1  sing N N 145 
ILE CG1 HG12 sing N N 146 
ILE CG1 HG13 sing N N 147 
ILE CG2 HG21 sing N N 148 
ILE CG2 HG22 sing N N 149 
ILE CG2 HG23 sing N N 150 
ILE CD1 HD11 sing N N 151 
ILE CD1 HD12 sing N N 152 
ILE CD1 HD13 sing N N 153 
ILE OXT HXT  sing N N 154 
LEU N   CA   sing N N 155 
LEU N   H    sing N N 156 
LEU N   H2   sing N N 157 
LEU CA  C    sing N N 158 
LEU CA  CB   sing N N 159 
LEU CA  HA   sing N N 160 
LEU C   O    doub N N 161 
LEU C   OXT  sing N N 162 
LEU CB  CG   sing N N 163 
LEU CB  HB2  sing N N 164 
LEU CB  HB3  sing N N 165 
LEU CG  CD1  sing N N 166 
LEU CG  CD2  sing N N 167 
LEU CG  HG   sing N N 168 
LEU CD1 HD11 sing N N 169 
LEU CD1 HD12 sing N N 170 
LEU CD1 HD13 sing N N 171 
LEU CD2 HD21 sing N N 172 
LEU CD2 HD22 sing N N 173 
LEU CD2 HD23 sing N N 174 
LEU OXT HXT  sing N N 175 
LYS N   CA   sing N N 176 
LYS N   H    sing N N 177 
LYS N   H2   sing N N 178 
LYS CA  C    sing N N 179 
LYS CA  CB   sing N N 180 
LYS CA  HA   sing N N 181 
LYS C   O    doub N N 182 
LYS C   OXT  sing N N 183 
LYS CB  CG   sing N N 184 
LYS CB  HB2  sing N N 185 
LYS CB  HB3  sing N N 186 
LYS CG  CD   sing N N 187 
LYS CG  HG2  sing N N 188 
LYS CG  HG3  sing N N 189 
LYS CD  CE   sing N N 190 
LYS CD  HD2  sing N N 191 
LYS CD  HD3  sing N N 192 
LYS CE  NZ   sing N N 193 
LYS CE  HE2  sing N N 194 
LYS CE  HE3  sing N N 195 
LYS NZ  HZ1  sing N N 196 
LYS NZ  HZ2  sing N N 197 
LYS NZ  HZ3  sing N N 198 
LYS OXT HXT  sing N N 199 
MET N   CA   sing N N 200 
MET N   H    sing N N 201 
MET N   H2   sing N N 202 
MET CA  C    sing N N 203 
MET CA  CB   sing N N 204 
MET CA  HA   sing N N 205 
MET C   O    doub N N 206 
MET C   OXT  sing N N 207 
MET CB  CG   sing N N 208 
MET CB  HB2  sing N N 209 
MET CB  HB3  sing N N 210 
MET CG  SD   sing N N 211 
MET CG  HG2  sing N N 212 
MET CG  HG3  sing N N 213 
MET SD  CE   sing N N 214 
MET CE  HE1  sing N N 215 
MET CE  HE2  sing N N 216 
MET CE  HE3  sing N N 217 
MET OXT HXT  sing N N 218 
PHE N   CA   sing N N 219 
PHE N   H    sing N N 220 
PHE N   H2   sing N N 221 
PHE CA  C    sing N N 222 
PHE CA  CB   sing N N 223 
PHE CA  HA   sing N N 224 
PHE C   O    doub N N 225 
PHE C   OXT  sing N N 226 
PHE CB  CG   sing N N 227 
PHE CB  HB2  sing N N 228 
PHE CB  HB3  sing N N 229 
PHE CG  CD1  doub Y N 230 
PHE CG  CD2  sing Y N 231 
PHE CD1 CE1  sing Y N 232 
PHE CD1 HD1  sing N N 233 
PHE CD2 CE2  doub Y N 234 
PHE CD2 HD2  sing N N 235 
PHE CE1 CZ   doub Y N 236 
PHE CE1 HE1  sing N N 237 
PHE CE2 CZ   sing Y N 238 
PHE CE2 HE2  sing N N 239 
PHE CZ  HZ   sing N N 240 
PHE OXT HXT  sing N N 241 
PRO N   CA   sing N N 242 
PRO N   CD   sing N N 243 
PRO N   H    sing N N 244 
PRO CA  C    sing N N 245 
PRO CA  CB   sing N N 246 
PRO CA  HA   sing N N 247 
PRO C   O    doub N N 248 
PRO C   OXT  sing N N 249 
PRO CB  CG   sing N N 250 
PRO CB  HB2  sing N N 251 
PRO CB  HB3  sing N N 252 
PRO CG  CD   sing N N 253 
PRO CG  HG2  sing N N 254 
PRO CG  HG3  sing N N 255 
PRO CD  HD2  sing N N 256 
PRO CD  HD3  sing N N 257 
PRO OXT HXT  sing N N 258 
SER N   CA   sing N N 259 
SER N   H    sing N N 260 
SER N   H2   sing N N 261 
SER CA  C    sing N N 262 
SER CA  CB   sing N N 263 
SER CA  HA   sing N N 264 
SER C   O    doub N N 265 
SER C   OXT  sing N N 266 
SER CB  OG   sing N N 267 
SER CB  HB2  sing N N 268 
SER CB  HB3  sing N N 269 
SER OG  HG   sing N N 270 
SER OXT HXT  sing N N 271 
THR N   CA   sing N N 272 
THR N   H    sing N N 273 
THR N   H2   sing N N 274 
THR CA  C    sing N N 275 
THR CA  CB   sing N N 276 
THR CA  HA   sing N N 277 
THR C   O    doub N N 278 
THR C   OXT  sing N N 279 
THR CB  OG1  sing N N 280 
THR CB  CG2  sing N N 281 
THR CB  HB   sing N N 282 
THR OG1 HG1  sing N N 283 
THR CG2 HG21 sing N N 284 
THR CG2 HG22 sing N N 285 
THR CG2 HG23 sing N N 286 
THR OXT HXT  sing N N 287 
TRP N   CA   sing N N 288 
TRP N   H    sing N N 289 
TRP N   H2   sing N N 290 
TRP CA  C    sing N N 291 
TRP CA  CB   sing N N 292 
TRP CA  HA   sing N N 293 
TRP C   O    doub N N 294 
TRP C   OXT  sing N N 295 
TRP CB  CG   sing N N 296 
TRP CB  HB2  sing N N 297 
TRP CB  HB3  sing N N 298 
TRP CG  CD1  doub Y N 299 
TRP CG  CD2  sing Y N 300 
TRP CD1 NE1  sing Y N 301 
TRP CD1 HD1  sing N N 302 
TRP CD2 CE2  doub Y N 303 
TRP CD2 CE3  sing Y N 304 
TRP NE1 CE2  sing Y N 305 
TRP NE1 HE1  sing N N 306 
TRP CE2 CZ2  sing Y N 307 
TRP CE3 CZ3  doub Y N 308 
TRP CE3 HE3  sing N N 309 
TRP CZ2 CH2  doub Y N 310 
TRP CZ2 HZ2  sing N N 311 
TRP CZ3 CH2  sing Y N 312 
TRP CZ3 HZ3  sing N N 313 
TRP CH2 HH2  sing N N 314 
TRP OXT HXT  sing N N 315 
TYR N   CA   sing N N 316 
TYR N   H    sing N N 317 
TYR N   H2   sing N N 318 
TYR CA  C    sing N N 319 
TYR CA  CB   sing N N 320 
TYR CA  HA   sing N N 321 
TYR C   O    doub N N 322 
TYR C   OXT  sing N N 323 
TYR CB  CG   sing N N 324 
TYR CB  HB2  sing N N 325 
TYR CB  HB3  sing N N 326 
TYR CG  CD1  doub Y N 327 
TYR CG  CD2  sing Y N 328 
TYR CD1 CE1  sing Y N 329 
TYR CD1 HD1  sing N N 330 
TYR CD2 CE2  doub Y N 331 
TYR CD2 HD2  sing N N 332 
TYR CE1 CZ   doub Y N 333 
TYR CE1 HE1  sing N N 334 
TYR CE2 CZ   sing Y N 335 
TYR CE2 HE2  sing N N 336 
TYR CZ  OH   sing N N 337 
TYR OH  HH   sing N N 338 
TYR OXT HXT  sing N N 339 
VAL N   CA   sing N N 340 
VAL N   H    sing N N 341 
VAL N   H2   sing N N 342 
VAL CA  C    sing N N 343 
VAL CA  CB   sing N N 344 
VAL CA  HA   sing N N 345 
VAL C   O    doub N N 346 
VAL C   OXT  sing N N 347 
VAL CB  CG1  sing N N 348 
VAL CB  CG2  sing N N 349 
VAL CB  HB   sing N N 350 
VAL CG1 HG11 sing N N 351 
VAL CG1 HG12 sing N N 352 
VAL CG1 HG13 sing N N 353 
VAL CG2 HG21 sing N N 354 
VAL CG2 HG22 sing N N 355 
VAL CG2 HG23 sing N N 356 
VAL OXT HXT  sing N N 357 
# 
_pdbx_initial_refinement_model.id               1 
_pdbx_initial_refinement_model.entity_id_list   ? 
_pdbx_initial_refinement_model.type             'experimental model' 
_pdbx_initial_refinement_model.source_name      PDB 
_pdbx_initial_refinement_model.accession_code   1G2X 
_pdbx_initial_refinement_model.details          'The A chain of PDB entry 1G2X.' 
# 
_atom_sites.entry_id                    2OSN 
_atom_sites.fract_transf_matrix[1][1]   -0.01245457 
_atom_sites.fract_transf_matrix[1][2]   0.01160466 
_atom_sites.fract_transf_matrix[1][3]   0.00411063 
_atom_sites.fract_transf_matrix[2][1]   -0.00696159 
_atom_sites.fract_transf_matrix[2][2]   -0.01154484 
_atom_sites.fract_transf_matrix[2][3]   0.01117715 
_atom_sites.fract_transf_matrix[3][1]   0.01020094 
_atom_sites.fract_transf_matrix[3][2]   0.00631461 
_atom_sites.fract_transf_matrix[3][3]   0.01275683 
_atom_sites.fract_transf_vector[1]      0.922468 
_atom_sites.fract_transf_vector[2]      0.724040 
_atom_sites.fract_transf_vector[3]      0.533510 
# 
loop_
_atom_type.symbol 
C  
CL 
N  
O  
S  
# 
loop_
_atom_site.group_PDB 
_atom_site.id 
_atom_site.type_symbol 
_atom_site.label_atom_id 
_atom_site.label_alt_id 
_atom_site.label_comp_id 
_atom_site.label_asym_id 
_atom_site.label_entity_id 
_atom_site.label_seq_id 
_atom_site.pdbx_PDB_ins_code 
_atom_site.Cartn_x 
_atom_site.Cartn_y 
_atom_site.Cartn_z 
_atom_site.occupancy 
_atom_site.B_iso_or_equiv 
_atom_site.pdbx_formal_charge 
_atom_site.auth_seq_id 
_atom_site.auth_comp_id 
_atom_site.auth_asym_id 
_atom_site.auth_atom_id 
_atom_site.pdbx_PDB_model_num 
ATOM   1   N  N   . ASN A 1 1   ? -0.826  -6.850  -8.489  1.00 19.50 ? 3   ASN A N   1 
ATOM   2   C  CA  . ASN A 1 1   ? -2.253  -6.614  -8.838  1.00 19.65 ? 3   ASN A CA  1 
ATOM   3   C  C   . ASN A 1 1   ? -3.020  -6.090  -7.619  1.00 19.72 ? 3   ASN A C   1 
ATOM   4   O  O   . ASN A 1 1   ? -2.694  -6.423  -6.481  1.00 19.75 ? 3   ASN A O   1 
ATOM   5   C  CB  . ASN A 1 1   ? -2.825  -7.882  -9.499  1.00 19.68 ? 3   ASN A CB  1 
ATOM   6   C  CG  . ASN A 1 1   ? -4.208  -8.276  -9.011  1.00 19.79 ? 3   ASN A CG  1 
ATOM   7   O  OD1 . ASN A 1 1   ? -4.488  -8.310  -7.815  1.00 20.11 ? 3   ASN A OD1 1 
ATOM   8   N  ND2 . ASN A 1 1   ? -5.062  -8.650  -9.952  1.00 20.66 ? 3   ASN A ND2 1 
ATOM   9   N  N   . LEU A 1 2   ? -4.017  -5.249  -7.863  1.00 19.69 ? 4   LEU A N   1 
ATOM   10  C  CA  . LEU A 1 2   ? -4.698  -4.529  -6.789  1.00 19.75 ? 4   LEU A CA  1 
ATOM   11  C  C   . LEU A 1 2   ? -5.549  -5.424  -5.873  1.00 19.40 ? 4   LEU A C   1 
ATOM   12  O  O   . LEU A 1 2   ? -5.679  -5.126  -4.689  1.00 19.30 ? 4   LEU A O   1 
ATOM   13  C  CB  . LEU A 1 2   ? -5.528  -3.376  -7.370  1.00 19.99 ? 4   LEU A CB  1 
ATOM   14  C  CG  . LEU A 1 2   ? -5.873  -2.153  -6.510  1.00 20.56 ? 4   LEU A CG  1 
ATOM   15  C  CD1 . LEU A 1 2   ? -4.641  -1.483  -5.877  1.00 20.83 ? 4   LEU A CD1 1 
ATOM   16  C  CD2 . LEU A 1 2   ? -6.631  -1.155  -7.368  1.00 20.23 ? 4   LEU A CD2 1 
ATOM   17  N  N   . GLN A 1 3   ? -6.108  -6.514  -6.410  1.00 18.83 ? 5   GLN A N   1 
ATOM   18  C  CA  . GLN A 1 3   ? -6.871  -7.485  -5.604  1.00 18.56 ? 5   GLN A CA  1 
ATOM   19  C  C   . GLN A 1 3   ? -5.965  -8.268  -4.644  1.00 17.95 ? 5   GLN A C   1 
ATOM   20  O  O   . GLN A 1 3   ? -6.396  -8.685  -3.562  1.00 18.09 ? 5   GLN A O   1 
ATOM   21  C  CB  . GLN A 1 3   ? -7.645  -8.454  -6.502  1.00 18.67 ? 5   GLN A CB  1 
ATOM   22  C  CG  . GLN A 1 3   ? -8.913  -9.028  -5.864  1.00 20.42 ? 5   GLN A CG  1 
ATOM   23  C  CD  . GLN A 1 3   ? -8.795  -10.489 -5.436  1.00 22.40 ? 5   GLN A CD  1 
ATOM   24  O  OE1 . GLN A 1 3   ? -7.786  -11.150 -5.691  1.00 23.84 ? 5   GLN A OE1 1 
ATOM   25  N  NE2 . GLN A 1 3   ? -9.849  -11.004 -4.804  1.00 21.61 ? 5   GLN A NE2 1 
ATOM   26  N  N   . GLN A 1 4   ? -4.713  -8.465  -5.053  1.00 16.98 ? 6   GLN A N   1 
ATOM   27  C  CA  . GLN A 1 4   ? -3.715  -9.138  -4.223  1.00 15.72 ? 6   GLN A CA  1 
ATOM   28  C  C   . GLN A 1 4   ? -3.259  -8.228  -3.074  1.00 15.39 ? 6   GLN A C   1 
ATOM   29  O  O   . GLN A 1 4   ? -3.032  -8.695  -1.963  1.00 15.13 ? 6   GLN A O   1 
ATOM   30  C  CB  . GLN A 1 4   ? -2.535  -9.602  -5.080  1.00 15.90 ? 6   GLN A CB  1 
ATOM   31  C  CG  . GLN A 1 4   ? -2.912  -10.623 -6.165  1.00 14.86 ? 6   GLN A CG  1 
ATOM   32  C  CD  . GLN A 1 4   ? -1.727  -11.055 -7.001  1.00 14.68 ? 6   GLN A CD  1 
ATOM   33  O  OE1 . GLN A 1 4   ? -1.114  -10.252 -7.701  1.00 13.65 ? 6   GLN A OE1 1 
ATOM   34  N  NE2 . GLN A 1 4   ? -1.399  -12.336 -6.934  1.00 13.73 ? 6   GLN A NE2 1 
ATOM   35  N  N   . PHE A 1 5   ? -3.151  -6.930  -3.347  1.00 14.90 ? 7   PHE A N   1 
ATOM   36  C  CA  . PHE A 1 5   ? -2.855  -5.939  -2.317  1.00 14.53 ? 7   PHE A CA  1 
ATOM   37  C  C   . PHE A 1 5   ? -3.992  -5.842  -1.296  1.00 14.95 ? 7   PHE A C   1 
ATOM   38  O  O   . PHE A 1 5   ? -3.743  -5.818  -0.088  1.00 15.04 ? 7   PHE A O   1 
ATOM   39  C  CB  . PHE A 1 5   ? -2.543  -4.569  -2.944  1.00 14.01 ? 7   PHE A CB  1 
ATOM   40  C  CG  . PHE A 1 5   ? -2.164  -3.504  -1.941  1.00 12.54 ? 7   PHE A CG  1 
ATOM   41  C  CD1 . PHE A 1 5   ? -1.311  -3.793  -0.873  1.00 9.94  ? 7   PHE A CD1 1 
ATOM   42  C  CD2 . PHE A 1 5   ? -2.649  -2.209  -2.076  1.00 11.72 ? 7   PHE A CD2 1 
ATOM   43  C  CE1 . PHE A 1 5   ? -0.962  -2.818  0.058   1.00 9.96  ? 7   PHE A CE1 1 
ATOM   44  C  CE2 . PHE A 1 5   ? -2.298  -1.217  -1.141  1.00 11.99 ? 7   PHE A CE2 1 
ATOM   45  C  CZ  . PHE A 1 5   ? -1.450  -1.532  -0.069  1.00 10.99 ? 7   PHE A CZ  1 
ATOM   46  N  N   . LYS A 1 6   ? -5.231  -5.795  -1.785  1.00 15.29 ? 8   LYS A N   1 
ATOM   47  C  CA  . LYS A 1 6   ? -6.418  -5.845  -0.935  1.00 15.65 ? 8   LYS A CA  1 
ATOM   48  C  C   . LYS A 1 6   ? -6.386  -7.035  0.028   1.00 15.86 ? 8   LYS A C   1 
ATOM   49  O  O   . LYS A 1 6   ? -6.701  -6.886  1.209   1.00 16.12 ? 8   LYS A O   1 
ATOM   50  C  CB  . LYS A 1 6   ? -7.690  -5.893  -1.785  1.00 15.55 ? 8   LYS A CB  1 
ATOM   51  C  CG  . LYS A 1 6   ? -8.049  -4.561  -2.433  1.00 16.02 ? 8   LYS A CG  1 
ATOM   52  C  CD  . LYS A 1 6   ? -9.312  -4.662  -3.292  1.00 16.10 ? 8   LYS A CD  1 
ATOM   53  C  CE  . LYS A 1 6   ? -9.642  -3.316  -3.929  1.00 17.36 ? 8   LYS A CE  1 
ATOM   54  N  NZ  . LYS A 1 6   ? -10.723 -3.430  -4.934  1.00 16.80 ? 8   LYS A NZ  1 
ATOM   55  N  N   . ASN A 1 7   ? -5.998  -8.208  -0.474  1.00 16.09 ? 9   ASN A N   1 
ATOM   56  C  CA  . ASN A 1 7   ? -5.946  -9.423  0.350   1.00 16.23 ? 9   ASN A CA  1 
ATOM   57  C  C   . ASN A 1 7   ? -4.776  -9.465  1.332   1.00 15.87 ? 9   ASN A C   1 
ATOM   58  O  O   . ASN A 1 7   ? -4.930  -9.951  2.457   1.00 15.71 ? 9   ASN A O   1 
ATOM   59  C  CB  . ASN A 1 7   ? -5.989  -10.690 -0.515  1.00 16.56 ? 9   ASN A CB  1 
ATOM   60  C  CG  . ASN A 1 7   ? -7.405  -11.022 -1.003  1.00 18.30 ? 9   ASN A CG  1 
ATOM   61  O  OD1 . ASN A 1 7   ? -7.693  -10.963 -2.206  1.00 20.00 ? 9   ASN A OD1 1 
ATOM   62  N  ND2 . ASN A 1 7   ? -8.299  -11.359 -0.064  1.00 19.29 ? 9   ASN A ND2 1 
ATOM   63  N  N   . MET A 1 8   ? -3.622  -8.950  0.907   1.00 15.49 ? 10  MET A N   1 
ATOM   64  C  CA  . MET A 1 8   ? -2.456  -8.819  1.778   1.00 15.46 ? 10  MET A CA  1 
ATOM   65  C  C   . MET A 1 8   ? -2.777  -7.975  3.019   1.00 15.85 ? 10  MET A C   1 
ATOM   66  O  O   . MET A 1 8   ? -2.415  -8.348  4.133   1.00 16.06 ? 10  MET A O   1 
ATOM   67  C  CB  . MET A 1 8   ? -1.287  -8.171  1.028   1.00 15.44 ? 10  MET A CB  1 
ATOM   68  C  CG  . MET A 1 8   ? -0.457  -9.084  0.153   1.00 14.94 ? 10  MET A CG  1 
ATOM   69  S  SD  . MET A 1 8   ? 1.107   -8.266  -0.232  1.00 15.08 ? 10  MET A SD  1 
ATOM   70  C  CE  . MET A 1 8   ? 1.858   -9.423  -1.355  1.00 13.88 ? 10  MET A CE  1 
ATOM   71  N  N   . ILE A 1 9   ? -3.441  -6.836  2.809   1.00 16.08 ? 11  ILE A N   1 
ATOM   72  C  CA  . ILE A 1 9   ? -3.872  -5.932  3.885   1.00 16.31 ? 11  ILE A CA  1 
ATOM   73  C  C   . ILE A 1 9   ? -4.624  -6.649  5.019   1.00 16.59 ? 11  ILE A C   1 
ATOM   74  O  O   . ILE A 1 9   ? -4.282  -6.474  6.191   1.00 16.36 ? 11  ILE A O   1 
ATOM   75  C  CB  . ILE A 1 9   ? -4.723  -4.738  3.339   1.00 16.37 ? 11  ILE A CB  1 
ATOM   76  C  CG1 . ILE A 1 9   ? -3.866  -3.796  2.489   1.00 16.16 ? 11  ILE A CG1 1 
ATOM   77  C  CG2 . ILE A 1 9   ? -5.358  -3.952  4.479   1.00 16.33 ? 11  ILE A CG2 1 
ATOM   78  C  CD1 . ILE A 1 9   ? -4.673  -2.803  1.664   1.00 16.00 ? 11  ILE A CD1 1 
ATOM   79  N  N   . GLN A 1 10  ? -5.631  -7.452  4.669   1.00 17.08 ? 12  GLN A N   1 
ATOM   80  C  CA  . GLN A 1 10  ? -6.403  -8.192  5.676   1.00 17.79 ? 12  GLN A CA  1 
ATOM   81  C  C   . GLN A 1 10  ? -5.712  -9.470  6.156   1.00 17.56 ? 12  GLN A C   1 
ATOM   82  O  O   . GLN A 1 10  ? -6.074  -10.018 7.205   1.00 17.98 ? 12  GLN A O   1 
ATOM   83  C  CB  . GLN A 1 10  ? -7.834  -8.472  5.214   1.00 17.71 ? 12  GLN A CB  1 
ATOM   84  C  CG  . GLN A 1 10  ? -7.995  -9.347  3.992   1.00 18.76 ? 12  GLN A CG  1 
ATOM   85  C  CD  . GLN A 1 10  ? -9.466  -9.509  3.603   1.00 19.69 ? 12  GLN A CD  1 
ATOM   86  O  OE1 . GLN A 1 10  ? -10.165 -8.524  3.311   1.00 22.19 ? 12  GLN A OE1 1 
ATOM   87  N  NE2 . GLN A 1 10  ? -9.945  -10.754 3.605   1.00 21.40 ? 12  GLN A NE2 1 
ATOM   88  N  N   . CYS A 1 11  ? -4.721  -9.929  5.396   1.00 17.22 ? 13  CYS A N   1 
ATOM   89  C  CA  . CYS A 1 11  ? -3.797  -10.969 5.844   1.00 16.96 ? 13  CYS A CA  1 
ATOM   90  C  C   . CYS A 1 11  ? -2.964  -10.465 7.008   1.00 16.93 ? 13  CYS A C   1 
ATOM   91  O  O   . CYS A 1 11  ? -2.963  -11.069 8.083   1.00 16.95 ? 13  CYS A O   1 
ATOM   92  C  CB  . CYS A 1 11  ? -2.868  -11.384 4.703   1.00 16.99 ? 13  CYS A CB  1 
ATOM   93  S  SG  . CYS A 1 11  ? -1.678  -12.667 5.107   1.00 16.65 ? 13  CYS A SG  1 
ATOM   94  N  N   . ALA A 1 12  ? -2.268  -9.351  6.792   1.00 17.01 ? 14  ALA A N   1 
ATOM   95  C  CA  . ALA A 1 12  ? -1.289  -8.853  7.762   1.00 17.27 ? 14  ALA A CA  1 
ATOM   96  C  C   . ALA A 1 12  ? -1.897  -8.028  8.882   1.00 17.56 ? 14  ALA A C   1 
ATOM   97  O  O   . ALA A 1 12  ? -1.262  -7.850  9.925   1.00 18.00 ? 14  ALA A O   1 
ATOM   98  C  CB  . ALA A 1 12  ? -0.182  -8.065  7.061   1.00 16.91 ? 14  ALA A CB  1 
ATOM   99  N  N   . GLY A 1 13  ? -3.113  -7.525  8.674   1.00 17.77 ? 15  GLY A N   1 
ATOM   100 C  CA  . GLY A 1 13  ? -3.777  -6.675  9.666   1.00 18.27 ? 15  GLY A CA  1 
ATOM   101 C  C   . GLY A 1 13  ? -5.204  -7.049  10.030  1.00 18.67 ? 15  GLY A C   1 
ATOM   102 O  O   . GLY A 1 13  ? -5.778  -8.003  9.485   1.00 18.79 ? 15  GLY A O   1 
ATOM   103 N  N   . THR A 1 14  ? -5.768  -6.297  10.970  1.00 19.14 ? 16  THR A N   1 
ATOM   104 C  CA  . THR A 1 14  ? -7.171  -6.442  11.364  1.00 19.89 ? 16  THR A CA  1 
ATOM   105 C  C   . THR A 1 14  ? -8.062  -5.623  10.426  1.00 19.66 ? 16  THR A C   1 
ATOM   106 O  O   . THR A 1 14  ? -9.149  -6.062  10.046  1.00 19.62 ? 16  THR A O   1 
ATOM   107 C  CB  . THR A 1 14  ? -7.406  -5.975  12.823  1.00 20.04 ? 16  THR A CB  1 
ATOM   108 O  OG1 . THR A 1 14  ? -6.310  -6.390  13.641  1.00 21.19 ? 16  THR A OG1 1 
ATOM   109 C  CG2 . THR A 1 14  ? -8.705  -6.566  13.390  1.00 20.82 ? 16  THR A CG2 1 
ATOM   110 N  N   . ARG A 1 15  ? -7.586  -4.434  10.062  1.00 19.81 ? 17  ARG A N   1 
ATOM   111 C  CA  . ARG A 1 15  ? -8.304  -3.528  9.169   1.00 19.93 ? 17  ARG A CA  1 
ATOM   112 C  C   . ARG A 1 15  ? -8.178  -3.957  7.708   1.00 19.87 ? 17  ARG A C   1 
ATOM   113 O  O   . ARG A 1 15  ? -7.086  -4.299  7.240   1.00 19.90 ? 17  ARG A O   1 
ATOM   114 C  CB  . ARG A 1 15  ? -7.779  -2.100  9.325   1.00 19.98 ? 17  ARG A CB  1 
ATOM   115 C  CG  . ARG A 1 15  ? -8.236  -1.356  10.568  1.00 20.72 ? 17  ARG A CG  1 
ATOM   116 C  CD  . ARG A 1 15  ? -7.250  -0.233  10.894  1.00 22.80 ? 17  ARG A CD  1 
ATOM   117 N  NE  . ARG A 1 15  ? -6.097  -0.739  11.642  1.00 25.30 ? 17  ARG A NE  1 
ATOM   118 C  CZ  . ARG A 1 15  ? -4.874  -0.218  11.614  1.00 26.21 ? 17  ARG A CZ  1 
ATOM   119 N  NH1 . ARG A 1 15  ? -4.598  0.833   10.861  1.00 27.82 ? 17  ARG A NH1 1 
ATOM   120 N  NH2 . ARG A 1 15  ? -3.909  -0.764  12.335  1.00 27.26 ? 17  ARG A NH2 1 
ATOM   121 N  N   . THR A 1 16  ? -9.300  -3.915  6.998   1.00 19.62 ? 18  THR A N   1 
ATOM   122 C  CA  . THR A 1 16  ? -9.363  -4.247  5.579   1.00 19.59 ? 18  THR A CA  1 
ATOM   123 C  C   . THR A 1 16  ? -8.981  -3.036  4.721   1.00 19.77 ? 18  THR A C   1 
ATOM   124 O  O   . THR A 1 16  ? -8.757  -1.936  5.239   1.00 19.60 ? 18  THR A O   1 
ATOM   125 C  CB  . THR A 1 16  ? -10.780 -4.739  5.188   1.00 19.61 ? 18  THR A CB  1 
ATOM   126 O  OG1 . THR A 1 16  ? -11.712 -3.651  5.261   1.00 19.82 ? 18  THR A OG1 1 
ATOM   127 C  CG2 . THR A 1 16  ? -11.246 -5.855  6.123   1.00 18.90 ? 18  THR A CG2 1 
ATOM   128 N  N   . TRP A 1 17  ? -8.920  -3.239  3.407   1.00 19.68 ? 19  TRP A N   1 
ATOM   129 C  CA  . TRP A 1 17  ? -8.509  -2.191  2.477   1.00 19.59 ? 19  TRP A CA  1 
ATOM   130 C  C   . TRP A 1 17  ? -9.413  -0.955  2.486   1.00 19.67 ? 19  TRP A C   1 
ATOM   131 O  O   . TRP A 1 17  ? -8.955  0.141   2.172   1.00 19.66 ? 19  TRP A O   1 
ATOM   132 C  CB  . TRP A 1 17  ? -8.392  -2.756  1.051   1.00 19.69 ? 19  TRP A CB  1 
ATOM   133 C  CG  . TRP A 1 17  ? -9.717  -3.093  0.388   1.00 19.92 ? 19  TRP A CG  1 
ATOM   134 C  CD1 . TRP A 1 17  ? -10.449 -4.243  0.539   1.00 19.83 ? 19  TRP A CD1 1 
ATOM   135 C  CD2 . TRP A 1 17  ? -10.450 -2.274  -0.537  1.00 20.61 ? 19  TRP A CD2 1 
ATOM   136 N  NE1 . TRP A 1 17  ? -11.591 -4.186  -0.226  1.00 20.07 ? 19  TRP A NE1 1 
ATOM   137 C  CE2 . TRP A 1 17  ? -11.617 -2.991  -0.900  1.00 20.46 ? 19  TRP A CE2 1 
ATOM   138 C  CE3 . TRP A 1 17  ? -10.235 -1.003  -1.093  1.00 20.18 ? 19  TRP A CE3 1 
ATOM   139 C  CZ2 . TRP A 1 17  ? -12.564 -2.479  -1.794  1.00 19.88 ? 19  TRP A CZ2 1 
ATOM   140 C  CZ3 . TRP A 1 17  ? -11.184 -0.494  -1.988  1.00 20.01 ? 19  TRP A CZ3 1 
ATOM   141 C  CH2 . TRP A 1 17  ? -12.331 -1.231  -2.324  1.00 19.76 ? 19  TRP A CH2 1 
ATOM   142 N  N   . THR A 1 18  ? -10.688 -1.132  2.836   1.00 19.85 ? 20  THR A N   1 
ATOM   143 C  CA  . THR A 1 18  ? -11.658 -0.027  2.816   1.00 20.19 ? 20  THR A CA  1 
ATOM   144 C  C   . THR A 1 18  ? -11.405 0.997   3.924   1.00 20.39 ? 20  THR A C   1 
ATOM   145 O  O   . THR A 1 18  ? -11.813 2.152   3.804   1.00 20.63 ? 20  THR A O   1 
ATOM   146 C  CB  . THR A 1 18  ? -13.143 -0.505  2.875   1.00 20.08 ? 20  THR A CB  1 
ATOM   147 O  OG1 . THR A 1 18  ? -13.399 -1.175  4.116   1.00 21.13 ? 20  THR A OG1 1 
ATOM   148 C  CG2 . THR A 1 18  ? -13.472 -1.430  1.725   1.00 19.61 ? 20  THR A CG2 1 
ATOM   149 N  N   . ALA A 1 19  ? -10.730 0.569   4.991   1.00 20.54 ? 21  ALA A N   1 
ATOM   150 C  CA  . ALA A 1 19  ? -10.338 1.455   6.083   1.00 20.88 ? 21  ALA A CA  1 
ATOM   151 C  C   . ALA A 1 19  ? -9.464  2.596   5.569   1.00 21.46 ? 21  ALA A C   1 
ATOM   152 O  O   . ALA A 1 19  ? -9.452  3.695   6.147   1.00 21.44 ? 21  ALA A O   1 
ATOM   153 C  CB  . ALA A 1 19  ? -9.596  0.672   7.168   1.00 20.55 ? 21  ALA A CB  1 
ATOM   154 N  N   . TYR A 1 20  ? -8.758  2.327   4.469   1.00 21.83 ? 22  TYR A N   1 
ATOM   155 C  CA  . TYR A 1 20  ? -7.668  3.184   4.007   1.00 22.53 ? 22  TYR A CA  1 
ATOM   156 C  C   . TYR A 1 20  ? -8.013  4.069   2.813   1.00 23.08 ? 22  TYR A C   1 
ATOM   157 O  O   . TYR A 1 20  ? -7.279  5.008   2.513   1.00 23.36 ? 22  TYR A O   1 
ATOM   158 C  CB  . TYR A 1 20  ? -6.423  2.333   3.717   1.00 22.44 ? 22  TYR A CB  1 
ATOM   159 C  CG  . TYR A 1 20  ? -5.984  1.534   4.919   1.00 22.29 ? 22  TYR A CG  1 
ATOM   160 C  CD1 . TYR A 1 20  ? -6.209  0.162   4.991   1.00 21.38 ? 22  TYR A CD1 1 
ATOM   161 C  CD2 . TYR A 1 20  ? -5.379  2.160   6.003   1.00 22.18 ? 22  TYR A CD2 1 
ATOM   162 C  CE1 . TYR A 1 20  ? -5.820  -0.567  6.103   1.00 21.69 ? 22  TYR A CE1 1 
ATOM   163 C  CE2 . TYR A 1 20  ? -4.991  1.436   7.121   1.00 22.61 ? 22  TYR A CE2 1 
ATOM   164 C  CZ  . TYR A 1 20  ? -5.210  0.081   7.166   1.00 22.21 ? 22  TYR A CZ  1 
ATOM   165 O  OH  . TYR A 1 20  ? -4.816  -0.616  8.288   1.00 22.56 ? 22  TYR A OH  1 
ATOM   166 N  N   . ILE A 1 21  ? -9.128  3.773   2.147   1.00 23.56 ? 23  ILE A N   1 
ATOM   167 C  CA  . ILE A 1 21  ? -9.619  4.570   1.016   1.00 23.88 ? 23  ILE A CA  1 
ATOM   168 C  C   . ILE A 1 21  ? -9.547  6.082   1.279   1.00 23.85 ? 23  ILE A C   1 
ATOM   169 O  O   . ILE A 1 21  ? -9.115  6.843   0.410   1.00 23.79 ? 23  ILE A O   1 
ATOM   170 C  CB  . ILE A 1 21  ? -11.076 4.173   0.623   1.00 23.84 ? 23  ILE A CB  1 
ATOM   171 C  CG1 . ILE A 1 21  ? -11.098 2.862   -0.163  1.00 23.96 ? 23  ILE A CG1 1 
ATOM   172 C  CG2 . ILE A 1 21  ? -11.739 5.261   -0.213  1.00 24.73 ? 23  ILE A CG2 1 
ATOM   173 C  CD1 . ILE A 1 21  ? -12.496 2.267   -0.298  1.00 24.10 ? 23  ILE A CD1 1 
ATOM   174 N  N   . ASN A 1 22  ? -9.949  6.500   2.481   1.00 23.90 ? 24  ASN A N   1 
ATOM   175 C  CA  . ASN A 1 22  ? -10.140 7.922   2.800   1.00 24.14 ? 24  ASN A CA  1 
ATOM   176 C  C   . ASN A 1 22  ? -9.204  8.497   3.872   1.00 23.69 ? 24  ASN A C   1 
ATOM   177 O  O   . ASN A 1 22  ? -9.559  9.455   4.577   1.00 23.84 ? 24  ASN A O   1 
ATOM   178 C  CB  . ASN A 1 22  ? -11.610 8.200   3.175   1.00 24.67 ? 24  ASN A CB  1 
ATOM   179 C  CG  . ASN A 1 22  ? -12.270 7.040   3.946   1.00 26.24 ? 24  ASN A CG  1 
ATOM   180 O  OD1 . ASN A 1 22  ? -11.615 6.278   4.668   1.00 27.88 ? 24  ASN A OD1 1 
ATOM   181 N  ND2 . ASN A 1 22  ? -13.585 6.916   3.789   1.00 27.62 ? 24  ASN A ND2 1 
ATOM   182 N  N   . TYR A 1 23  ? -8.002  7.939   3.973   1.00 22.83 ? 25  TYR A N   1 
ATOM   183 C  CA  . TYR A 1 23  ? -7.138  8.254   5.097   1.00 22.02 ? 25  TYR A CA  1 
ATOM   184 C  C   . TYR A 1 23  ? -6.025  9.233   4.765   1.00 22.05 ? 25  TYR A C   1 
ATOM   185 O  O   . TYR A 1 23  ? -5.259  9.029   3.818   1.00 22.00 ? 25  TYR A O   1 
ATOM   186 C  CB  . TYR A 1 23  ? -6.561  6.978   5.718   1.00 21.48 ? 25  TYR A CB  1 
ATOM   187 C  CG  . TYR A 1 23  ? -5.972  7.213   7.087   1.00 20.85 ? 25  TYR A CG  1 
ATOM   188 C  CD1 . TYR A 1 23  ? -4.642  7.605   7.238   1.00 20.57 ? 25  TYR A CD1 1 
ATOM   189 C  CD2 . TYR A 1 23  ? -6.747  7.068   8.229   1.00 19.56 ? 25  TYR A CD2 1 
ATOM   190 C  CE1 . TYR A 1 23  ? -4.103  7.835   8.498   1.00 20.19 ? 25  TYR A CE1 1 
ATOM   191 C  CE2 . TYR A 1 23  ? -6.219  7.296   9.483   1.00 19.55 ? 25  TYR A CE2 1 
ATOM   192 C  CZ  . TYR A 1 23  ? -4.901  7.678   9.612   1.00 19.91 ? 25  TYR A CZ  1 
ATOM   193 O  OH  . TYR A 1 23  ? -4.378  7.893   10.858  1.00 20.40 ? 25  TYR A OH  1 
ATOM   194 N  N   . GLY A 1 24  ? -5.948  10.297  5.560   1.00 21.82 ? 26  GLY A N   1 
ATOM   195 C  CA  . GLY A 1 24  ? -4.867  11.266  5.472   1.00 22.06 ? 26  GLY A CA  1 
ATOM   196 C  C   . GLY A 1 24  ? -4.710  11.956  4.130   1.00 22.09 ? 26  GLY A C   1 
ATOM   197 O  O   . GLY A 1 24  ? -5.686  12.193  3.415   1.00 22.14 ? 26  GLY A O   1 
ATOM   198 N  N   . CYS A 1 25  ? -3.463  12.259  3.794   1.00 22.04 ? 27  CYS A N   1 
ATOM   199 C  CA  . CYS A 1 25  ? -3.136  13.000  2.587   1.00 22.12 ? 27  CYS A CA  1 
ATOM   200 C  C   . CYS A 1 25  ? -2.784  12.114  1.388   1.00 21.80 ? 27  CYS A C   1 
ATOM   201 O  O   . CYS A 1 25  ? -2.937  12.553  0.250   1.00 21.84 ? 27  CYS A O   1 
ATOM   202 C  CB  . CYS A 1 25  ? -1.984  13.971  2.871   1.00 22.18 ? 27  CYS A CB  1 
ATOM   203 S  SG  . CYS A 1 25  ? -2.289  15.183  4.194   1.00 23.88 ? 27  CYS A SG  1 
ATOM   204 N  N   . TYR A 1 26  ? -2.316  10.883  1.638   1.00 21.53 ? 28  TYR A N   1 
ATOM   205 C  CA  . TYR A 1 26  ? -1.761  10.019  0.579   1.00 21.09 ? 28  TYR A CA  1 
ATOM   206 C  C   . TYR A 1 26  ? -2.450  8.678   0.319   1.00 21.27 ? 28  TYR A C   1 
ATOM   207 O  O   . TYR A 1 26  ? -2.289  8.105   -0.770  1.00 21.63 ? 28  TYR A O   1 
ATOM   208 C  CB  . TYR A 1 26  ? -0.260  9.809   0.790   1.00 20.83 ? 28  TYR A CB  1 
ATOM   209 C  CG  . TYR A 1 26  ? 0.529   11.048  0.467   1.00 20.17 ? 28  TYR A CG  1 
ATOM   210 C  CD1 . TYR A 1 26  ? 0.732   12.034  1.433   1.00 19.52 ? 28  TYR A CD1 1 
ATOM   211 C  CD2 . TYR A 1 26  ? 1.044   11.251  -0.808  1.00 19.34 ? 28  TYR A CD2 1 
ATOM   212 C  CE1 . TYR A 1 26  ? 1.430   13.185  1.143   1.00 19.32 ? 28  TYR A CE1 1 
ATOM   213 C  CE2 . TYR A 1 26  ? 1.744   12.402  -1.113  1.00 19.95 ? 28  TYR A CE2 1 
ATOM   214 C  CZ  . TYR A 1 26  ? 1.938   13.367  -0.132  1.00 20.08 ? 28  TYR A CZ  1 
ATOM   215 O  OH  . TYR A 1 26  ? 2.635   14.516  -0.426  1.00 19.90 ? 28  TYR A OH  1 
ATOM   216 N  N   . CYS A 1 27  ? -3.200  8.181   1.306   1.00 21.34 ? 29  CYS A N   1 
ATOM   217 C  CA  . CYS A 1 27  ? -3.941  6.920   1.185   1.00 21.19 ? 29  CYS A CA  1 
ATOM   218 C  C   . CYS A 1 27  ? -5.125  7.076   0.229   1.00 21.83 ? 29  CYS A C   1 
ATOM   219 O  O   . CYS A 1 27  ? -5.952  7.975   0.383   1.00 21.70 ? 29  CYS A O   1 
ATOM   220 C  CB  . CYS A 1 27  ? -4.405  6.413   2.554   1.00 20.62 ? 29  CYS A CB  1 
ATOM   221 S  SG  . CYS A 1 27  ? -3.102  6.113   3.791   1.00 19.57 ? 29  CYS A SG  1 
ATOM   222 N  N   . GLY A 1 28  ? -5.197  6.189   -0.758  1.00 22.77 ? 30  GLY A N   1 
ATOM   223 C  CA  . GLY A 1 28  ? -6.153  6.322   -1.852  1.00 24.27 ? 30  GLY A CA  1 
ATOM   224 C  C   . GLY A 1 28  ? -5.478  6.992   -3.036  1.00 25.22 ? 30  GLY A C   1 
ATOM   225 O  O   . GLY A 1 28  ? -4.243  7.013   -3.121  1.00 25.65 ? 30  GLY A O   1 
ATOM   226 N  N   . LYS A 1 29  ? -6.276  7.548   -3.945  1.00 25.96 ? 31  LYS A N   1 
ATOM   227 C  CA  . LYS A 1 29  ? -5.729  8.149   -5.161  1.00 26.61 ? 31  LYS A CA  1 
ATOM   228 C  C   . LYS A 1 29  ? -5.021  9.466   -4.894  1.00 27.06 ? 31  LYS A C   1 
ATOM   229 O  O   . LYS A 1 29  ? -5.599  10.394  -4.316  1.00 27.74 ? 31  LYS A O   1 
ATOM   230 C  CB  . LYS A 1 29  ? -6.808  8.354   -6.226  1.00 26.56 ? 31  LYS A CB  1 
ATOM   231 C  CG  . LYS A 1 29  ? -6.325  9.082   -7.497  1.00 26.80 ? 31  LYS A CG  1 
ATOM   232 C  CD  . LYS A 1 29  ? -5.629  8.143   -8.485  1.00 26.32 ? 31  LYS A CD  1 
ATOM   233 C  CE  . LYS A 1 29  ? -5.459  8.795   -9.856  1.00 25.66 ? 31  LYS A CE  1 
ATOM   234 N  NZ  . LYS A 1 29  ? -4.697  10.075  -9.818  1.00 25.31 ? 31  LYS A NZ  1 
ATOM   235 N  N   . GLY A 1 30  ? -3.767  9.534   -5.336  1.00 27.09 ? 32  GLY A N   1 
ATOM   236 C  CA  . GLY A 1 30  ? -3.024  10.781  -5.386  1.00 26.82 ? 32  GLY A CA  1 
ATOM   237 C  C   . GLY A 1 30  ? -2.505  11.145  -4.027  1.00 26.74 ? 32  GLY A C   1 
ATOM   238 O  O   . GLY A 1 30  ? -2.383  10.284  -3.151  1.00 26.99 ? 32  GLY A O   1 
ATOM   239 N  N   . GLY A 1 31  ? -2.200  12.426  -3.850  1.00 26.58 ? 33  GLY A N   1 
ATOM   240 C  CA  . GLY A 1 31  ? -1.675  12.916  -2.590  1.00 26.37 ? 33  GLY A CA  1 
ATOM   241 C  C   . GLY A 1 31  ? -0.887  14.198  -2.713  1.00 26.19 ? 33  GLY A C   1 
ATOM   242 O  O   . GLY A 1 31  ? -0.208  14.427  -3.713  1.00 26.40 ? 33  GLY A O   1 
ATOM   243 N  N   . SER A 1 32  ? -0.989  15.036  -1.685  1.00 25.85 ? 34  SER A N   1 
ATOM   244 C  CA  . SER A 1 32  ? -0.239  16.284  -1.610  1.00 25.55 ? 34  SER A CA  1 
ATOM   245 C  C   . SER A 1 32  ? 0.113   16.592  -0.158  1.00 24.88 ? 34  SER A C   1 
ATOM   246 O  O   . SER A 1 32  ? -0.505  16.060  0.759   1.00 24.75 ? 34  SER A O   1 
ATOM   247 C  CB  . SER A 1 32  ? -1.057  17.431  -2.215  1.00 25.85 ? 34  SER A CB  1 
ATOM   248 O  OG  . SER A 1 32  ? -1.549  17.089  -3.502  1.00 26.58 ? 34  SER A OG  1 
ATOM   249 N  N   . GLY A 1 33  ? 1.114   17.444  0.039   1.00 24.36 ? 35  GLY A N   1 
ATOM   250 C  CA  . GLY A 1 33  ? 1.509   17.886  1.371   1.00 23.37 ? 35  GLY A CA  1 
ATOM   251 C  C   . GLY A 1 33  ? 2.343   16.860  2.107   1.00 22.93 ? 35  GLY A C   1 
ATOM   252 O  O   . GLY A 1 33  ? 2.954   15.984  1.499   1.00 22.50 ? 35  GLY A O   1 
ATOM   253 N  N   . THR A 1 34  ? 2.368   16.983  3.429   1.00 22.57 ? 36  THR A N   1 
ATOM   254 C  CA  . THR A 1 34  ? 3.110   16.076  4.283   1.00 22.19 ? 36  THR A CA  1 
ATOM   255 C  C   . THR A 1 34  ? 2.192   14.943  4.760   1.00 22.26 ? 36  THR A C   1 
ATOM   256 O  O   . THR A 1 34  ? 1.048   15.194  5.140   1.00 22.21 ? 36  THR A O   1 
ATOM   257 C  CB  . THR A 1 34  ? 3.707   16.842  5.484   1.00 22.12 ? 36  THR A CB  1 
ATOM   258 O  OG1 . THR A 1 34  ? 4.513   17.926  5.004   1.00 22.10 ? 36  THR A OG1 1 
ATOM   259 C  CG2 . THR A 1 34  ? 4.564   15.935  6.359   1.00 22.11 ? 36  THR A CG2 1 
ATOM   260 N  N   . PRO A 1 35  ? 2.679   13.687  4.715   1.00 22.23 ? 37  PRO A N   1 
ATOM   261 C  CA  . PRO A 1 35  ? 1.929   12.618  5.352   1.00 22.11 ? 37  PRO A CA  1 
ATOM   262 C  C   . PRO A 1 35  ? 1.736   12.961  6.831   1.00 21.91 ? 37  PRO A C   1 
ATOM   263 O  O   . PRO A 1 35  ? 2.705   13.304  7.510   1.00 22.07 ? 37  PRO A O   1 
ATOM   264 C  CB  . PRO A 1 35  ? 2.842   11.401  5.182   1.00 22.15 ? 37  PRO A CB  1 
ATOM   265 C  CG  . PRO A 1 35  ? 3.674   11.722  3.997   1.00 22.29 ? 37  PRO A CG  1 
ATOM   266 C  CD  . PRO A 1 35  ? 3.911   13.187  4.079   1.00 22.35 ? 37  PRO A CD  1 
ATOM   267 N  N   . VAL A 1 36  ? 0.490   12.887  7.302   1.00 21.55 ? 38  VAL A N   1 
ATOM   268 C  CA  . VAL A 1 36  ? 0.114   13.367  8.643   1.00 21.10 ? 38  VAL A CA  1 
ATOM   269 C  C   . VAL A 1 36  ? 0.571   12.464  9.782   1.00 20.76 ? 38  VAL A C   1 
ATOM   270 O  O   . VAL A 1 36  ? 0.818   12.935  10.890  1.00 20.79 ? 38  VAL A O   1 
ATOM   271 C  CB  . VAL A 1 36  ? -1.412  13.657  8.770   1.00 21.05 ? 38  VAL A CB  1 
ATOM   272 C  CG1 . VAL A 1 36  ? -1.779  14.898  7.966   1.00 21.19 ? 38  VAL A CG1 1 
ATOM   273 C  CG2 . VAL A 1 36  ? -2.252  12.447  8.343   1.00 20.71 ? 38  VAL A CG2 1 
ATOM   274 N  N   . ASP A 1 37  ? 0.676   11.171  9.510   1.00 20.46 ? 39  ASP A N   1 
ATOM   275 C  CA  . ASP A 1 37  ? 1.088   10.221  10.527  1.00 20.13 ? 39  ASP A CA  1 
ATOM   276 C  C   . ASP A 1 37  ? 1.830   9.024   9.926   1.00 20.12 ? 39  ASP A C   1 
ATOM   277 O  O   . ASP A 1 37  ? 2.107   9.004   8.723   1.00 19.95 ? 39  ASP A O   1 
ATOM   278 C  CB  . ASP A 1 37  ? -0.114  9.784   11.388  1.00 19.96 ? 39  ASP A CB  1 
ATOM   279 C  CG  . ASP A 1 37  ? -1.257  9.184   10.575  1.00 19.54 ? 39  ASP A CG  1 
ATOM   280 O  OD1 . ASP A 1 37  ? -1.076  8.836   9.387   1.00 18.92 ? 39  ASP A OD1 1 
ATOM   281 O  OD2 . ASP A 1 37  ? -2.357  9.051   11.146  1.00 19.12 ? 39  ASP A OD2 1 
ATOM   282 N  N   . LYS A 1 38  ? 2.143   8.045   10.779  1.00 20.10 ? 40  LYS A N   1 
ATOM   283 C  CA  . LYS A 1 38  ? 2.855   6.831   10.395  1.00 20.24 ? 40  LYS A CA  1 
ATOM   284 C  C   . LYS A 1 38  ? 2.153   6.087   9.269   1.00 20.01 ? 40  LYS A C   1 
ATOM   285 O  O   . LYS A 1 38  ? 2.797   5.632   8.320   1.00 20.27 ? 40  LYS A O   1 
ATOM   286 C  CB  . LYS A 1 38  ? 2.998   5.901   11.600  1.00 20.54 ? 40  LYS A CB  1 
ATOM   287 C  CG  . LYS A 1 38  ? 4.270   5.070   11.569  1.00 22.09 ? 40  LYS A CG  1 
ATOM   288 C  CD  . LYS A 1 38  ? 4.566   4.448   12.923  1.00 24.84 ? 40  LYS A CD  1 
ATOM   289 C  CE  . LYS A 1 38  ? 4.130   2.988   12.968  1.00 25.85 ? 40  LYS A CE  1 
ATOM   290 N  NZ  . LYS A 1 38  ? 5.062   2.162   13.799  1.00 26.40 ? 40  LYS A NZ  1 
ATOM   291 N  N   . LEU A 1 39  ? 0.833   5.971   9.390   1.00 19.40 ? 41  LEU A N   1 
ATOM   292 C  CA  . LEU A 1 39  ? 0.002   5.277   8.423   1.00 18.87 ? 41  LEU A CA  1 
ATOM   293 C  C   . LEU A 1 39  ? -0.020  6.008   7.090   1.00 18.79 ? 41  LEU A C   1 
ATOM   294 O  O   . LEU A 1 39  ? 0.061   5.387   6.029   1.00 18.76 ? 41  LEU A O   1 
ATOM   295 C  CB  . LEU A 1 39  ? -1.414  5.117   8.973   1.00 18.75 ? 41  LEU A CB  1 
ATOM   296 C  CG  . LEU A 1 39  ? -2.458  4.382   8.136   1.00 18.32 ? 41  LEU A CG  1 
ATOM   297 C  CD1 . LEU A 1 39  ? -1.962  3.029   7.687   1.00 17.33 ? 41  LEU A CD1 1 
ATOM   298 C  CD2 . LEU A 1 39  ? -3.709  4.241   8.958   1.00 19.58 ? 41  LEU A CD2 1 
ATOM   299 N  N   . ASP A 1 40  ? -0.119  7.331   7.148   1.00 18.77 ? 42  ASP A N   1 
ATOM   300 C  CA  . ASP A 1 40  ? -0.074  8.153   5.942   1.00 18.59 ? 42  ASP A CA  1 
ATOM   301 C  C   . ASP A 1 40  ? 1.280   8.025   5.236   1.00 18.65 ? 42  ASP A C   1 
ATOM   302 O  O   . ASP A 1 40  ? 1.336   8.075   4.002   1.00 18.71 ? 42  ASP A O   1 
ATOM   303 C  CB  . ASP A 1 40  ? -0.367  9.613   6.283   1.00 18.40 ? 42  ASP A CB  1 
ATOM   304 C  CG  . ASP A 1 40  ? -1.063  10.345  5.164   1.00 18.00 ? 42  ASP A CG  1 
ATOM   305 O  OD1 . ASP A 1 40  ? -1.481  9.695   4.173   1.00 17.42 ? 42  ASP A OD1 1 
ATOM   306 O  OD2 . ASP A 1 40  ? -1.200  11.579  5.284   1.00 17.37 ? 42  ASP A OD2 1 
ATOM   307 N  N   . ARG A 1 41  ? 2.353   7.865   6.025   1.00 18.69 ? 43  ARG A N   1 
ATOM   308 C  CA  . ARG A 1 41  ? 3.698   7.557   5.504   1.00 18.92 ? 43  ARG A CA  1 
ATOM   309 C  C   . ARG A 1 41  ? 3.717   6.230   4.748   1.00 18.55 ? 43  ARG A C   1 
ATOM   310 O  O   . ARG A 1 41  ? 4.330   6.129   3.689   1.00 18.86 ? 43  ARG A O   1 
ATOM   311 C  CB  . ARG A 1 41  ? 4.746   7.518   6.626   1.00 18.70 ? 43  ARG A CB  1 
ATOM   312 C  CG  . ARG A 1 41  ? 5.223   8.884   7.085   1.00 19.72 ? 43  ARG A CG  1 
ATOM   313 C  CD  . ARG A 1 41  ? 6.432   8.812   8.037   1.00 19.71 ? 43  ARG A CD  1 
ATOM   314 N  NE  . ARG A 1 41  ? 6.064   8.699   9.450   1.00 21.25 ? 43  ARG A NE  1 
ATOM   315 C  CZ  . ARG A 1 41  ? 5.629   9.706   10.209  1.00 21.50 ? 43  ARG A CZ  1 
ATOM   316 N  NH1 . ARG A 1 41  ? 5.487   10.930  9.707   1.00 21.56 ? 43  ARG A NH1 1 
ATOM   317 N  NH2 . ARG A 1 41  ? 5.323   9.482   11.481  1.00 21.29 ? 43  ARG A NH2 1 
ATOM   318 N  N   . CYS A 1 42  ? 3.049   5.221   5.302   1.00 18.16 ? 44  CYS A N   1 
ATOM   319 C  CA  . CYS A 1 42  ? 2.937   3.904   4.672   1.00 17.81 ? 44  CYS A CA  1 
ATOM   320 C  C   . CYS A 1 42  ? 2.408   4.014   3.246   1.00 17.41 ? 44  CYS A C   1 
ATOM   321 O  O   . CYS A 1 42  ? 2.949   3.399   2.327   1.00 17.56 ? 44  CYS A O   1 
ATOM   322 C  CB  . CYS A 1 42  ? 1.994   3.009   5.476   1.00 17.77 ? 44  CYS A CB  1 
ATOM   323 S  SG  . CYS A 1 42  ? 2.482   2.682   7.183   1.00 18.17 ? 44  CYS A SG  1 
ATOM   324 N  N   . CYS A 1 43  ? 1.345   4.803   3.088   1.00 16.86 ? 45  CYS A N   1 
ATOM   325 C  CA  . CYS A 1 43  ? 0.679   5.024   1.811   1.00 16.20 ? 45  CYS A CA  1 
ATOM   326 C  C   . CYS A 1 43  ? 1.522   5.880   0.870   1.00 15.46 ? 45  CYS A C   1 
ATOM   327 O  O   . CYS A 1 43  ? 1.483   5.695   -0.343  1.00 14.98 ? 45  CYS A O   1 
ATOM   328 C  CB  . CYS A 1 43  ? -0.666  5.714   2.045   1.00 16.37 ? 45  CYS A CB  1 
ATOM   329 S  SG  . CYS A 1 43  ? -1.900  4.727   2.910   1.00 17.35 ? 45  CYS A SG  1 
ATOM   330 N  N   . TYR A 1 44  ? 2.258   6.828   1.444   1.00 14.74 ? 46  TYR A N   1 
ATOM   331 C  CA  . TYR A 1 44  ? 3.141   7.713   0.684   1.00 14.21 ? 46  TYR A CA  1 
ATOM   332 C  C   . TYR A 1 44  ? 4.275   6.918   0.025   1.00 13.79 ? 46  TYR A C   1 
ATOM   333 O  O   . TYR A 1 44  ? 4.629   7.168   -1.135  1.00 13.39 ? 46  TYR A O   1 
ATOM   334 C  CB  . TYR A 1 44  ? 3.678   8.831   1.600   1.00 14.24 ? 46  TYR A CB  1 
ATOM   335 C  CG  . TYR A 1 44  ? 4.890   9.586   1.084   1.00 14.03 ? 46  TYR A CG  1 
ATOM   336 C  CD1 . TYR A 1 44  ? 4.750   10.763  0.339   1.00 13.23 ? 46  TYR A CD1 1 
ATOM   337 C  CD2 . TYR A 1 44  ? 6.180   9.129   1.362   1.00 13.03 ? 46  TYR A CD2 1 
ATOM   338 C  CE1 . TYR A 1 44  ? 5.868   11.451  -0.121  1.00 12.76 ? 46  TYR A CE1 1 
ATOM   339 C  CE2 . TYR A 1 44  ? 7.295   9.798   0.904   1.00 12.45 ? 46  TYR A CE2 1 
ATOM   340 C  CZ  . TYR A 1 44  ? 7.140   10.958  0.169   1.00 13.87 ? 46  TYR A CZ  1 
ATOM   341 O  OH  . TYR A 1 44  ? 8.280   11.609  -0.276  1.00 15.54 ? 46  TYR A OH  1 
ATOM   342 N  N   . THR A 1 45  ? 4.834   5.968   0.776   1.00 13.41 ? 47  THR A N   1 
ATOM   343 C  CA  . THR A 1 45  ? 5.887   5.095   0.273   1.00 13.16 ? 47  THR A CA  1 
ATOM   344 C  C   . THR A 1 45  ? 5.312   4.201   -0.807  1.00 13.36 ? 47  THR A C   1 
ATOM   345 O  O   . THR A 1 45  ? 5.864   4.136   -1.909  1.00 13.29 ? 47  THR A O   1 
ATOM   346 C  CB  . THR A 1 45  ? 6.526   4.225   1.388   1.00 13.18 ? 47  THR A CB  1 
ATOM   347 O  OG1 . THR A 1 45  ? 7.246   5.063   2.299   1.00 12.86 ? 47  THR A OG1 1 
ATOM   348 C  CG2 . THR A 1 45  ? 7.489   3.201   0.800   1.00 12.26 ? 47  THR A CG2 1 
ATOM   349 N  N   . HIS A 1 46  ? 4.202   3.530   -0.488  1.00 13.45 ? 48  HIS A N   1 
ATOM   350 C  CA  . HIS A 1 46  ? 3.547   2.616   -1.421  1.00 13.72 ? 48  HIS A CA  1 
ATOM   351 C  C   . HIS A 1 46  ? 3.160   3.308   -2.731  1.00 14.31 ? 48  HIS A C   1 
ATOM   352 O  O   . HIS A 1 46  ? 3.392   2.773   -3.814  1.00 14.03 ? 48  HIS A O   1 
ATOM   353 C  CB  . HIS A 1 46  ? 2.327   1.963   -0.784  1.00 13.45 ? 48  HIS A CB  1 
ATOM   354 C  CG  . HIS A 1 46  ? 1.664   0.955   -1.667  1.00 12.96 ? 48  HIS A CG  1 
ATOM   355 N  ND1 . HIS A 1 46  ? 0.538   1.243   -2.411  1.00 12.58 ? 48  HIS A ND1 1 
ATOM   356 C  CD2 . HIS A 1 46  ? 1.981   -0.330  -1.946  1.00 12.29 ? 48  HIS A CD2 1 
ATOM   357 C  CE1 . HIS A 1 46  ? 0.180   0.171   -3.094  1.00 12.83 ? 48  HIS A CE1 1 
ATOM   358 N  NE2 . HIS A 1 46  ? 1.043   -0.795  -2.834  1.00 12.91 ? 48  HIS A NE2 1 
ATOM   359 N  N   . ASP A 1 47  ? 2.578   4.496   -2.607  1.00 15.09 ? 49  ASP A N   1 
ATOM   360 C  CA  . ASP A 1 47  ? 2.262   5.356   -3.735  1.00 16.37 ? 49  ASP A CA  1 
ATOM   361 C  C   . ASP A 1 47  ? 3.459   5.533   -4.673  1.00 16.66 ? 49  ASP A C   1 
ATOM   362 O  O   . ASP A 1 47  ? 3.324   5.389   -5.893  1.00 16.91 ? 49  ASP A O   1 
ATOM   363 C  CB  . ASP A 1 47  ? 1.805   6.718   -3.215  1.00 16.68 ? 49  ASP A CB  1 
ATOM   364 C  CG  . ASP A 1 47  ? 1.130   7.545   -4.271  1.00 18.48 ? 49  ASP A CG  1 
ATOM   365 O  OD1 . ASP A 1 47  ? 0.539   6.952   -5.204  1.00 21.88 ? 49  ASP A OD1 1 
ATOM   366 O  OD2 . ASP A 1 47  ? 1.180   8.793   -4.165  1.00 20.70 ? 49  ASP A OD2 1 
ATOM   367 N  N   . HIS A 1 48  ? 4.620   5.836   -4.090  1.00 17.01 ? 50  HIS A N   1 
ATOM   368 C  CA  . HIS A 1 48  ? 5.872   6.015   -4.830  1.00 17.44 ? 50  HIS A CA  1 
ATOM   369 C  C   . HIS A 1 48  ? 6.418   4.715   -5.375  1.00 17.66 ? 50  HIS A C   1 
ATOM   370 O  O   . HIS A 1 48  ? 7.082   4.707   -6.413  1.00 18.19 ? 50  HIS A O   1 
ATOM   371 C  CB  . HIS A 1 48  ? 6.944   6.668   -3.955  1.00 17.44 ? 50  HIS A CB  1 
ATOM   372 C  CG  . HIS A 1 48  ? 6.932   8.157   -4.019  1.00 17.78 ? 50  HIS A CG  1 
ATOM   373 N  ND1 . HIS A 1 48  ? 6.304   8.936   -3.072  1.00 18.78 ? 50  HIS A ND1 1 
ATOM   374 C  CD2 . HIS A 1 48  ? 7.437   9.012   -4.939  1.00 18.88 ? 50  HIS A CD2 1 
ATOM   375 C  CE1 . HIS A 1 48  ? 6.444   10.210  -3.394  1.00 19.55 ? 50  HIS A CE1 1 
ATOM   376 N  NE2 . HIS A 1 48  ? 7.126   10.282  -4.523  1.00 19.28 ? 50  HIS A NE2 1 
ATOM   377 N  N   . CYS A 1 49  ? 6.153   3.627   -4.661  1.00 17.42 ? 51  CYS A N   1 
ATOM   378 C  CA  . CYS A 1 49  ? 6.604   2.317   -5.062  1.00 17.30 ? 51  CYS A CA  1 
ATOM   379 C  C   . CYS A 1 49  ? 5.943   1.935   -6.382  1.00 17.49 ? 51  CYS A C   1 
ATOM   380 O  O   . CYS A 1 49  ? 6.618   1.515   -7.325  1.00 17.52 ? 51  CYS A O   1 
ATOM   381 C  CB  . CYS A 1 49  ? 6.274   1.313   -3.969  1.00 17.30 ? 51  CYS A CB  1 
ATOM   382 S  SG  . CYS A 1 49  ? 7.365   -0.092  -3.941  1.00 17.42 ? 51  CYS A SG  1 
ATOM   383 N  N   . TYR A 1 50  ? 4.626   2.120   -6.445  1.00 17.77 ? 52  TYR A N   1 
ATOM   384 C  CA  . TYR A 1 50  ? 3.821   1.849   -7.639  1.00 18.15 ? 52  TYR A CA  1 
ATOM   385 C  C   . TYR A 1 50  ? 4.247   2.695   -8.833  1.00 18.98 ? 52  TYR A C   1 
ATOM   386 O  O   . TYR A 1 50  ? 4.220   2.239   -9.974  1.00 19.04 ? 52  TYR A O   1 
ATOM   387 C  CB  . TYR A 1 50  ? 2.340   2.075   -7.328  1.00 17.45 ? 52  TYR A CB  1 
ATOM   388 C  CG  . TYR A 1 50  ? 1.612   0.832   -6.869  1.00 16.41 ? 52  TYR A CG  1 
ATOM   389 C  CD1 . TYR A 1 50  ? 2.308   -0.244  -6.304  1.00 14.68 ? 52  TYR A CD1 1 
ATOM   390 C  CD2 . TYR A 1 50  ? 0.223   0.738   -6.980  1.00 15.70 ? 52  TYR A CD2 1 
ATOM   391 C  CE1 . TYR A 1 50  ? 1.648   -1.381  -5.882  1.00 14.82 ? 52  TYR A CE1 1 
ATOM   392 C  CE2 . TYR A 1 50  ? -0.454  -0.404  -6.558  1.00 15.47 ? 52  TYR A CE2 1 
ATOM   393 C  CZ  . TYR A 1 50  ? 0.269   -1.459  -6.014  1.00 16.01 ? 52  TYR A CZ  1 
ATOM   394 O  OH  . TYR A 1 50  ? -0.393  -2.591  -5.600  1.00 15.98 ? 52  TYR A OH  1 
ATOM   395 N  N   . ASN A 1 51  ? 4.642   3.927   -8.543  1.00 20.00 ? 53  ASN A N   1 
ATOM   396 C  CA  . ASN A 1 51  ? 5.154   4.855   -9.525  1.00 21.11 ? 53  ASN A CA  1 
ATOM   397 C  C   . ASN A 1 51  ? 6.529   4.414   -10.085 1.00 21.69 ? 53  ASN A C   1 
ATOM   398 O  O   . ASN A 1 51  ? 6.803   4.556   -11.283 1.00 21.77 ? 53  ASN A O   1 
ATOM   399 C  CB  . ASN A 1 51  ? 5.226   6.227   -8.856  1.00 21.44 ? 53  ASN A CB  1 
ATOM   400 C  CG  . ASN A 1 51  ? 5.541   7.339   -9.817  1.00 22.93 ? 53  ASN A CG  1 
ATOM   401 O  OD1 . ASN A 1 51  ? 5.026   7.379   -10.935 1.00 25.31 ? 53  ASN A OD1 1 
ATOM   402 N  ND2 . ASN A 1 51  ? 6.384   8.269   -9.379  1.00 24.65 ? 53  ASN A ND2 1 
ATOM   403 N  N   . GLN A 1 52  ? 7.378   3.875   -9.209  1.00 22.23 ? 54  GLN A N   1 
ATOM   404 C  CA  . GLN A 1 52  ? 8.698   3.355   -9.583  1.00 22.91 ? 54  GLN A CA  1 
ATOM   405 C  C   . GLN A 1 52  ? 8.612   2.019   -10.319 1.00 23.20 ? 54  GLN A C   1 
ATOM   406 O  O   . GLN A 1 52  ? 9.553   1.625   -11.009 1.00 23.39 ? 54  GLN A O   1 
ATOM   407 C  CB  . GLN A 1 52  ? 9.595   3.219   -8.345  1.00 22.75 ? 54  GLN A CB  1 
ATOM   408 C  CG  . GLN A 1 52  ? 10.140  4.554   -7.829  1.00 23.18 ? 54  GLN A CG  1 
ATOM   409 C  CD  . GLN A 1 52  ? 10.617  4.502   -6.382  1.00 24.09 ? 54  GLN A CD  1 
ATOM   410 O  OE1 . GLN A 1 52  ? 11.167  3.497   -5.911  1.00 25.65 ? 54  GLN A OE1 1 
ATOM   411 N  NE2 . GLN A 1 52  ? 10.419  5.603   -5.670  1.00 26.47 ? 54  GLN A NE2 1 
ATOM   412 N  N   . ALA A 1 53  ? 7.483   1.327   -10.174 1.00 23.48 ? 55  ALA A N   1 
ATOM   413 C  CA  . ALA A 1 53  ? 7.259   0.063   -10.873 1.00 23.65 ? 55  ALA A CA  1 
ATOM   414 C  C   . ALA A 1 53  ? 6.996   0.240   -12.373 1.00 23.65 ? 55  ALA A C   1 
ATOM   415 O  O   . ALA A 1 53  ? 7.135   -0.713  -13.135 1.00 23.84 ? 55  ALA A O   1 
ATOM   416 C  CB  . ALA A 1 53  ? 6.132   -0.719  -10.213 1.00 23.69 ? 55  ALA A CB  1 
ATOM   417 N  N   . ASP A 1 54  ? 6.620   1.450   -12.787 1.00 23.66 ? 56  ASP A N   1 
ATOM   418 C  CA  . ASP A 1 54  ? 6.433   1.783   -14.205 1.00 23.53 ? 56  ASP A CA  1 
ATOM   419 C  C   . ASP A 1 54  ? 7.774   1.830   -14.939 1.00 23.23 ? 56  ASP A C   1 
ATOM   420 O  O   . ASP A 1 54  ? 7.818   1.706   -16.159 1.00 23.37 ? 56  ASP A O   1 
ATOM   421 C  CB  . ASP A 1 54  ? 5.709   3.133   -14.365 1.00 23.86 ? 56  ASP A CB  1 
ATOM   422 C  CG  . ASP A 1 54  ? 4.181   3.016   -14.244 1.00 25.20 ? 56  ASP A CG  1 
ATOM   423 O  OD1 . ASP A 1 54  ? 3.682   2.568   -13.185 1.00 25.08 ? 56  ASP A OD1 1 
ATOM   424 O  OD2 . ASP A 1 54  ? 3.474   3.392   -15.214 1.00 27.02 ? 56  ASP A OD2 1 
ATOM   425 N  N   . SER A 1 55  ? 8.861   2.008   -14.182 1.00 22.78 ? 57  SER A N   1 
ATOM   426 C  CA  . SER A 1 55  ? 10.224  2.048   -14.725 1.00 21.91 ? 57  SER A CA  1 
ATOM   427 C  C   . SER A 1 55  ? 10.805  0.656   -14.995 1.00 21.44 ? 57  SER A C   1 
ATOM   428 O  O   . SER A 1 55  ? 11.979  0.527   -15.371 1.00 21.49 ? 57  SER A O   1 
ATOM   429 C  CB  . SER A 1 55  ? 11.158  2.832   -13.784 1.00 22.19 ? 57  SER A CB  1 
ATOM   430 O  OG  . SER A 1 55  ? 10.981  4.240   -13.909 1.00 22.59 ? 57  SER A OG  1 
ATOM   431 N  N   . ILE A 1 56  ? 9.985   -0.376  -14.789 1.00 20.51 ? 58  ILE A N   1 
ATOM   432 C  CA  . ILE A 1 56  ? 10.351  -1.762  -15.093 1.00 19.39 ? 58  ILE A CA  1 
ATOM   433 C  C   . ILE A 1 56  ? 9.567   -2.222  -16.331 1.00 18.97 ? 58  ILE A C   1 
ATOM   434 O  O   . ILE A 1 56  ? 8.352   -2.020  -16.403 1.00 18.68 ? 58  ILE A O   1 
ATOM   435 C  CB  . ILE A 1 56  ? 10.077  -2.706  -13.885 1.00 19.41 ? 58  ILE A CB  1 
ATOM   436 C  CG1 . ILE A 1 56  ? 10.778  -2.182  -12.627 1.00 18.83 ? 58  ILE A CG1 1 
ATOM   437 C  CG2 . ILE A 1 56  ? 10.507  -4.161  -14.195 1.00 18.31 ? 58  ILE A CG2 1 
ATOM   438 C  CD1 . ILE A 1 56  ? 10.235  -2.750  -11.338 1.00 18.33 ? 58  ILE A CD1 1 
ATOM   439 N  N   . PRO A 1 57  ? 10.267  -2.816  -17.323 1.00 18.43 ? 59  PRO A N   1 
ATOM   440 C  CA  . PRO A 1 57  ? 9.615   -3.246  -18.562 1.00 17.93 ? 59  PRO A CA  1 
ATOM   441 C  C   . PRO A 1 57  ? 8.455   -4.194  -18.314 1.00 17.47 ? 59  PRO A C   1 
ATOM   442 O  O   . PRO A 1 57  ? 8.581   -5.114  -17.504 1.00 17.59 ? 59  PRO A O   1 
ATOM   443 C  CB  . PRO A 1 57  ? 10.739  -3.958  -19.317 1.00 17.70 ? 59  PRO A CB  1 
ATOM   444 C  CG  . PRO A 1 57  ? 11.972  -3.320  -18.818 1.00 18.04 ? 59  PRO A CG  1 
ATOM   445 C  CD  . PRO A 1 57  ? 11.714  -3.101  -17.358 1.00 18.39 ? 59  PRO A CD  1 
ATOM   446 N  N   . GLY A 1 58  ? 7.329   -3.933  -18.986 1.00 16.86 ? 60  GLY A N   1 
ATOM   447 C  CA  . GLY A 1 58  ? 6.130   -4.778  -18.916 1.00 16.30 ? 60  GLY A CA  1 
ATOM   448 C  C   . GLY A 1 58  ? 5.453   -4.825  -17.558 1.00 15.75 ? 60  GLY A C   1 
ATOM   449 O  O   . GLY A 1 58  ? 4.872   -5.842  -17.178 1.00 15.64 ? 60  GLY A O   1 
ATOM   450 N  N   . CYS A 1 59  ? 5.514   -3.712  -16.839 1.00 15.48 ? 61  CYS A N   1 
ATOM   451 C  CA  . CYS A 1 59  ? 5.117   -3.656  -15.440 1.00 15.58 ? 61  CYS A CA  1 
ATOM   452 C  C   . CYS A 1 59  ? 4.042   -2.591  -15.181 1.00 15.84 ? 61  CYS A C   1 
ATOM   453 O  O   . CYS A 1 59  ? 4.311   -1.389  -15.250 1.00 15.32 ? 61  CYS A O   1 
ATOM   454 C  CB  . CYS A 1 59  ? 6.359   -3.380  -14.586 1.00 15.38 ? 61  CYS A CB  1 
ATOM   455 S  SG  . CYS A 1 59  ? 6.303   -3.964  -12.887 1.00 15.01 ? 61  CYS A SG  1 
ATOM   456 N  N   . ASN A 1 60  ? 2.822   -3.048  -14.905 1.00 16.36 ? 62  ASN A N   1 
ATOM   457 C  CA  . ASN A 1 60  ? 1.745   -2.175  -14.430 1.00 17.04 ? 62  ASN A CA  1 
ATOM   458 C  C   . ASN A 1 60  ? 1.290   -2.635  -13.043 1.00 17.25 ? 62  ASN A C   1 
ATOM   459 O  O   . ASN A 1 60  ? 0.885   -3.789  -12.873 1.00 17.17 ? 62  ASN A O   1 
ATOM   460 C  CB  . ASN A 1 60  ? 0.569   -2.168  -15.416 1.00 17.20 ? 62  ASN A CB  1 
ATOM   461 C  CG  . ASN A 1 60  ? -0.476  -1.097  -15.097 1.00 18.42 ? 62  ASN A CG  1 
ATOM   462 O  OD1 . ASN A 1 60  ? -0.932  -0.959  -13.958 1.00 20.27 ? 62  ASN A OD1 1 
ATOM   463 N  ND2 . ASN A 1 60  ? -0.874  -0.349  -16.116 1.00 19.20 ? 62  ASN A ND2 1 
ATOM   464 N  N   . PRO A 1 61  ? 1.375   -1.738  -12.043 1.00 17.63 ? 63  PRO A N   1 
ATOM   465 C  CA  . PRO A 1 61  ? 1.000   -1.995  -10.637 1.00 18.00 ? 63  PRO A CA  1 
ATOM   466 C  C   . PRO A 1 61  ? -0.396  -2.593  -10.408 1.00 18.90 ? 63  PRO A C   1 
ATOM   467 O  O   . PRO A 1 61  ? -0.564  -3.460  -9.535  1.00 18.97 ? 63  PRO A O   1 
ATOM   468 C  CB  . PRO A 1 61  ? 1.081   -0.609  -9.986  1.00 17.83 ? 63  PRO A CB  1 
ATOM   469 C  CG  . PRO A 1 61  ? 1.392   0.355   -11.059 1.00 17.00 ? 63  PRO A CG  1 
ATOM   470 C  CD  . PRO A 1 61  ? 1.908   -0.379  -12.231 1.00 17.20 ? 63  PRO A CD  1 
ATOM   471 N  N   . ASN A 1 62  ? -1.384  -2.132  -11.177 1.00 19.85 ? 64  ASN A N   1 
ATOM   472 C  CA  . ASN A 1 62  ? -2.785  -2.537  -10.990 1.00 20.60 ? 64  ASN A CA  1 
ATOM   473 C  C   . ASN A 1 62  ? -3.146  -3.896  -11.561 1.00 20.63 ? 64  ASN A C   1 
ATOM   474 O  O   . ASN A 1 62  ? -4.060  -4.546  -11.051 1.00 21.24 ? 64  ASN A O   1 
ATOM   475 C  CB  . ASN A 1 62  ? -3.740  -1.513  -11.606 1.00 20.75 ? 64  ASN A CB  1 
ATOM   476 C  CG  . ASN A 1 62  ? -3.288  -0.102  -11.386 1.00 22.32 ? 64  ASN A CG  1 
ATOM   477 O  OD1 . ASN A 1 62  ? -3.204  0.377   -10.245 1.00 23.44 ? 64  ASN A OD1 1 
ATOM   478 N  ND2 . ASN A 1 62  ? -2.986  0.588   -12.484 1.00 23.90 ? 64  ASN A ND2 1 
ATOM   479 N  N   . ILE A 1 63  ? -2.465  -4.302  -12.632 1.00 20.25 ? 65  ILE A N   1 
ATOM   480 C  CA  . ILE A 1 63  ? -2.864  -5.498  -13.384 1.00 20.04 ? 65  ILE A CA  1 
ATOM   481 C  C   . ILE A 1 63  ? -1.881  -6.668  -13.274 1.00 19.42 ? 65  ILE A C   1 
ATOM   482 O  O   . ILE A 1 63  ? -2.256  -7.809  -13.534 1.00 19.42 ? 65  ILE A O   1 
ATOM   483 C  CB  . ILE A 1 63  ? -3.190  -5.174  -14.883 1.00 20.20 ? 65  ILE A CB  1 
ATOM   484 C  CG1 . ILE A 1 63  ? -1.916  -4.991  -15.715 1.00 20.31 ? 65  ILE A CG1 1 
ATOM   485 C  CG2 . ILE A 1 63  ? -4.089  -3.940  -14.976 1.00 20.86 ? 65  ILE A CG2 1 
ATOM   486 C  CD1 . ILE A 1 63  ? -2.162  -4.491  -17.147 1.00 20.13 ? 65  ILE A CD1 1 
ATOM   487 N  N   . LYS A 1 64  ? -0.640  -6.377  -12.875 1.00 18.65 ? 66  LYS A N   1 
ATOM   488 C  CA  . LYS A 1 64  ? 0.418   -7.386  -12.757 1.00 17.77 ? 66  LYS A CA  1 
ATOM   489 C  C   . LYS A 1 64  ? 0.136   -8.432  -11.680 1.00 17.35 ? 66  LYS A C   1 
ATOM   490 O  O   . LYS A 1 64  ? 0.190   -8.124  -10.492 1.00 17.33 ? 66  LYS A O   1 
ATOM   491 C  CB  . LYS A 1 64  ? 1.762   -6.716  -12.450 1.00 17.54 ? 66  LYS A CB  1 
ATOM   492 C  CG  . LYS A 1 64  ? 2.958   -7.247  -13.232 1.00 16.87 ? 66  LYS A CG  1 
ATOM   493 C  CD  . LYS A 1 64  ? 3.409   -8.638  -12.836 1.00 14.82 ? 66  LYS A CD  1 
ATOM   494 C  CE  . LYS A 1 64  ? 4.061   -9.304  -14.023 1.00 14.42 ? 66  LYS A CE  1 
ATOM   495 N  NZ  . LYS A 1 64  ? 4.614   -10.623 -13.669 1.00 14.62 ? 66  LYS A NZ  1 
ATOM   496 N  N   . THR A 1 65  ? -0.144  -9.667  -12.104 1.00 16.84 ? 67  THR A N   1 
ATOM   497 C  CA  . THR A 1 65  ? -0.324  -10.789 -11.176 1.00 16.27 ? 67  THR A CA  1 
ATOM   498 C  C   . THR A 1 65  ? 1.042   -11.339 -10.741 1.00 15.79 ? 67  THR A C   1 
ATOM   499 O  O   . THR A 1 65  ? 1.864   -11.720 -11.574 1.00 15.96 ? 67  THR A O   1 
ATOM   500 C  CB  . THR A 1 65  ? -1.197  -11.923 -11.779 1.00 16.18 ? 67  THR A CB  1 
ATOM   501 O  OG1 . THR A 1 65  ? -2.454  -11.395 -12.233 1.00 17.45 ? 67  THR A OG1 1 
ATOM   502 C  CG2 . THR A 1 65  ? -1.483  -12.976 -10.745 1.00 15.86 ? 67  THR A CG2 1 
ATOM   503 N  N   . TYR A 1 66  ? 1.285   -11.355 -9.435  1.00 15.08 ? 68  TYR A N   1 
ATOM   504 C  CA  . TYR A 1 66  ? 2.482   -11.982 -8.892  1.00 14.30 ? 68  TYR A CA  1 
ATOM   505 C  C   . TYR A 1 66  ? 2.124   -13.230 -8.090  1.00 14.26 ? 68  TYR A C   1 
ATOM   506 O  O   . TYR A 1 66  ? 0.960   -13.627 -8.039  1.00 13.81 ? 68  TYR A O   1 
ATOM   507 C  CB  . TYR A 1 66  ? 3.292   -10.988 -8.043  1.00 14.08 ? 68  TYR A CB  1 
ATOM   508 C  CG  . TYR A 1 66  ? 2.498   -10.190 -7.026  1.00 13.15 ? 68  TYR A CG  1 
ATOM   509 C  CD1 . TYR A 1 66  ? 2.229   -8.842  -7.238  1.00 11.99 ? 68  TYR A CD1 1 
ATOM   510 C  CD2 . TYR A 1 66  ? 2.040   -10.776 -5.844  1.00 12.23 ? 68  TYR A CD2 1 
ATOM   511 C  CE1 . TYR A 1 66  ? 1.513   -8.101  -6.319  1.00 11.87 ? 68  TYR A CE1 1 
ATOM   512 C  CE2 . TYR A 1 66  ? 1.324   -10.043 -4.920  1.00 12.64 ? 68  TYR A CE2 1 
ATOM   513 C  CZ  . TYR A 1 66  ? 1.063   -8.701  -5.164  1.00 12.51 ? 68  TYR A CZ  1 
ATOM   514 O  OH  . TYR A 1 66  ? 0.348   -7.958  -4.254  1.00 12.66 ? 68  TYR A OH  1 
ATOM   515 N  N   . SER A 1 67  ? 3.136   -13.845 -7.481  1.00 14.64 ? 69  SER A N   1 
ATOM   516 C  CA  . SER A 1 67  ? 2.952   -14.987 -6.581  1.00 15.04 ? 69  SER A CA  1 
ATOM   517 C  C   . SER A 1 67  ? 3.259   -14.583 -5.155  1.00 15.29 ? 69  SER A C   1 
ATOM   518 O  O   . SER A 1 67  ? 4.334   -14.051 -4.850  1.00 15.24 ? 69  SER A O   1 
ATOM   519 C  CB  . SER A 1 67  ? 3.875   -16.150 -6.953  1.00 14.74 ? 69  SER A CB  1 
ATOM   520 O  OG  . SER A 1 67  ? 3.821   -16.433 -8.335  1.00 16.10 ? 69  SER A OG  1 
ATOM   521 N  N   . TYR A 1 68  ? 2.303   -14.838 -4.279  1.00 15.77 ? 70  TYR A N   1 
ATOM   522 C  CA  . TYR A 1 68  ? 2.520   -14.676 -2.854  1.00 16.07 ? 70  TYR A CA  1 
ATOM   523 C  C   . TYR A 1 68  ? 1.676   -15.712 -2.121  1.00 16.34 ? 70  TYR A C   1 
ATOM   524 O  O   . TYR A 1 68  ? 0.788   -16.340 -2.706  1.00 16.15 ? 70  TYR A O   1 
ATOM   525 C  CB  . TYR A 1 68  ? 2.182   -13.248 -2.399  1.00 16.01 ? 70  TYR A CB  1 
ATOM   526 C  CG  . TYR A 1 68  ? 0.710   -12.994 -2.179  1.00 15.76 ? 70  TYR A CG  1 
ATOM   527 C  CD1 . TYR A 1 68  ? 0.184   -12.945 -0.890  1.00 15.47 ? 70  TYR A CD1 1 
ATOM   528 C  CD2 . TYR A 1 68  ? -0.158  -12.815 -3.258  1.00 15.78 ? 70  TYR A CD2 1 
ATOM   529 C  CE1 . TYR A 1 68  ? -1.163  -12.720 -0.677  1.00 16.11 ? 70  TYR A CE1 1 
ATOM   530 C  CE2 . TYR A 1 68  ? -1.509  -12.589 -3.060  1.00 16.08 ? 70  TYR A CE2 1 
ATOM   531 C  CZ  . TYR A 1 68  ? -2.007  -12.542 -1.765  1.00 16.30 ? 70  TYR A CZ  1 
ATOM   532 O  OH  . TYR A 1 68  ? -3.350  -12.320 -1.545  1.00 16.90 ? 70  TYR A OH  1 
ATOM   533 N  N   . THR A 1 69  ? 1.971   -15.894 -0.841  1.00 16.86 ? 71  THR A N   1 
ATOM   534 C  CA  . THR A 1 69  ? 1.177   -16.768 0.006   1.00 17.47 ? 71  THR A CA  1 
ATOM   535 C  C   . THR A 1 69  ? 0.846   -16.031 1.304   1.00 17.15 ? 71  THR A C   1 
ATOM   536 O  O   . THR A 1 69  ? 1.598   -15.157 1.735   1.00 17.13 ? 71  THR A O   1 
ATOM   537 C  CB  . THR A 1 69  ? 1.867   -18.156 0.210   1.00 17.60 ? 71  THR A CB  1 
ATOM   538 O  OG1 . THR A 1 69  ? 1.161   -18.927 1.194   1.00 20.26 ? 71  THR A OG1 1 
ATOM   539 C  CG2 . THR A 1 69  ? 3.307   -18.012 0.638   1.00 17.87 ? 71  THR A CG2 1 
ATOM   540 N  N   . CYS A 1 70  ? -0.313  -16.330 1.876   1.00 17.21 ? 72  CYS A N   1 
ATOM   541 C  CA  . CYS A 1 70  ? -0.709  -15.757 3.158   1.00 17.49 ? 72  CYS A CA  1 
ATOM   542 C  C   . CYS A 1 70  ? -0.889  -16.861 4.182   1.00 17.85 ? 72  CYS A C   1 
ATOM   543 O  O   . CYS A 1 70  ? -1.773  -17.704 4.044   1.00 17.79 ? 72  CYS A O   1 
ATOM   544 C  CB  . CYS A 1 70  ? -2.003  -14.924 3.053   1.00 17.36 ? 72  CYS A CB  1 
ATOM   545 S  SG  . CYS A 1 70  ? -2.693  -14.372 4.682   1.00 17.01 ? 72  CYS A SG  1 
ATOM   546 N  N   . THR A 1 71  ? -0.027  -16.851 5.194   1.00 18.49 ? 73  THR A N   1 
ATOM   547 C  CA  . THR A 1 71  ? -0.183  -17.678 6.380   1.00 18.87 ? 73  THR A CA  1 
ATOM   548 C  C   . THR A 1 71  ? -0.509  -16.709 7.505   1.00 19.13 ? 73  THR A C   1 
ATOM   549 O  O   . THR A 1 71  ? 0.353   -16.353 8.312   1.00 19.33 ? 73  THR A O   1 
ATOM   550 C  CB  . THR A 1 71  ? 1.110   -18.463 6.689   1.00 18.91 ? 73  THR A CB  1 
ATOM   551 O  OG1 . THR A 1 71  ? 1.576   -19.087 5.488   1.00 18.95 ? 73  THR A OG1 1 
ATOM   552 C  CG2 . THR A 1 71  ? 0.866   -19.530 7.761   1.00 18.23 ? 73  THR A CG2 1 
ATOM   553 N  N   . GLN A 1 72  ? -1.763  -16.270 7.534   1.00 19.44 ? 74  GLN A N   1 
ATOM   554 C  CA  . GLN A 1 72  ? -2.204  -15.185 8.411   1.00 19.89 ? 74  GLN A CA  1 
ATOM   555 C  C   . GLN A 1 72  ? -1.491  -15.210 9.763   1.00 19.58 ? 74  GLN A C   1 
ATOM   556 O  O   . GLN A 1 72  ? -1.511  -16.232 10.447  1.00 19.95 ? 74  GLN A O   1 
ATOM   557 C  CB  . GLN A 1 72  ? -3.720  -15.248 8.586   1.00 20.00 ? 74  GLN A CB  1 
ATOM   558 C  CG  . GLN A 1 72  ? -4.340  -13.947 9.013   1.00 22.23 ? 74  GLN A CG  1 
ATOM   559 C  CD  . GLN A 1 72  ? -5.840  -13.958 8.877   1.00 24.70 ? 74  GLN A CD  1 
ATOM   560 O  OE1 . GLN A 1 72  ? -6.375  -13.839 7.774   1.00 26.31 ? 74  GLN A OE1 1 
ATOM   561 N  NE2 . GLN A 1 72  ? -6.535  -14.089 10.003  1.00 26.05 ? 74  GLN A NE2 1 
ATOM   562 N  N   . PRO A 1 73  ? -0.833  -14.097 10.147  1.00 19.31 ? 75  PRO A N   1 
ATOM   563 C  CA  . PRO A 1 73  ? -0.740  -12.800 9.474   1.00 19.03 ? 75  PRO A CA  1 
ATOM   564 C  C   . PRO A 1 73  ? 0.472   -12.619 8.554   1.00 18.63 ? 75  PRO A C   1 
ATOM   565 O  O   . PRO A 1 73  ? 0.869   -11.482 8.284   1.00 18.65 ? 75  PRO A O   1 
ATOM   566 C  CB  . PRO A 1 73  ? -0.632  -11.825 10.652  1.00 19.21 ? 75  PRO A CB  1 
ATOM   567 C  CG  . PRO A 1 73  ? 0.041   -12.617 11.748  1.00 18.93 ? 75  PRO A CG  1 
ATOM   568 C  CD  . PRO A 1 73  ? -0.087  -14.088 11.418  1.00 19.23 ? 75  PRO A CD  1 
ATOM   569 N  N   . ASN A 1 74  ? 1.040   -13.718 8.065   1.00 18.14 ? 76  ASN A N   1 
ATOM   570 C  CA  . ASN A 1 74  ? 2.327   -13.673 7.370   1.00 17.57 ? 76  ASN A CA  1 
ATOM   571 C  C   . ASN A 1 74  ? 2.190   -13.654 5.858   1.00 17.36 ? 76  ASN A C   1 
ATOM   572 O  O   . ASN A 1 74  ? 1.489   -14.488 5.280   1.00 17.54 ? 76  ASN A O   1 
ATOM   573 C  CB  . ASN A 1 74  ? 3.213   -14.846 7.796   1.00 17.38 ? 76  ASN A CB  1 
ATOM   574 C  CG  . ASN A 1 74  ? 3.464   -14.880 9.293   1.00 17.40 ? 76  ASN A CG  1 
ATOM   575 O  OD1 . ASN A 1 74  ? 4.303   -14.145 9.804   1.00 17.41 ? 76  ASN A OD1 1 
ATOM   576 N  ND2 . ASN A 1 74  ? 2.738   -15.743 10.001  1.00 16.51 ? 76  ASN A ND2 1 
ATOM   577 N  N   . ILE A 1 75  ? 2.873   -12.701 5.225   1.00 16.95 ? 77  ILE A N   1 
ATOM   578 C  CA  . ILE A 1 75  ? 2.906   -12.596 3.765   1.00 16.40 ? 77  ILE A CA  1 
ATOM   579 C  C   . ILE A 1 75  ? 4.279   -13.032 3.254   1.00 16.22 ? 77  ILE A C   1 
ATOM   580 O  O   . ILE A 1 75  ? 5.314   -12.689 3.840   1.00 15.80 ? 77  ILE A O   1 
ATOM   581 C  CB  . ILE A 1 75  ? 2.606   -11.154 3.277   1.00 16.28 ? 77  ILE A CB  1 
ATOM   582 C  CG1 . ILE A 1 75  ? 1.241   -10.688 3.780   1.00 15.74 ? 77  ILE A CG1 1 
ATOM   583 C  CG2 . ILE A 1 75  ? 2.666   -11.083 1.756   1.00 16.28 ? 77  ILE A CG2 1 
ATOM   584 C  CD1 . ILE A 1 75  ? 1.097   -9.190  3.858   1.00 15.93 ? 77  ILE A CD1 1 
ATOM   585 N  N   . THR A 1 76  ? 4.271   -13.807 2.175   1.00 15.98 ? 78  THR A N   1 
ATOM   586 C  CA  . THR A 1 76  ? 5.499   -14.250 1.535   1.00 15.95 ? 78  THR A CA  1 
ATOM   587 C  C   . THR A 1 76  ? 5.441   -14.061 0.018   1.00 15.65 ? 78  THR A C   1 
ATOM   588 O  O   . THR A 1 76  ? 4.592   -14.632 -0.659  1.00 15.31 ? 78  THR A O   1 
ATOM   589 C  CB  . THR A 1 76  ? 5.812   -15.713 1.896   1.00 16.03 ? 78  THR A CB  1 
ATOM   590 O  OG1 . THR A 1 76  ? 6.201   -15.775 3.274   1.00 17.09 ? 78  THR A OG1 1 
ATOM   591 C  CG2 . THR A 1 76  ? 6.951   -16.273 1.030   1.00 16.13 ? 78  THR A CG2 1 
ATOM   592 N  N   . CYS A 1 77  ? 6.358   -13.250 -0.497  1.00 15.60 ? 79  CYS A N   1 
ATOM   593 C  CA  . CYS A 1 77  ? 6.525   -13.076 -1.937  1.00 15.38 ? 79  CYS A CA  1 
ATOM   594 C  C   . CYS A 1 77  ? 7.419   -14.172 -2.498  1.00 15.40 ? 79  CYS A C   1 
ATOM   595 O  O   . CYS A 1 77  ? 8.558   -14.356 -2.061  1.00 15.35 ? 79  CYS A O   1 
ATOM   596 C  CB  . CYS A 1 77  ? 7.089   -11.693 -2.243  1.00 15.41 ? 79  CYS A CB  1 
ATOM   597 S  SG  . CYS A 1 77  ? 5.973   -10.385 -1.742  1.00 15.17 ? 79  CYS A SG  1 
ATOM   598 N  N   . THR A 1 78  ? 6.881   -14.899 -3.472  1.00 15.46 ? 80  THR A N   1 
ATOM   599 C  CA  . THR A 1 78  ? 7.505   -16.109 -4.001  1.00 15.26 ? 80  THR A CA  1 
ATOM   600 C  C   . THR A 1 78  ? 8.433   -15.840 -5.203  1.00 14.62 ? 80  THR A C   1 
ATOM   601 O  O   . THR A 1 78  ? 9.276   -16.678 -5.520  1.00 14.50 ? 80  THR A O   1 
ATOM   602 C  CB  . THR A 1 78  ? 6.411   -17.166 -4.347  1.00 15.36 ? 80  THR A CB  1 
ATOM   603 O  OG1 . THR A 1 78  ? 5.833   -17.680 -3.139  1.00 16.39 ? 80  THR A OG1 1 
ATOM   604 C  CG2 . THR A 1 78  ? 6.977   -18.335 -5.164  1.00 16.80 ? 80  THR A CG2 1 
ATOM   605 N  N   . ARG A 1 79  ? 8.294   -14.674 -5.840  1.00 14.24 ? 81  ARG A N   1 
ATOM   606 C  CA  . ARG A 1 79  ? 8.954   -14.396 -7.125  1.00 13.89 ? 81  ARG A CA  1 
ATOM   607 C  C   . ARG A 1 79  ? 10.402  -13.970 -6.957  1.00 14.03 ? 81  ARG A C   1 
ATOM   608 O  O   . ARG A 1 79  ? 10.723  -13.140 -6.106  1.00 13.60 ? 81  ARG A O   1 
ATOM   609 C  CB  . ARG A 1 79  ? 8.181   -13.352 -7.949  1.00 14.10 ? 81  ARG A CB  1 
ATOM   610 C  CG  . ARG A 1 79  ? 6.728   -13.723 -8.290  1.00 13.46 ? 81  ARG A CG  1 
ATOM   611 C  CD  . ARG A 1 79  ? 6.548   -14.276 -9.702  1.00 14.66 ? 81  ARG A CD  1 
ATOM   612 N  NE  . ARG A 1 79  ? 5.150   -14.692 -9.908  1.00 18.06 ? 81  ARG A NE  1 
ATOM   613 C  CZ  . ARG A 1 79  ? 4.515   -14.810 -11.081 1.00 17.63 ? 81  ARG A CZ  1 
ATOM   614 N  NH1 . ARG A 1 79  ? 5.113   -14.536 -12.237 1.00 16.53 ? 81  ARG A NH1 1 
ATOM   615 N  NH2 . ARG A 1 79  ? 3.248   -15.209 -11.090 1.00 18.59 ? 81  ARG A NH2 1 
ATOM   616 N  N   . THR A 1 80  ? 11.277  -14.568 -7.769  1.00 14.37 ? 82  THR A N   1 
ATOM   617 C  CA  . THR A 1 80  ? 12.703  -14.214 -7.788  1.00 14.31 ? 82  THR A CA  1 
ATOM   618 C  C   . THR A 1 80  ? 13.135  -13.794 -9.196  1.00 14.58 ? 82  THR A C   1 
ATOM   619 O  O   . THR A 1 80  ? 13.745  -12.729 -9.378  1.00 14.38 ? 82  THR A O   1 
ATOM   620 C  CB  . THR A 1 80  ? 13.591  -15.384 -7.293  1.00 14.14 ? 82  THR A CB  1 
ATOM   621 O  OG1 . THR A 1 80  ? 13.344  -15.623 -5.905  1.00 14.24 ? 82  THR A OG1 1 
ATOM   622 C  CG2 . THR A 1 80  ? 15.064  -15.073 -7.490  1.00 14.01 ? 82  THR A CG2 1 
ATOM   623 N  N   . ALA A 1 81  ? 12.812  -14.640 -10.179 1.00 14.72 ? 83  ALA A N   1 
ATOM   624 C  CA  . ALA A 1 81  ? 13.239  -14.440 -11.566 1.00 14.82 ? 83  ALA A CA  1 
ATOM   625 C  C   . ALA A 1 81  ? 12.441  -13.344 -12.267 1.00 14.66 ? 83  ALA A C   1 
ATOM   626 O  O   . ALA A 1 81  ? 12.977  -12.630 -13.115 1.00 14.57 ? 83  ALA A O   1 
ATOM   627 C  CB  . ALA A 1 81  ? 13.154  -15.759 -12.348 1.00 15.26 ? 83  ALA A CB  1 
ATOM   628 N  N   . ASP A 1 82  ? 11.162  -13.220 -11.907 1.00 14.59 ? 84  ASP A N   1 
ATOM   629 C  CA  . ASP A 1 82  ? 10.277  -12.182 -12.446 1.00 14.05 ? 84  ASP A CA  1 
ATOM   630 C  C   . ASP A 1 82  ? 10.387  -10.897 -11.613 1.00 14.17 ? 84  ASP A C   1 
ATOM   631 O  O   . ASP A 1 82  ? 9.653   -10.702 -10.644 1.00 14.21 ? 84  ASP A O   1 
ATOM   632 C  CB  . ASP A 1 82  ? 8.836   -12.695 -12.491 1.00 13.78 ? 84  ASP A CB  1 
ATOM   633 C  CG  . ASP A 1 82  ? 7.884   -11.741 -13.187 1.00 13.40 ? 84  ASP A CG  1 
ATOM   634 O  OD1 . ASP A 1 82  ? 8.175   -10.537 -13.296 1.00 13.22 ? 84  ASP A OD1 1 
ATOM   635 O  OD2 . ASP A 1 82  ? 6.821   -12.204 -13.626 1.00 12.89 ? 84  ASP A OD2 1 
ATOM   636 N  N   . ALA A 1 83  ? 11.308  -10.030 -12.028 1.00 14.41 ? 85  ALA A N   1 
ATOM   637 C  CA  . ALA A 1 83  ? 11.639  -8.766  -11.347 1.00 14.18 ? 85  ALA A CA  1 
ATOM   638 C  C   . ALA A 1 83  ? 10.479  -7.792  -11.143 1.00 13.97 ? 85  ALA A C   1 
ATOM   639 O  O   . ALA A 1 83  ? 10.407  -7.146  -10.103 1.00 14.35 ? 85  ALA A O   1 
ATOM   640 C  CB  . ALA A 1 83  ? 12.796  -8.063  -12.077 1.00 14.09 ? 85  ALA A CB  1 
ATOM   641 N  N   . CYS A 1 84  ? 9.592   -7.665  -12.131 1.00 13.75 ? 86  CYS A N   1 
ATOM   642 C  CA  . CYS A 1 84  ? 8.410   -6.810  -11.992 1.00 13.67 ? 86  CYS A CA  1 
ATOM   643 C  C   . CYS A 1 84  ? 7.495   -7.323  -10.884 1.00 13.65 ? 86  CYS A C   1 
ATOM   644 O  O   . CYS A 1 84  ? 7.081   -6.563  -10.020 1.00 13.74 ? 86  CYS A O   1 
ATOM   645 C  CB  . CYS A 1 84  ? 7.629   -6.695  -13.305 1.00 13.55 ? 86  CYS A CB  1 
ATOM   646 S  SG  . CYS A 1 84  ? 5.967   -5.946  -13.107 1.00 13.50 ? 86  CYS A SG  1 
ATOM   647 N  N   . ALA A 1 85  ? 7.195   -8.619  -10.923 1.00 13.77 ? 87  ALA A N   1 
ATOM   648 C  CA  . ALA A 1 85  ? 6.376   -9.273  -9.914  1.00 13.71 ? 87  ALA A CA  1 
ATOM   649 C  C   . ALA A 1 85  ? 7.035   -9.200  -8.543  1.00 13.92 ? 87  ALA A C   1 
ATOM   650 O  O   . ALA A 1 85  ? 6.384   -8.864  -7.557  1.00 14.07 ? 87  ALA A O   1 
ATOM   651 C  CB  . ALA A 1 85  ? 6.143   -10.692 -10.304 1.00 13.64 ? 87  ALA A CB  1 
ATOM   652 N  N   . LYS A 1 86  ? 8.329   -9.509  -8.499  1.00 14.20 ? 88  LYS A N   1 
ATOM   653 C  CA  . LYS A 1 86  ? 9.139   -9.444  -7.272  1.00 14.52 ? 88  LYS A CA  1 
ATOM   654 C  C   . LYS A 1 86  ? 9.059   -8.061  -6.605  1.00 14.11 ? 88  LYS A C   1 
ATOM   655 O  O   . LYS A 1 86  ? 8.874   -7.958  -5.390  1.00 13.90 ? 88  LYS A O   1 
ATOM   656 C  CB  . LYS A 1 86  ? 10.595  -9.816  -7.592  1.00 14.20 ? 88  LYS A CB  1 
ATOM   657 C  CG  . LYS A 1 86  ? 11.595  -9.566  -6.476  1.00 15.50 ? 88  LYS A CG  1 
ATOM   658 C  CD  . LYS A 1 86  ? 13.037  -9.880  -6.909  1.00 15.65 ? 88  LYS A CD  1 
ATOM   659 C  CE  . LYS A 1 86  ? 13.958  -10.029 -5.687  1.00 17.77 ? 88  LYS A CE  1 
ATOM   660 N  NZ  . LYS A 1 86  ? 15.381  -10.335 -6.059  1.00 18.44 ? 88  LYS A NZ  1 
ATOM   661 N  N   . PHE A 1 87  ? 9.182   -7.018  -7.430  1.00 13.91 ? 89  PHE A N   1 
ATOM   662 C  CA  . PHE A 1 87  ? 9.209   -5.628  -6.996  1.00 13.45 ? 89  PHE A CA  1 
ATOM   663 C  C   . PHE A 1 87  ? 7.844   -5.233  -6.489  1.00 13.48 ? 89  PHE A C   1 
ATOM   664 O  O   . PHE A 1 87  ? 7.726   -4.585  -5.440  1.00 13.61 ? 89  PHE A O   1 
ATOM   665 C  CB  . PHE A 1 87  ? 9.609   -4.728  -8.172  1.00 13.35 ? 89  PHE A CB  1 
ATOM   666 C  CG  . PHE A 1 87  ? 9.750   -3.265  -7.819  1.00 12.97 ? 89  PHE A CG  1 
ATOM   667 C  CD1 . PHE A 1 87  ? 10.988  -2.744  -7.434  1.00 13.07 ? 89  PHE A CD1 1 
ATOM   668 C  CD2 . PHE A 1 87  ? 8.659   -2.401  -7.901  1.00 12.65 ? 89  PHE A CD2 1 
ATOM   669 C  CE1 . PHE A 1 87  ? 11.131  -1.386  -7.123  1.00 12.95 ? 89  PHE A CE1 1 
ATOM   670 C  CE2 . PHE A 1 87  ? 8.791   -1.041  -7.584  1.00 12.49 ? 89  PHE A CE2 1 
ATOM   671 C  CZ  . PHE A 1 87  ? 10.031  -0.535  -7.201  1.00 12.56 ? 89  PHE A CZ  1 
ATOM   672 N  N   . LEU A 1 88  ? 6.825   -5.639  -7.238  1.00 13.38 ? 90  LEU A N   1 
ATOM   673 C  CA  . LEU A 1 88  ? 5.448   -5.240  -6.981  1.00 13.84 ? 90  LEU A CA  1 
ATOM   674 C  C   . LEU A 1 88  ? 4.871   -5.933  -5.747  1.00 14.22 ? 90  LEU A C   1 
ATOM   675 O  O   . LEU A 1 88  ? 4.177   -5.299  -4.934  1.00 14.27 ? 90  LEU A O   1 
ATOM   676 C  CB  . LEU A 1 88  ? 4.591   -5.527  -8.214  1.00 13.92 ? 90  LEU A CB  1 
ATOM   677 C  CG  . LEU A 1 88  ? 3.591   -4.488  -8.729  1.00 13.87 ? 90  LEU A CG  1 
ATOM   678 C  CD1 . LEU A 1 88  ? 4.044   -3.052  -8.491  1.00 13.94 ? 90  LEU A CD1 1 
ATOM   679 C  CD2 . LEU A 1 88  ? 3.376   -4.730  -10.197 1.00 12.80 ? 90  LEU A CD2 1 
ATOM   680 N  N   . CYS A 1 89  ? 5.163   -7.227  -5.599  1.00 14.54 ? 91  CYS A N   1 
ATOM   681 C  CA  . CYS A 1 89  ? 4.734   -7.971  -4.420  1.00 14.81 ? 91  CYS A CA  1 
ATOM   682 C  C   . CYS A 1 89  ? 5.353   -7.325  -3.202  1.00 15.23 ? 91  CYS A C   1 
ATOM   683 O  O   . CYS A 1 89  ? 4.763   -7.310  -2.124  1.00 15.34 ? 91  CYS A O   1 
ATOM   684 C  CB  . CYS A 1 89  ? 5.159   -9.432  -4.502  1.00 14.78 ? 91  CYS A CB  1 
ATOM   685 S  SG  . CYS A 1 89  ? 4.522   -10.444 -3.162  1.00 14.71 ? 91  CYS A SG  1 
ATOM   686 N  N   . ASP A 1 90  ? 6.546   -6.771  -3.395  1.00 15.81 ? 92  ASP A N   1 
ATOM   687 C  CA  . ASP A 1 90  ? 7.273   -6.119  -2.318  1.00 16.37 ? 92  ASP A CA  1 
ATOM   688 C  C   . ASP A 1 90  ? 6.649   -4.775  -1.912  1.00 16.17 ? 92  ASP A C   1 
ATOM   689 O  O   . ASP A 1 90  ? 6.497   -4.505  -0.725  1.00 16.15 ? 92  ASP A O   1 
ATOM   690 C  CB  . ASP A 1 90  ? 8.745   -5.956  -2.690  1.00 16.70 ? 92  ASP A CB  1 
ATOM   691 C  CG  . ASP A 1 90  ? 9.616   -5.775  -1.485  1.00 18.76 ? 92  ASP A CG  1 
ATOM   692 O  OD1 . ASP A 1 90  ? 9.848   -6.781  -0.768  1.00 21.01 ? 92  ASP A OD1 1 
ATOM   693 O  OD2 . ASP A 1 90  ? 10.052  -4.624  -1.246  1.00 21.12 ? 92  ASP A OD2 1 
ATOM   694 N  N   . CYS A 1 91  ? 6.289   -3.942  -2.891  1.00 16.05 ? 93  CYS A N   1 
ATOM   695 C  CA  . CYS A 1 91  ? 5.570   -2.704  -2.611  1.00 16.12 ? 93  CYS A CA  1 
ATOM   696 C  C   . CYS A 1 91  ? 4.371   -3.005  -1.727  1.00 15.96 ? 93  CYS A C   1 
ATOM   697 O  O   . CYS A 1 91  ? 4.173   -2.362  -0.697  1.00 16.28 ? 93  CYS A O   1 
ATOM   698 C  CB  . CYS A 1 91  ? 5.074   -2.051  -3.902  1.00 16.12 ? 93  CYS A CB  1 
ATOM   699 S  SG  . CYS A 1 91  ? 6.356   -1.475  -5.020  1.00 17.60 ? 93  CYS A SG  1 
ATOM   700 N  N   . ASP A 1 92  ? 3.599   -4.011  -2.139  1.00 15.68 ? 94  ASP A N   1 
ATOM   701 C  CA  . ASP A 1 92  ? 2.337   -4.390  -1.515  1.00 15.27 ? 94  ASP A CA  1 
ATOM   702 C  C   . ASP A 1 92  ? 2.510   -5.011  -0.135  1.00 15.61 ? 94  ASP A C   1 
ATOM   703 O  O   . ASP A 1 92  ? 1.799   -4.633  0.801   1.00 15.76 ? 94  ASP A O   1 
ATOM   704 C  CB  . ASP A 1 92  ? 1.565   -5.352  -2.433  1.00 14.99 ? 94  ASP A CB  1 
ATOM   705 C  CG  . ASP A 1 92  ? 0.982   -4.663  -3.649  1.00 14.04 ? 94  ASP A CG  1 
ATOM   706 O  OD1 . ASP A 1 92  ? 1.086   -3.427  -3.742  1.00 13.05 ? 94  ASP A OD1 1 
ATOM   707 O  OD2 . ASP A 1 92  ? 0.411   -5.356  -4.517  1.00 13.89 ? 94  ASP A OD2 1 
ATOM   708 N  N   . ARG A 1 93  ? 3.430   -5.981  -0.028  1.00 15.72 ? 95  ARG A N   1 
ATOM   709 C  CA  . ARG A 1 93  ? 3.786   -6.608  1.250   1.00 15.81 ? 95  ARG A CA  1 
ATOM   710 C  C   . ARG A 1 93  ? 4.274   -5.584  2.270   1.00 15.98 ? 95  ARG A C   1 
ATOM   711 O  O   . ARG A 1 93  ? 3.887   -5.636  3.444   1.00 16.07 ? 95  ARG A O   1 
ATOM   712 C  CB  . ARG A 1 93  ? 4.854   -7.694  1.059   1.00 15.73 ? 95  ARG A CB  1 
ATOM   713 C  CG  . ARG A 1 93  ? 5.420   -8.223  2.372   1.00 15.95 ? 95  ARG A CG  1 
ATOM   714 C  CD  . ARG A 1 93  ? 6.412   -9.357  2.175   1.00 16.13 ? 95  ARG A CD  1 
ATOM   715 N  NE  . ARG A 1 93  ? 6.571   -10.129 3.405   1.00 15.95 ? 95  ARG A NE  1 
ATOM   716 C  CZ  . ARG A 1 93  ? 7.470   -9.864  4.353   1.00 16.55 ? 95  ARG A CZ  1 
ATOM   717 N  NH1 . ARG A 1 93  ? 8.315   -8.848  4.214   1.00 15.73 ? 95  ARG A NH1 1 
ATOM   718 N  NH2 . ARG A 1 93  ? 7.525   -10.621 5.443   1.00 15.05 ? 95  ARG A NH2 1 
ATOM   719 N  N   . THR A 1 94  ? 5.124   -4.661  1.818   1.00 15.81 ? 96  THR A N   1 
ATOM   720 C  CA  . THR A 1 94  ? 5.669   -3.624  2.690   1.00 15.96 ? 96  THR A CA  1 
ATOM   721 C  C   . THR A 1 94  ? 4.544   -2.797  3.294   1.00 15.84 ? 96  THR A C   1 
ATOM   722 O  O   . THR A 1 94  ? 4.527   -2.569  4.502   1.00 16.12 ? 96  THR A O   1 
ATOM   723 C  CB  . THR A 1 94  ? 6.662   -2.707  1.934   1.00 16.03 ? 96  THR A CB  1 
ATOM   724 O  OG1 . THR A 1 94  ? 7.731   -3.503  1.411   1.00 16.42 ? 96  THR A OG1 1 
ATOM   725 C  CG2 . THR A 1 94  ? 7.236   -1.627  2.853   1.00 15.53 ? 96  THR A CG2 1 
ATOM   726 N  N   . ALA A 1 95  ? 3.604   -2.380  2.446   1.00 15.52 ? 97  ALA A N   1 
ATOM   727 C  CA  . ALA A 1 95  ? 2.474   -1.551  2.854   1.00 15.27 ? 97  ALA A CA  1 
ATOM   728 C  C   . ALA A 1 95  ? 1.465   -2.282  3.761   1.00 15.06 ? 97  ALA A C   1 
ATOM   729 O  O   . ALA A 1 95  ? 1.087   -1.758  4.793   1.00 14.94 ? 97  ALA A O   1 
ATOM   730 C  CB  . ALA A 1 95  ? 1.790   -0.970  1.632   1.00 15.39 ? 97  ALA A CB  1 
ATOM   731 N  N   . ALA A 1 96  ? 1.046   -3.487  3.381   1.00 15.00 ? 98  ALA A N   1 
ATOM   732 C  CA  . ALA A 1 96  ? 0.179   -4.312  4.220   1.00 14.91 ? 98  ALA A CA  1 
ATOM   733 C  C   . ALA A 1 96  ? 0.729   -4.462  5.632   1.00 15.13 ? 98  ALA A C   1 
ATOM   734 O  O   . ALA A 1 96  ? -0.014  -4.282  6.591   1.00 15.41 ? 98  ALA A O   1 
ATOM   735 C  CB  . ALA A 1 96  ? -0.034  -5.671  3.587   1.00 14.98 ? 98  ALA A CB  1 
ATOM   736 N  N   . ILE A 1 97  ? 2.022   -4.781  5.760   1.00 15.37 ? 99  ILE A N   1 
ATOM   737 C  CA  . ILE A 1 97  ? 2.693   -4.820  7.073   1.00 15.75 ? 99  ILE A CA  1 
ATOM   738 C  C   . ILE A 1 97  ? 2.762   -3.425  7.723   1.00 16.03 ? 99  ILE A C   1 
ATOM   739 O  O   . ILE A 1 97  ? 2.431   -3.276  8.898   1.00 16.36 ? 99  ILE A O   1 
ATOM   740 C  CB  . ILE A 1 97  ? 4.110   -5.469  7.022   1.00 15.65 ? 99  ILE A CB  1 
ATOM   741 C  CG1 . ILE A 1 97  ? 4.031   -6.922  6.564   1.00 15.23 ? 99  ILE A CG1 1 
ATOM   742 C  CG2 . ILE A 1 97  ? 4.777   -5.442  8.408   1.00 16.20 ? 99  ILE A CG2 1 
ATOM   743 C  CD1 . ILE A 1 97  ? 5.335   -7.463  6.024   1.00 14.65 ? 99  ILE A CD1 1 
ATOM   744 N  N   . CYS A 1 98  ? 3.171   -2.412  6.959   1.00 16.31 ? 100 CYS A N   1 
ATOM   745 C  CA  . CYS A 1 98  ? 3.201   -1.035  7.453   1.00 16.60 ? 100 CYS A CA  1 
ATOM   746 C  C   . CYS A 1 98  ? 1.852   -0.585  7.998   1.00 16.96 ? 100 CYS A C   1 
ATOM   747 O  O   . CYS A 1 98  ? 1.805   0.078   9.033   1.00 17.26 ? 100 CYS A O   1 
ATOM   748 C  CB  . CYS A 1 98  ? 3.643   -0.066  6.362   1.00 16.58 ? 100 CYS A CB  1 
ATOM   749 S  SG  . CYS A 1 98  ? 4.171   1.561   6.971   1.00 16.41 ? 100 CYS A SG  1 
ATOM   750 N  N   . PHE A 1 99  ? 0.770   -0.940  7.297   1.00 17.15 ? 101 PHE A N   1 
ATOM   751 C  CA  . PHE A 1 99  ? -0.601  -0.592  7.695   1.00 17.26 ? 101 PHE A CA  1 
ATOM   752 C  C   . PHE A 1 99  ? -0.997  -1.265  9.010   1.00 17.82 ? 101 PHE A C   1 
ATOM   753 O  O   . PHE A 1 99  ? -1.681  -0.662  9.845   1.00 17.97 ? 101 PHE A O   1 
ATOM   754 C  CB  . PHE A 1 99  ? -1.624  -1.030  6.633   1.00 17.06 ? 101 PHE A CB  1 
ATOM   755 C  CG  . PHE A 1 99  ? -1.605  -0.227  5.348   1.00 16.25 ? 101 PHE A CG  1 
ATOM   756 C  CD1 . PHE A 1 99  ? -0.763  0.859   5.170   1.00 15.64 ? 101 PHE A CD1 1 
ATOM   757 C  CD2 . PHE A 1 99  ? -2.483  -0.555  4.324   1.00 15.58 ? 101 PHE A CD2 1 
ATOM   758 C  CE1 . PHE A 1 99  ? -0.776  1.577   3.986   1.00 15.59 ? 101 PHE A CE1 1 
ATOM   759 C  CE2 . PHE A 1 99  ? -2.508  0.162   3.142   1.00 15.47 ? 101 PHE A CE2 1 
ATOM   760 C  CZ  . PHE A 1 99  ? -1.648  1.228   2.972   1.00 15.82 ? 101 PHE A CZ  1 
ATOM   761 N  N   . ALA A 1 100 ? -0.583  -2.522  9.172   1.00 18.29 ? 102 ALA A N   1 
ATOM   762 C  CA  . ALA A 1 100 ? -0.951  -3.332  10.331  1.00 18.70 ? 102 ALA A CA  1 
ATOM   763 C  C   . ALA A 1 100 ? -0.272  -2.871  11.613  1.00 19.07 ? 102 ALA A C   1 
ATOM   764 O  O   . ALA A 1 100 ? -0.877  -2.916  12.685  1.00 19.58 ? 102 ALA A O   1 
ATOM   765 C  CB  . ALA A 1 100 ? -0.639  -4.790  10.076  1.00 18.63 ? 102 ALA A CB  1 
ATOM   766 N  N   . SER A 1 101 ? 0.979   -2.430  11.503  1.00 19.31 ? 103 SER A N   1 
ATOM   767 C  CA  . SER A 1 101 ? 1.774   -2.022  12.667  1.00 19.47 ? 103 SER A CA  1 
ATOM   768 C  C   . SER A 1 101 ? 1.535   -0.565  13.070  1.00 19.61 ? 103 SER A C   1 
ATOM   769 O  O   . SER A 1 101 ? 1.858   -0.171  14.196  1.00 19.58 ? 103 SER A O   1 
ATOM   770 C  CB  . SER A 1 101 ? 3.271   -2.258  12.409  1.00 19.56 ? 103 SER A CB  1 
ATOM   771 O  OG  . SER A 1 101 ? 3.524   -3.575  11.929  1.00 19.37 ? 103 SER A OG  1 
ATOM   772 N  N   . ALA A 1 102 ? 0.973   0.220   12.144  1.00 19.65 ? 104 ALA A N   1 
ATOM   773 C  CA  . ALA A 1 102 ? 0.756   1.658   12.325  1.00 19.64 ? 104 ALA A CA  1 
ATOM   774 C  C   . ALA A 1 102 ? -0.555  1.965   13.035  1.00 19.70 ? 104 ALA A C   1 
ATOM   775 O  O   . ALA A 1 102 ? -1.580  1.337   12.742  1.00 20.15 ? 104 ALA A O   1 
ATOM   776 C  CB  . ALA A 1 102 ? 0.786   2.379   10.984  1.00 19.61 ? 104 ALA A CB  1 
ATOM   777 N  N   . PRO A 1 103 ? -0.530  2.935   13.972  1.00 19.41 ? 105 PRO A N   1 
ATOM   778 C  CA  . PRO A 1 103 ? -1.772  3.381   14.603  1.00 19.15 ? 105 PRO A CA  1 
ATOM   779 C  C   . PRO A 1 103 ? -2.723  4.076   13.625  1.00 18.87 ? 105 PRO A C   1 
ATOM   780 O  O   . PRO A 1 103 ? -2.295  4.824   12.743  1.00 18.64 ? 105 PRO A O   1 
ATOM   781 C  CB  . PRO A 1 103 ? -1.297  4.346   15.699  1.00 18.97 ? 105 PRO A CB  1 
ATOM   782 C  CG  . PRO A 1 103 ? 0.080   4.725   15.333  1.00 19.12 ? 105 PRO A CG  1 
ATOM   783 C  CD  . PRO A 1 103 ? 0.656   3.628   14.510  1.00 19.34 ? 105 PRO A CD  1 
ATOM   784 N  N   . TYR A 1 104 ? -4.011  3.803   13.798  1.00 18.73 ? 106 TYR A N   1 
ATOM   785 C  CA  . TYR A 1 104 ? -5.061  4.371   12.973  1.00 18.78 ? 106 TYR A CA  1 
ATOM   786 C  C   . TYR A 1 104 ? -5.695  5.520   13.737  1.00 18.89 ? 106 TYR A C   1 
ATOM   787 O  O   . TYR A 1 104 ? -6.460  5.300   14.678  1.00 19.14 ? 106 TYR A O   1 
ATOM   788 C  CB  . TYR A 1 104 ? -6.106  3.300   12.655  1.00 18.69 ? 106 TYR A CB  1 
ATOM   789 C  CG  . TYR A 1 104 ? -7.076  3.645   11.546  1.00 18.73 ? 106 TYR A CG  1 
ATOM   790 C  CD1 . TYR A 1 104 ? -8.256  4.335   11.819  1.00 19.00 ? 106 TYR A CD1 1 
ATOM   791 C  CD2 . TYR A 1 104 ? -6.831  3.256   10.230  1.00 18.69 ? 106 TYR A CD2 1 
ATOM   792 C  CE1 . TYR A 1 104 ? -9.163  4.641   10.807  1.00 18.98 ? 106 TYR A CE1 1 
ATOM   793 C  CE2 . TYR A 1 104 ? -7.735  3.562   9.204   1.00 18.69 ? 106 TYR A CE2 1 
ATOM   794 C  CZ  . TYR A 1 104 ? -8.901  4.253   9.504   1.00 18.81 ? 106 TYR A CZ  1 
ATOM   795 O  OH  . TYR A 1 104 ? -9.809  4.568   8.509   1.00 18.61 ? 106 TYR A OH  1 
ATOM   796 N  N   . ASN A 1 105 ? -5.349  6.742   13.341  1.00 19.07 ? 107 ASN A N   1 
ATOM   797 C  CA  . ASN A 1 105 ? -5.926  7.947   13.922  1.00 19.16 ? 107 ASN A CA  1 
ATOM   798 C  C   . ASN A 1 105 ? -7.179  8.347   13.163  1.00 19.30 ? 107 ASN A C   1 
ATOM   799 O  O   . ASN A 1 105 ? -7.101  8.933   12.070  1.00 19.28 ? 107 ASN A O   1 
ATOM   800 C  CB  . ASN A 1 105 ? -4.914  9.091   13.921  1.00 19.28 ? 107 ASN A CB  1 
ATOM   801 C  CG  . ASN A 1 105 ? -3.653  8.747   14.682  1.00 20.25 ? 107 ASN A CG  1 
ATOM   802 O  OD1 . ASN A 1 105 ? -3.697  8.469   15.883  1.00 21.19 ? 107 ASN A OD1 1 
ATOM   803 N  ND2 . ASN A 1 105 ? -2.514  8.760   13.985  1.00 20.44 ? 107 ASN A ND2 1 
ATOM   804 N  N   . ILE A 1 106 ? -8.330  8.013   13.749  1.00 19.25 ? 108 ILE A N   1 
ATOM   805 C  CA  . ILE A 1 106 ? -9.636  8.288   13.153  1.00 19.26 ? 108 ILE A CA  1 
ATOM   806 C  C   . ILE A 1 106 ? -9.797  9.787   12.923  1.00 19.47 ? 108 ILE A C   1 
ATOM   807 O  O   . ILE A 1 106 ? -10.598 10.238  12.108  1.00 19.56 ? 108 ILE A O   1 
ATOM   808 C  CB  . ILE A 1 106 ? -10.799 7.703   14.010  1.00 19.34 ? 108 ILE A CB  1 
ATOM   809 C  CG1 . ILE A 1 106 ? -10.812 8.292   15.430  1.00 19.25 ? 108 ILE A CG1 1 
ATOM   810 C  CG2 . ILE A 1 106 ? -10.710 6.173   14.056  1.00 19.35 ? 108 ILE A CG2 1 
ATOM   811 C  CD1 . ILE A 1 106 ? -12.031 7.903   16.269  1.00 19.03 ? 108 ILE A CD1 1 
ATOM   812 N  N   . ASN A 1 107 ? -8.989  10.541  13.652  1.00 19.75 ? 109 ASN A N   1 
ATOM   813 C  CA  . ASN A 1 107 ? -8.924  11.984  13.547  1.00 20.07 ? 109 ASN A CA  1 
ATOM   814 C  C   . ASN A 1 107 ? -8.355  12.420  12.177  1.00 20.09 ? 109 ASN A C   1 
ATOM   815 O  O   . ASN A 1 107 ? -8.519  13.574  11.761  1.00 19.62 ? 109 ASN A O   1 
ATOM   816 C  CB  . ASN A 1 107 ? -8.060  12.533  14.701  1.00 20.58 ? 109 ASN A CB  1 
ATOM   817 C  CG  . ASN A 1 107 ? -8.122  11.655  15.986  1.00 21.13 ? 109 ASN A CG  1 
ATOM   818 O  OD1 . ASN A 1 107 ? -7.331  10.720  16.159  1.00 20.07 ? 109 ASN A OD1 1 
ATOM   819 N  ND2 . ASN A 1 107 ? -9.051  11.984  16.890  1.00 21.87 ? 109 ASN A ND2 1 
ATOM   820 N  N   . ASN A 1 108 ? -7.704  11.479  11.487  1.00 19.93 ? 110 ASN A N   1 
ATOM   821 C  CA  . ASN A 1 108 ? -7.024  11.745  10.212  1.00 19.94 ? 110 ASN A CA  1 
ATOM   822 C  C   . ASN A 1 108 ? -7.670  11.123  8.966   1.00 20.06 ? 110 ASN A C   1 
ATOM   823 O  O   . ASN A 1 108 ? -7.092  11.152  7.880   1.00 19.66 ? 110 ASN A O   1 
ATOM   824 C  CB  . ASN A 1 108 ? -5.539  11.358  10.296  1.00 19.72 ? 110 ASN A CB  1 
ATOM   825 C  CG  . ASN A 1 108 ? -4.758  12.260  11.224  1.00 18.84 ? 110 ASN A CG  1 
ATOM   826 O  OD1 . ASN A 1 108 ? -5.084  13.433  11.383  1.00 17.92 ? 110 ASN A OD1 1 
ATOM   827 N  ND2 . ASN A 1 108 ? -3.721  11.717  11.842  1.00 17.58 ? 110 ASN A ND2 1 
ATOM   828 N  N   . ILE A 1 109 ? -8.858  10.551  9.142   1.00 20.66 ? 111 ILE A N   1 
ATOM   829 C  CA  . ILE A 1 109 ? -9.731  10.218  8.032   1.00 21.43 ? 111 ILE A CA  1 
ATOM   830 C  C   . ILE A 1 109 ? -10.404 11.522  7.648   1.00 22.16 ? 111 ILE A C   1 
ATOM   831 O  O   . ILE A 1 109 ? -10.785 12.305  8.529   1.00 22.27 ? 111 ILE A O   1 
ATOM   832 C  CB  . ILE A 1 109 ? -10.860 9.233   8.433   1.00 21.34 ? 111 ILE A CB  1 
ATOM   833 C  CG1 . ILE A 1 109 ? -10.329 8.039   9.232   1.00 21.29 ? 111 ILE A CG1 1 
ATOM   834 C  CG2 . ILE A 1 109 ? -11.637 8.768   7.202   1.00 21.02 ? 111 ILE A CG2 1 
ATOM   835 C  CD1 . ILE A 1 109 ? -11.416 7.366   10.085  1.00 21.59 ? 111 ILE A CD1 1 
ATOM   836 N  N   . MET A 1 110 ? -10.542 11.755  6.343   1.00 22.91 ? 112 MET A N   1 
ATOM   837 C  CA  . MET A 1 110 ? -11.270 12.918  5.821   1.00 23.64 ? 112 MET A CA  1 
ATOM   838 C  C   . MET A 1 110 ? -10.628 14.243  6.237   1.00 23.99 ? 112 MET A C   1 
ATOM   839 O  O   . MET A 1 110 ? -11.201 15.005  7.020   1.00 24.18 ? 112 MET A O   1 
ATOM   840 C  CB  . MET A 1 110 ? -12.748 12.867  6.234   1.00 23.68 ? 112 MET A CB  1 
ATOM   841 C  CG  . MET A 1 110 ? -13.511 11.653  5.698   1.00 23.77 ? 112 MET A CG  1 
ATOM   842 S  SD  . MET A 1 110 ? -15.293 11.799  5.915   1.00 23.92 ? 112 MET A SD  1 
ATOM   843 C  CE  . MET A 1 110 ? -15.493 11.254  7.613   1.00 23.37 ? 112 MET A CE  1 
ATOM   844 N  N   . ILE A 1 111 ? -9.429  14.490  5.711   1.00 24.47 ? 113 ILE A N   1 
ATOM   845 C  CA  . ILE A 1 111 ? -8.666  15.716  5.964   1.00 24.77 ? 113 ILE A CA  1 
ATOM   846 C  C   . ILE A 1 111 ? -8.020  16.272  4.683   1.00 25.53 ? 113 ILE A C   1 
ATOM   847 O  O   . ILE A 1 111 ? -7.467  17.378  4.692   1.00 25.47 ? 113 ILE A O   1 
ATOM   848 C  CB  . ILE A 1 111 ? -7.552  15.505  7.030   1.00 24.60 ? 113 ILE A CB  1 
ATOM   849 C  CG1 . ILE A 1 111 ? -6.668  14.307  6.663   1.00 24.14 ? 113 ILE A CG1 1 
ATOM   850 C  CG2 . ILE A 1 111 ? -8.151  15.350  8.424   1.00 24.23 ? 113 ILE A CG2 1 
ATOM   851 C  CD1 . ILE A 1 111 ? -5.266  14.388  7.202   1.00 23.18 ? 113 ILE A CD1 1 
ATOM   852 N  N   . SER A 1 112 ? -8.093  15.507  3.591   1.00 26.26 ? 114 SER A N   1 
ATOM   853 C  CA  . SER A 1 112 ? -7.410  15.852  2.324   1.00 27.29 ? 114 SER A CA  1 
ATOM   854 C  C   . SER A 1 112 ? -7.680  17.279  1.802   1.00 27.82 ? 114 SER A C   1 
ATOM   855 O  O   . SER A 1 112 ? -6.832  17.880  1.135   1.00 28.05 ? 114 SER A O   1 
ATOM   856 C  CB  . SER A 1 112 ? -7.729  14.816  1.236   1.00 27.04 ? 114 SER A CB  1 
ATOM   857 O  OG  . SER A 1 112 ? -9.097  14.872  0.868   1.00 27.28 ? 114 SER A OG  1 
ATOM   858 N  N   . ALA A 1 113 ? -8.860  17.806  2.117   1.00 28.41 ? 115 ALA A N   1 
ATOM   859 C  CA  . ALA A 1 113 ? -9.235  19.152  1.727   1.00 28.80 ? 115 ALA A CA  1 
ATOM   860 C  C   . ALA A 1 113 ? -8.969  20.191  2.819   1.00 29.31 ? 115 ALA A C   1 
ATOM   861 O  O   . ALA A 1 113 ? -9.258  21.373  2.621   1.00 29.65 ? 115 ALA A O   1 
ATOM   862 C  CB  . ALA A 1 113 ? -10.686 19.183  1.306   1.00 28.76 ? 115 ALA A CB  1 
ATOM   863 N  N   . SER A 1 114 ? -8.423  19.768  3.960   1.00 29.81 ? 116 SER A N   1 
ATOM   864 C  CA  . SER A 1 114 ? -8.083  20.711  5.041   1.00 30.24 ? 116 SER A CA  1 
ATOM   865 C  C   . SER A 1 114 ? -6.655  21.257  4.908   1.00 30.51 ? 116 SER A C   1 
ATOM   866 O  O   . SER A 1 114 ? -5.899  20.847  4.018   1.00 30.53 ? 116 SER A O   1 
ATOM   867 C  CB  . SER A 1 114 ? -8.307  20.097  6.434   1.00 30.22 ? 116 SER A CB  1 
ATOM   868 O  OG  . SER A 1 114 ? -7.184  19.350  6.878   1.00 30.13 ? 116 SER A OG  1 
ATOM   869 N  N   . ASN A 1 115 ? -6.296  22.173  5.807   1.00 30.74 ? 117 ASN A N   1 
ATOM   870 C  CA  . ASN A 1 115 ? -5.009  22.868  5.758   1.00 30.96 ? 117 ASN A CA  1 
ATOM   871 C  C   . ASN A 1 115 ? -3.781  22.001  6.070   1.00 30.70 ? 117 ASN A C   1 
ATOM   872 O  O   . ASN A 1 115 ? -2.648  22.492  6.027   1.00 30.81 ? 117 ASN A O   1 
ATOM   873 C  CB  . ASN A 1 115 ? -5.041  24.095  6.674   1.00 31.23 ? 117 ASN A CB  1 
ATOM   874 C  CG  . ASN A 1 115 ? -5.288  23.735  8.136   1.00 32.69 ? 117 ASN A CG  1 
ATOM   875 O  OD1 . ASN A 1 115 ? -4.351  23.448  8.889   1.00 34.28 ? 117 ASN A OD1 1 
ATOM   876 N  ND2 . ASN A 1 115 ? -6.555  23.763  8.546   1.00 34.12 ? 117 ASN A ND2 1 
ATOM   877 N  N   . SER A 1 116 ? -4.013  20.721  6.374   1.00 30.22 ? 118 SER A N   1 
ATOM   878 C  CA  . SER A 1 116 ? -2.943  19.786  6.734   1.00 29.81 ? 118 SER A CA  1 
ATOM   879 C  C   . SER A 1 116 ? -2.324  19.064  5.540   1.00 29.50 ? 118 SER A C   1 
ATOM   880 O  O   . SER A 1 116 ? -1.154  18.657  5.593   1.00 29.63 ? 118 SER A O   1 
ATOM   881 C  CB  . SER A 1 116 ? -3.428  18.774  7.773   1.00 29.88 ? 118 SER A CB  1 
ATOM   882 O  OG  . SER A 1 116 ? -4.677  18.216  7.405   1.00 30.64 ? 118 SER A OG  1 
ATOM   883 N  N   . CYS A 1 117 ? -3.098  18.906  4.468   1.00 29.02 ? 119 CYS A N   1 
ATOM   884 C  CA  . CYS A 1 117 ? -2.580  18.309  3.234   1.00 28.44 ? 119 CYS A CA  1 
ATOM   885 C  C   . CYS A 1 117 ? -2.131  19.390  2.254   1.00 29.08 ? 119 CYS A C   1 
ATOM   886 O  O   . CYS A 1 117 ? -2.032  19.162  1.039   1.00 29.04 ? 119 CYS A O   1 
ATOM   887 C  CB  . CYS A 1 117 ? -3.617  17.375  2.614   1.00 28.14 ? 119 CYS A CB  1 
ATOM   888 S  SG  . CYS A 1 117 ? -4.070  16.021  3.704   1.00 24.96 ? 119 CYS A SG  1 
ATOM   889 N  N   . GLN A 1 118 ? -1.839  20.564  2.817   1.00 29.76 ? 120 GLN A N   1 
ATOM   890 C  CA  . GLN A 1 118 ? -1.443  21.752  2.073   1.00 30.35 ? 120 GLN A CA  1 
ATOM   891 C  C   . GLN A 1 118 ? 0.078   21.883  2.051   1.00 30.54 ? 120 GLN A C   1 
ATOM   892 O  O   . GLN A 1 118 ? 0.733   21.489  1.083   1.00 30.78 ? 120 GLN A O   1 
ATOM   893 C  CB  . GLN A 1 118 ? -2.060  22.992  2.723   1.00 30.53 ? 120 GLN A CB  1 
ATOM   894 C  CG  . GLN A 1 118 ? -2.460  24.083  1.746   1.00 31.32 ? 120 GLN A CG  1 
ATOM   895 C  CD  . GLN A 1 118 ? -3.725  23.754  0.960   1.00 32.16 ? 120 GLN A CD  1 
ATOM   896 O  OE1 . GLN A 1 118 ? -4.783  23.488  1.534   1.00 32.96 ? 120 GLN A OE1 1 
ATOM   897 N  NE2 . GLN A 1 118 ? -3.618  23.782  -0.360  1.00 31.97 ? 120 GLN A NE2 1 
HETATM 898 CL CL  . CL  B 2 .   ? 14.695  4.991   -13.315 1.00 16.17 ? 1   CL  A CL  1 
HETATM 899 CL CL  . CL  C 2 .   ? 6.641   -1.542  -20.798 1.00 16.89 ? 2   CL  A CL  1 
HETATM 900 CL CL  . CL  D 2 .   ? -1.331  8.993   -9.059  0.50 40.68 ? 121 CL  A CL  1 
HETATM 901 O  O   . HOH E 3 .   ? 0.137   -4.999  -7.212  1.00 11.13 ? 122 HOH A O   1 
HETATM 902 O  O   . HOH E 3 .   ? -8.523  -5.902  2.540   1.00 8.83  ? 123 HOH A O   1 
HETATM 903 O  O   . HOH E 3 .   ? -2.662  -4.523  6.954   1.00 7.04  ? 124 HOH A O   1 
HETATM 904 O  O   . HOH E 3 .   ? -4.685  -3.510  8.229   1.00 10.65 ? 125 HOH A O   1 
HETATM 905 O  O   . HOH E 3 .   ? -8.054  -9.295  8.653   1.00 25.33 ? 126 HOH A O   1 
HETATM 906 O  O   . HOH E 3 .   ? -4.866  -10.907 10.024  1.00 19.43 ? 127 HOH A O   1 
HETATM 907 O  O   . HOH E 3 .   ? -11.886 -2.368  8.027   0.50 2.00  ? 128 HOH A O   1 
HETATM 908 O  O   . HOH E 3 .   ? 9.633   -19.678 -4.345  1.00 19.13 ? 129 HOH A O   1 
HETATM 909 O  O   . HOH E 3 .   ? 5.203   12.722  7.906   1.00 12.59 ? 130 HOH A O   1 
HETATM 910 O  O   . HOH E 3 .   ? -0.431  6.600   12.058  1.00 12.10 ? 131 HOH A O   1 
HETATM 911 O  O   . HOH E 3 .   ? 1.242   7.853   14.322  1.00 10.07 ? 132 HOH A O   1 
HETATM 912 O  O   . HOH E 3 .   ? 4.570   1.490   2.562   1.00 10.19 ? 133 HOH A O   1 
HETATM 913 O  O   . HOH E 3 .   ? -10.706 13.104  1.302   1.00 33.28 ? 134 HOH A O   1 
HETATM 914 O  O   . HOH E 3 .   ? 6.395   -8.722  -16.964 1.00 15.16 ? 135 HOH A O   1 
HETATM 915 O  O   . HOH E 3 .   ? 2.187   -6.090  -16.156 1.00 13.67 ? 136 HOH A O   1 
HETATM 916 O  O   . HOH E 3 .   ? 0.816   -8.598  -16.459 1.00 25.93 ? 137 HOH A O   1 
HETATM 917 O  O   . HOH E 3 .   ? -0.031  -10.597 -14.917 1.00 11.75 ? 138 HOH A O   1 
HETATM 918 O  O   . HOH E 3 .   ? 6.536   -12.301 -5.502  1.00 4.50  ? 139 HOH A O   1 
HETATM 919 O  O   . HOH E 3 .   ? 8.814   -12.191 1.395   1.00 9.85  ? 140 HOH A O   1 
HETATM 920 O  O   . HOH E 3 .   ? 3.910   0.844   10.655  1.00 8.39  ? 141 HOH A O   1 
HETATM 921 O  O   . HOH E 3 .   ? 2.797   -0.647  -19.370 1.00 11.79 ? 142 HOH A O   1 
HETATM 922 O  O   . HOH E 3 .   ? -8.575  12.547  4.175   1.00 12.14 ? 143 HOH A O   1 
HETATM 923 O  O   . HOH E 3 .   ? -13.809 4.732   5.501   0.50 32.53 ? 144 HOH A O   1 
HETATM 924 O  O   . HOH E 3 .   ? 6.026   -10.392 -18.964 1.00 24.48 ? 145 HOH A O   1 
HETATM 925 O  O   . HOH E 3 .   ? 9.683   -3.308  -4.255  1.00 15.38 ? 146 HOH A O   1 
HETATM 926 O  O   . HOH E 3 .   ? 10.882  -12.049 -3.055  1.00 17.78 ? 147 HOH A O   1 
HETATM 927 O  O   . HOH E 3 .   ? 9.796   -9.942  -3.431  1.00 16.20 ? 148 HOH A O   1 
HETATM 928 O  O   . HOH E 3 .   ? 9.563   -15.182 -10.443 1.00 20.22 ? 149 HOH A O   1 
HETATM 929 O  O   . HOH E 3 .   ? -2.683  -16.630 -2.040  1.00 18.40 ? 150 HOH A O   1 
HETATM 930 O  O   . HOH E 3 .   ? 8.535   -14.782 3.575   1.00 18.31 ? 151 HOH A O   1 
HETATM 931 O  O   . HOH E 3 .   ? -3.214  -14.222 -5.721  1.00 17.78 ? 152 HOH A O   1 
HETATM 932 O  O   . HOH E 3 .   ? 5.294   0.242   0.038   1.00 13.33 ? 153 HOH A O   1 
# 
